data_3I4P
# 
_entry.id   3I4P 
# 
_audit.revision_id     1 
_audit.creation_date   2009-06-25 
_audit.update_record   'initial release' 
# 
_audit_conform.dict_name       mmcif_pdbx.dic 
_audit_conform.dict_version    5.397 
_audit_conform.dict_location   http://mmcif.pdb.org/dictionaries/ascii/mmcif_pdbx.dic 
# 
loop_
_database_2.database_id 
_database_2.database_code 
_database_2.pdbx_database_accession 
_database_2.pdbx_DOI 
PDB   3I4P         pdb_00003i4p 10.2210/pdb3i4p/pdb 
RCSB  RCSB053960   ?            ?                   
WWPDB D_1000053960 ?            ?                   
# 
loop_
_pdbx_audit_revision_history.ordinal 
_pdbx_audit_revision_history.data_content_type 
_pdbx_audit_revision_history.major_revision 
_pdbx_audit_revision_history.minor_revision 
_pdbx_audit_revision_history.revision_date 
1 'Structure model' 1 0 2009-07-28 
2 'Structure model' 1 1 2011-07-13 
3 'Structure model' 1 2 2022-04-13 
4 'Structure model' 1 3 2024-10-16 
# 
_pdbx_audit_revision_details.ordinal             1 
_pdbx_audit_revision_details.revision_ordinal    1 
_pdbx_audit_revision_details.data_content_type   'Structure model' 
_pdbx_audit_revision_details.provider            repository 
_pdbx_audit_revision_details.type                'Initial release' 
_pdbx_audit_revision_details.description         ? 
_pdbx_audit_revision_details.details             ? 
# 
loop_
_pdbx_audit_revision_group.ordinal 
_pdbx_audit_revision_group.revision_ordinal 
_pdbx_audit_revision_group.data_content_type 
_pdbx_audit_revision_group.group 
1 2 'Structure model' Advisory                    
2 2 'Structure model' 'Version format compliance' 
3 3 'Structure model' 'Database references'       
4 3 'Structure model' 'Derived calculations'      
5 3 'Structure model' 'Structure summary'         
6 4 'Structure model' 'Data collection'           
7 4 'Structure model' 'Structure summary'         
# 
loop_
_pdbx_audit_revision_category.ordinal 
_pdbx_audit_revision_category.revision_ordinal 
_pdbx_audit_revision_category.data_content_type 
_pdbx_audit_revision_category.category 
1  3 'Structure model' audit_author                 
2  3 'Structure model' citation_author              
3  3 'Structure model' database_2                   
4  3 'Structure model' pdbx_struct_conn_angle       
5  3 'Structure model' pdbx_struct_special_symmetry 
6  3 'Structure model' struct_conn                  
7  3 'Structure model' struct_site                  
8  4 'Structure model' chem_comp_atom               
9  4 'Structure model' chem_comp_bond               
10 4 'Structure model' pdbx_entry_details           
11 4 'Structure model' pdbx_modification_feature    
# 
loop_
_pdbx_audit_revision_item.ordinal 
_pdbx_audit_revision_item.revision_ordinal 
_pdbx_audit_revision_item.data_content_type 
_pdbx_audit_revision_item.item 
1  3 'Structure model' '_audit_author.identifier_ORCID'            
2  3 'Structure model' '_citation_author.identifier_ORCID'         
3  3 'Structure model' '_database_2.pdbx_DOI'                      
4  3 'Structure model' '_database_2.pdbx_database_accession'       
5  3 'Structure model' '_pdbx_struct_conn_angle.ptnr1_auth_seq_id' 
6  3 'Structure model' '_pdbx_struct_conn_angle.ptnr3_auth_seq_id' 
7  3 'Structure model' '_pdbx_struct_conn_angle.value'             
8  3 'Structure model' '_struct_conn.pdbx_dist_value'              
9  3 'Structure model' '_struct_conn.pdbx_leaving_atom_flag'       
10 3 'Structure model' '_struct_conn.ptnr2_auth_seq_id'            
11 3 'Structure model' '_struct_site.pdbx_auth_asym_id'            
12 3 'Structure model' '_struct_site.pdbx_auth_comp_id'            
13 3 'Structure model' '_struct_site.pdbx_auth_seq_id'             
# 
_pdbx_database_status.entry_id                        3I4P 
_pdbx_database_status.deposit_site                    RCSB 
_pdbx_database_status.process_site                    RCSB 
_pdbx_database_status.recvd_initial_deposition_date   2009-07-02 
_pdbx_database_status.status_code                     REL 
_pdbx_database_status.status_code_sf                  REL 
_pdbx_database_status.status_code_mr                  ? 
_pdbx_database_status.SG_entry                        Y 
_pdbx_database_status.pdb_format_compatible           Y 
_pdbx_database_status.status_code_cs                  ? 
_pdbx_database_status.status_code_nmr_data            ? 
_pdbx_database_status.methods_development_category    ? 
# 
_pdbx_database_related.db_name        TargetDB 
_pdbx_database_related.db_id          APC5879 
_pdbx_database_related.details        . 
_pdbx_database_related.content_type   unspecified 
# 
loop_
_audit_author.name 
_audit_author.pdbx_ordinal 
_audit_author.identifier_ORCID 
'Cymborowski, M.'                               1 ?                   
'Chruszcz, M.'                                  2 ?                   
'Luo, H.'                                       3 ?                   
'Xu, X.'                                        4 ?                   
'Savchenko, A.'                                 5 ?                   
'Edwards, A.'                                   6 ?                   
'Joachimiak, A.'                                7 ?                   
'Minor, W.'                                     8 0000-0001-7075-7090 
'Midwest Center for Structural Genomics (MCSG)' 9 ?                   
# 
_citation.id                        primary 
_citation.title                     'Crystal structure of AsnC family transcriptional regulator from Agrobacterium tumefaciens' 
_citation.journal_abbrev            'To be Published' 
_citation.journal_volume            ? 
_citation.page_first                ? 
_citation.page_last                 ? 
_citation.year                      ? 
_citation.journal_id_ASTM           ? 
_citation.country                   ? 
_citation.journal_id_ISSN           ? 
_citation.journal_id_CSD            0353 
_citation.book_publisher            ? 
_citation.pdbx_database_id_PubMed   ? 
_citation.pdbx_database_id_DOI      ? 
# 
loop_
_citation_author.citation_id 
_citation_author.name 
_citation_author.ordinal 
_citation_author.identifier_ORCID 
primary 'Cymborowski, M.' 1 ?                   
primary 'Chruszcz, M.'    2 ?                   
primary 'Luo, H.'         3 ?                   
primary 'Xu, X.'          4 ?                   
primary 'Savchenko, A.'   5 ?                   
primary 'Edwards, A.'     6 ?                   
primary 'Joachimiak, A.'  7 ?                   
primary 'Minor, W.'       8 0000-0001-7075-7090 
# 
loop_
_entity.id 
_entity.type 
_entity.src_method 
_entity.pdbx_description 
_entity.formula_weight 
_entity.pdbx_number_of_molecules 
_entity.pdbx_ec 
_entity.pdbx_mutation 
_entity.pdbx_fragment 
_entity.details 
1 polymer     man 'Transcriptional regulator, AsnC family' 19057.174 1   ? ? ? ? 
2 non-polymer syn 'CHLORIDE ION'                           35.453    5   ? ? ? ? 
3 non-polymer syn 'CALCIUM ION'                            40.078    1   ? ? ? ? 
4 non-polymer syn 'ACETATE ION'                            59.044    1   ? ? ? ? 
5 water       nat water                                    18.015    117 ? ? ? ? 
# 
_entity_poly.entity_id                      1 
_entity_poly.type                           'polypeptide(L)' 
_entity_poly.nstd_linkage                   no 
_entity_poly.nstd_monomer                   yes 
_entity_poly.pdbx_seq_one_letter_code       
;(MSE)DRLDRKILRILQEDSTLAVADLAKKVGLSTTPCWRRIQK(MSE)EEDGVIRRRVALLDPVKVNTKVTVFVSIRTA
SHSIEWLKRFSEVVSEFPEVVEFYR(MSE)SGDVDYLLRVVVPDIAAYDAFYKR(MSE)IAKIEIRDVSSAFA(MSE)EQ
IKYTTELPLDY(MSE)LLDNPKSGEE
;
_entity_poly.pdbx_seq_one_letter_code_can   
;MDRLDRKILRILQEDSTLAVADLAKKVGLSTTPCWRRIQKMEEDGVIRRRVALLDPVKVNTKVTVFVSIRTASHSIEWLK
RFSEVVSEFPEVVEFYRMSGDVDYLLRVVVPDIAAYDAFYKRMIAKIEIRDVSSAFAMEQIKYTTELPLDYMLLDNPKSG
EE
;
_entity_poly.pdbx_strand_id                 A 
_entity_poly.pdbx_target_identifier         APC5879 
# 
loop_
_pdbx_entity_nonpoly.entity_id 
_pdbx_entity_nonpoly.name 
_pdbx_entity_nonpoly.comp_id 
2 'CHLORIDE ION' CL  
3 'CALCIUM ION'  CA  
4 'ACETATE ION'  ACT 
5 water          HOH 
# 
loop_
_entity_poly_seq.entity_id 
_entity_poly_seq.num 
_entity_poly_seq.mon_id 
_entity_poly_seq.hetero 
1 1   MSE n 
1 2   ASP n 
1 3   ARG n 
1 4   LEU n 
1 5   ASP n 
1 6   ARG n 
1 7   LYS n 
1 8   ILE n 
1 9   LEU n 
1 10  ARG n 
1 11  ILE n 
1 12  LEU n 
1 13  GLN n 
1 14  GLU n 
1 15  ASP n 
1 16  SER n 
1 17  THR n 
1 18  LEU n 
1 19  ALA n 
1 20  VAL n 
1 21  ALA n 
1 22  ASP n 
1 23  LEU n 
1 24  ALA n 
1 25  LYS n 
1 26  LYS n 
1 27  VAL n 
1 28  GLY n 
1 29  LEU n 
1 30  SER n 
1 31  THR n 
1 32  THR n 
1 33  PRO n 
1 34  CYS n 
1 35  TRP n 
1 36  ARG n 
1 37  ARG n 
1 38  ILE n 
1 39  GLN n 
1 40  LYS n 
1 41  MSE n 
1 42  GLU n 
1 43  GLU n 
1 44  ASP n 
1 45  GLY n 
1 46  VAL n 
1 47  ILE n 
1 48  ARG n 
1 49  ARG n 
1 50  ARG n 
1 51  VAL n 
1 52  ALA n 
1 53  LEU n 
1 54  LEU n 
1 55  ASP n 
1 56  PRO n 
1 57  VAL n 
1 58  LYS n 
1 59  VAL n 
1 60  ASN n 
1 61  THR n 
1 62  LYS n 
1 63  VAL n 
1 64  THR n 
1 65  VAL n 
1 66  PHE n 
1 67  VAL n 
1 68  SER n 
1 69  ILE n 
1 70  ARG n 
1 71  THR n 
1 72  ALA n 
1 73  SER n 
1 74  HIS n 
1 75  SER n 
1 76  ILE n 
1 77  GLU n 
1 78  TRP n 
1 79  LEU n 
1 80  LYS n 
1 81  ARG n 
1 82  PHE n 
1 83  SER n 
1 84  GLU n 
1 85  VAL n 
1 86  VAL n 
1 87  SER n 
1 88  GLU n 
1 89  PHE n 
1 90  PRO n 
1 91  GLU n 
1 92  VAL n 
1 93  VAL n 
1 94  GLU n 
1 95  PHE n 
1 96  TYR n 
1 97  ARG n 
1 98  MSE n 
1 99  SER n 
1 100 GLY n 
1 101 ASP n 
1 102 VAL n 
1 103 ASP n 
1 104 TYR n 
1 105 LEU n 
1 106 LEU n 
1 107 ARG n 
1 108 VAL n 
1 109 VAL n 
1 110 VAL n 
1 111 PRO n 
1 112 ASP n 
1 113 ILE n 
1 114 ALA n 
1 115 ALA n 
1 116 TYR n 
1 117 ASP n 
1 118 ALA n 
1 119 PHE n 
1 120 TYR n 
1 121 LYS n 
1 122 ARG n 
1 123 MSE n 
1 124 ILE n 
1 125 ALA n 
1 126 LYS n 
1 127 ILE n 
1 128 GLU n 
1 129 ILE n 
1 130 ARG n 
1 131 ASP n 
1 132 VAL n 
1 133 SER n 
1 134 SER n 
1 135 ALA n 
1 136 PHE n 
1 137 ALA n 
1 138 MSE n 
1 139 GLU n 
1 140 GLN n 
1 141 ILE n 
1 142 LYS n 
1 143 TYR n 
1 144 THR n 
1 145 THR n 
1 146 GLU n 
1 147 LEU n 
1 148 PRO n 
1 149 LEU n 
1 150 ASP n 
1 151 TYR n 
1 152 MSE n 
1 153 LEU n 
1 154 LEU n 
1 155 ASP n 
1 156 ASN n 
1 157 PRO n 
1 158 LYS n 
1 159 SER n 
1 160 GLY n 
1 161 GLU n 
1 162 GLU n 
# 
_entity_src_gen.entity_id                          1 
_entity_src_gen.pdbx_src_id                        1 
_entity_src_gen.pdbx_alt_source_flag               sample 
_entity_src_gen.pdbx_seq_type                      ? 
_entity_src_gen.pdbx_beg_seq_num                   ? 
_entity_src_gen.pdbx_end_seq_num                   ? 
_entity_src_gen.gene_src_common_name               ? 
_entity_src_gen.gene_src_genus                     ? 
_entity_src_gen.pdbx_gene_src_gene                 'AGR_C_3460, Atu1885' 
_entity_src_gen.gene_src_species                   ? 
_entity_src_gen.gene_src_strain                    ? 
_entity_src_gen.gene_src_tissue                    ? 
_entity_src_gen.gene_src_tissue_fraction           ? 
_entity_src_gen.gene_src_details                   ? 
_entity_src_gen.pdbx_gene_src_fragment             ? 
_entity_src_gen.pdbx_gene_src_scientific_name      'Agrobacterium tumefaciens str. C58' 
_entity_src_gen.pdbx_gene_src_ncbi_taxonomy_id     176299 
_entity_src_gen.pdbx_gene_src_variant              ? 
_entity_src_gen.pdbx_gene_src_cell_line            ? 
_entity_src_gen.pdbx_gene_src_atcc                 ? 
_entity_src_gen.pdbx_gene_src_organ                ? 
_entity_src_gen.pdbx_gene_src_organelle            ? 
_entity_src_gen.pdbx_gene_src_cell                 ? 
_entity_src_gen.pdbx_gene_src_cellular_location    ? 
_entity_src_gen.host_org_common_name               ? 
_entity_src_gen.pdbx_host_org_scientific_name      'Escherichia coli BL21(DE3)' 
_entity_src_gen.pdbx_host_org_ncbi_taxonomy_id     469008 
_entity_src_gen.host_org_genus                     ? 
_entity_src_gen.pdbx_host_org_gene                 ? 
_entity_src_gen.pdbx_host_org_organ                ? 
_entity_src_gen.host_org_species                   ? 
_entity_src_gen.pdbx_host_org_tissue               ? 
_entity_src_gen.pdbx_host_org_tissue_fraction      ? 
_entity_src_gen.pdbx_host_org_strain               'BL21 DE3 GOLD MAGIC' 
_entity_src_gen.pdbx_host_org_variant              ? 
_entity_src_gen.pdbx_host_org_cell_line            ? 
_entity_src_gen.pdbx_host_org_atcc                 ? 
_entity_src_gen.pdbx_host_org_culture_collection   ? 
_entity_src_gen.pdbx_host_org_cell                 ? 
_entity_src_gen.pdbx_host_org_organelle            ? 
_entity_src_gen.pdbx_host_org_cellular_location    ? 
_entity_src_gen.pdbx_host_org_vector_type          PLASMID 
_entity_src_gen.pdbx_host_org_vector               ? 
_entity_src_gen.host_org_details                   ? 
_entity_src_gen.expression_system_id               ? 
_entity_src_gen.plasmid_name                       'P15TV LIC' 
_entity_src_gen.plasmid_details                    ? 
_entity_src_gen.pdbx_description                   ? 
# 
loop_
_chem_comp.id 
_chem_comp.type 
_chem_comp.mon_nstd_flag 
_chem_comp.name 
_chem_comp.pdbx_synonyms 
_chem_comp.formula 
_chem_comp.formula_weight 
ACT non-polymer         . 'ACETATE ION'    ? 'C2 H3 O2 -1'    59.044  
ALA 'L-peptide linking' y ALANINE          ? 'C3 H7 N O2'     89.093  
ARG 'L-peptide linking' y ARGININE         ? 'C6 H15 N4 O2 1' 175.209 
ASN 'L-peptide linking' y ASPARAGINE       ? 'C4 H8 N2 O3'    132.118 
ASP 'L-peptide linking' y 'ASPARTIC ACID'  ? 'C4 H7 N O4'     133.103 
CA  non-polymer         . 'CALCIUM ION'    ? 'Ca 2'           40.078  
CL  non-polymer         . 'CHLORIDE ION'   ? 'Cl -1'          35.453  
CYS 'L-peptide linking' y CYSTEINE         ? 'C3 H7 N O2 S'   121.158 
GLN 'L-peptide linking' y GLUTAMINE        ? 'C5 H10 N2 O3'   146.144 
GLU 'L-peptide linking' y 'GLUTAMIC ACID'  ? 'C5 H9 N O4'     147.129 
GLY 'peptide linking'   y GLYCINE          ? 'C2 H5 N O2'     75.067  
HIS 'L-peptide linking' y HISTIDINE        ? 'C6 H10 N3 O2 1' 156.162 
HOH non-polymer         . WATER            ? 'H2 O'           18.015  
ILE 'L-peptide linking' y ISOLEUCINE       ? 'C6 H13 N O2'    131.173 
LEU 'L-peptide linking' y LEUCINE          ? 'C6 H13 N O2'    131.173 
LYS 'L-peptide linking' y LYSINE           ? 'C6 H15 N2 O2 1' 147.195 
MSE 'L-peptide linking' n SELENOMETHIONINE ? 'C5 H11 N O2 Se' 196.106 
PHE 'L-peptide linking' y PHENYLALANINE    ? 'C9 H11 N O2'    165.189 
PRO 'L-peptide linking' y PROLINE          ? 'C5 H9 N O2'     115.130 
SER 'L-peptide linking' y SERINE           ? 'C3 H7 N O3'     105.093 
THR 'L-peptide linking' y THREONINE        ? 'C4 H9 N O3'     119.119 
TRP 'L-peptide linking' y TRYPTOPHAN       ? 'C11 H12 N2 O2'  204.225 
TYR 'L-peptide linking' y TYROSINE         ? 'C9 H11 N O3'    181.189 
VAL 'L-peptide linking' y VALINE           ? 'C5 H11 N O2'    117.146 
# 
loop_
_pdbx_poly_seq_scheme.asym_id 
_pdbx_poly_seq_scheme.entity_id 
_pdbx_poly_seq_scheme.seq_id 
_pdbx_poly_seq_scheme.mon_id 
_pdbx_poly_seq_scheme.ndb_seq_num 
_pdbx_poly_seq_scheme.pdb_seq_num 
_pdbx_poly_seq_scheme.auth_seq_num 
_pdbx_poly_seq_scheme.pdb_mon_id 
_pdbx_poly_seq_scheme.auth_mon_id 
_pdbx_poly_seq_scheme.pdb_strand_id 
_pdbx_poly_seq_scheme.pdb_ins_code 
_pdbx_poly_seq_scheme.hetero 
A 1 1   MSE 1   1   1   MSE MSE A . n 
A 1 2   ASP 2   2   2   ASP ASP A . n 
A 1 3   ARG 3   3   3   ARG ARG A . n 
A 1 4   LEU 4   4   4   LEU LEU A . n 
A 1 5   ASP 5   5   5   ASP ASP A . n 
A 1 6   ARG 6   6   6   ARG ARG A . n 
A 1 7   LYS 7   7   7   LYS LYS A . n 
A 1 8   ILE 8   8   8   ILE ILE A . n 
A 1 9   LEU 9   9   9   LEU LEU A . n 
A 1 10  ARG 10  10  10  ARG ARG A . n 
A 1 11  ILE 11  11  11  ILE ILE A . n 
A 1 12  LEU 12  12  12  LEU LEU A . n 
A 1 13  GLN 13  13  13  GLN GLN A . n 
A 1 14  GLU 14  14  14  GLU GLU A . n 
A 1 15  ASP 15  15  15  ASP ASP A . n 
A 1 16  SER 16  16  16  SER SER A . n 
A 1 17  THR 17  17  17  THR THR A . n 
A 1 18  LEU 18  18  18  LEU LEU A . n 
A 1 19  ALA 19  19  19  ALA ALA A . n 
A 1 20  VAL 20  20  20  VAL VAL A . n 
A 1 21  ALA 21  21  21  ALA ALA A . n 
A 1 22  ASP 22  22  22  ASP ASP A . n 
A 1 23  LEU 23  23  23  LEU LEU A . n 
A 1 24  ALA 24  24  24  ALA ALA A . n 
A 1 25  LYS 25  25  25  LYS LYS A . n 
A 1 26  LYS 26  26  26  LYS LYS A . n 
A 1 27  VAL 27  27  27  VAL VAL A . n 
A 1 28  GLY 28  28  28  GLY GLY A . n 
A 1 29  LEU 29  29  29  LEU LEU A . n 
A 1 30  SER 30  30  30  SER SER A . n 
A 1 31  THR 31  31  31  THR THR A . n 
A 1 32  THR 32  32  32  THR THR A . n 
A 1 33  PRO 33  33  33  PRO PRO A . n 
A 1 34  CYS 34  34  34  CYS CYS A . n 
A 1 35  TRP 35  35  35  TRP TRP A . n 
A 1 36  ARG 36  36  36  ARG ARG A . n 
A 1 37  ARG 37  37  37  ARG ARG A . n 
A 1 38  ILE 38  38  38  ILE ILE A . n 
A 1 39  GLN 39  39  39  GLN GLN A . n 
A 1 40  LYS 40  40  40  LYS LYS A . n 
A 1 41  MSE 41  41  41  MSE MSE A . n 
A 1 42  GLU 42  42  42  GLU GLU A . n 
A 1 43  GLU 43  43  43  GLU GLU A . n 
A 1 44  ASP 44  44  44  ASP ASP A . n 
A 1 45  GLY 45  45  45  GLY GLY A . n 
A 1 46  VAL 46  46  46  VAL VAL A . n 
A 1 47  ILE 47  47  47  ILE ILE A . n 
A 1 48  ARG 48  48  48  ARG ARG A . n 
A 1 49  ARG 49  49  49  ARG ARG A . n 
A 1 50  ARG 50  50  50  ARG ARG A . n 
A 1 51  VAL 51  51  51  VAL VAL A . n 
A 1 52  ALA 52  52  52  ALA ALA A . n 
A 1 53  LEU 53  53  53  LEU LEU A . n 
A 1 54  LEU 54  54  54  LEU LEU A . n 
A 1 55  ASP 55  55  55  ASP ASP A . n 
A 1 56  PRO 56  56  56  PRO PRO A . n 
A 1 57  VAL 57  57  57  VAL VAL A . n 
A 1 58  LYS 58  58  58  LYS LYS A . n 
A 1 59  VAL 59  59  59  VAL VAL A . n 
A 1 60  ASN 60  60  60  ASN ASN A . n 
A 1 61  THR 61  61  61  THR THR A . n 
A 1 62  LYS 62  62  62  LYS LYS A . n 
A 1 63  VAL 63  63  63  VAL VAL A . n 
A 1 64  THR 64  64  64  THR THR A . n 
A 1 65  VAL 65  65  65  VAL VAL A . n 
A 1 66  PHE 66  66  66  PHE PHE A . n 
A 1 67  VAL 67  67  67  VAL VAL A . n 
A 1 68  SER 68  68  68  SER SER A . n 
A 1 69  ILE 69  69  69  ILE ILE A . n 
A 1 70  ARG 70  70  70  ARG ARG A . n 
A 1 71  THR 71  71  71  THR THR A . n 
A 1 72  ALA 72  72  72  ALA ALA A . n 
A 1 73  SER 73  73  73  SER SER A . n 
A 1 74  HIS 74  74  74  HIS HIS A . n 
A 1 75  SER 75  75  75  SER SER A . n 
A 1 76  ILE 76  76  76  ILE ILE A . n 
A 1 77  GLU 77  77  77  GLU GLU A . n 
A 1 78  TRP 78  78  78  TRP TRP A . n 
A 1 79  LEU 79  79  79  LEU LEU A . n 
A 1 80  LYS 80  80  80  LYS LYS A . n 
A 1 81  ARG 81  81  81  ARG ARG A . n 
A 1 82  PHE 82  82  82  PHE PHE A . n 
A 1 83  SER 83  83  83  SER SER A . n 
A 1 84  GLU 84  84  84  GLU GLU A . n 
A 1 85  VAL 85  85  85  VAL VAL A . n 
A 1 86  VAL 86  86  86  VAL VAL A . n 
A 1 87  SER 87  87  87  SER SER A . n 
A 1 88  GLU 88  88  88  GLU GLU A . n 
A 1 89  PHE 89  89  89  PHE PHE A . n 
A 1 90  PRO 90  90  90  PRO PRO A . n 
A 1 91  GLU 91  91  91  GLU GLU A . n 
A 1 92  VAL 92  92  92  VAL VAL A . n 
A 1 93  VAL 93  93  93  VAL VAL A . n 
A 1 94  GLU 94  94  94  GLU GLU A . n 
A 1 95  PHE 95  95  95  PHE PHE A . n 
A 1 96  TYR 96  96  96  TYR TYR A . n 
A 1 97  ARG 97  97  97  ARG ARG A . n 
A 1 98  MSE 98  98  98  MSE MSE A . n 
A 1 99  SER 99  99  99  SER SER A . n 
A 1 100 GLY 100 100 100 GLY GLY A . n 
A 1 101 ASP 101 101 101 ASP ASP A . n 
A 1 102 VAL 102 102 102 VAL VAL A . n 
A 1 103 ASP 103 103 103 ASP ASP A . n 
A 1 104 TYR 104 104 104 TYR TYR A . n 
A 1 105 LEU 105 105 105 LEU LEU A . n 
A 1 106 LEU 106 106 106 LEU LEU A . n 
A 1 107 ARG 107 107 107 ARG ARG A . n 
A 1 108 VAL 108 108 108 VAL VAL A . n 
A 1 109 VAL 109 109 109 VAL VAL A . n 
A 1 110 VAL 110 110 110 VAL VAL A . n 
A 1 111 PRO 111 111 111 PRO PRO A . n 
A 1 112 ASP 112 112 112 ASP ASP A . n 
A 1 113 ILE 113 113 113 ILE ILE A . n 
A 1 114 ALA 114 114 114 ALA ALA A . n 
A 1 115 ALA 115 115 115 ALA ALA A . n 
A 1 116 TYR 116 116 116 TYR TYR A . n 
A 1 117 ASP 117 117 117 ASP ASP A . n 
A 1 118 ALA 118 118 118 ALA ALA A . n 
A 1 119 PHE 119 119 119 PHE PHE A . n 
A 1 120 TYR 120 120 120 TYR TYR A . n 
A 1 121 LYS 121 121 121 LYS LYS A . n 
A 1 122 ARG 122 122 122 ARG ARG A . n 
A 1 123 MSE 123 123 123 MSE MSE A . n 
A 1 124 ILE 124 124 124 ILE ILE A . n 
A 1 125 ALA 125 125 125 ALA ALA A . n 
A 1 126 LYS 126 126 126 LYS LYS A . n 
A 1 127 ILE 127 127 127 ILE ILE A . n 
A 1 128 GLU 128 128 128 GLU GLU A . n 
A 1 129 ILE 129 129 129 ILE ILE A . n 
A 1 130 ARG 130 130 130 ARG ARG A . n 
A 1 131 ASP 131 131 131 ASP ASP A . n 
A 1 132 VAL 132 132 132 VAL VAL A . n 
A 1 133 SER 133 133 133 SER SER A . n 
A 1 134 SER 134 134 134 SER SER A . n 
A 1 135 ALA 135 135 135 ALA ALA A . n 
A 1 136 PHE 136 136 136 PHE PHE A . n 
A 1 137 ALA 137 137 137 ALA ALA A . n 
A 1 138 MSE 138 138 138 MSE MSE A . n 
A 1 139 GLU 139 139 139 GLU GLU A . n 
A 1 140 GLN 140 140 140 GLN GLN A . n 
A 1 141 ILE 141 141 141 ILE ILE A . n 
A 1 142 LYS 142 142 142 LYS LYS A . n 
A 1 143 TYR 143 143 143 TYR TYR A . n 
A 1 144 THR 144 144 144 THR THR A . n 
A 1 145 THR 145 145 145 THR THR A . n 
A 1 146 GLU 146 146 146 GLU GLU A . n 
A 1 147 LEU 147 147 147 LEU LEU A . n 
A 1 148 PRO 148 148 148 PRO PRO A . n 
A 1 149 LEU 149 149 149 LEU LEU A . n 
A 1 150 ASP 150 150 150 ASP ASP A . n 
A 1 151 TYR 151 151 151 TYR TYR A . n 
A 1 152 MSE 152 152 152 MSE MSE A . n 
A 1 153 LEU 153 153 153 LEU LEU A . n 
A 1 154 LEU 154 154 ?   ?   ?   A . n 
A 1 155 ASP 155 155 ?   ?   ?   A . n 
A 1 156 ASN 156 156 ?   ?   ?   A . n 
A 1 157 PRO 157 157 ?   ?   ?   A . n 
A 1 158 LYS 158 158 ?   ?   ?   A . n 
A 1 159 SER 159 159 ?   ?   ?   A . n 
A 1 160 GLY 160 160 ?   ?   ?   A . n 
A 1 161 GLU 161 161 ?   ?   ?   A . n 
A 1 162 GLU 162 162 ?   ?   ?   A . n 
# 
loop_
_pdbx_nonpoly_scheme.asym_id 
_pdbx_nonpoly_scheme.entity_id 
_pdbx_nonpoly_scheme.mon_id 
_pdbx_nonpoly_scheme.ndb_seq_num 
_pdbx_nonpoly_scheme.pdb_seq_num 
_pdbx_nonpoly_scheme.auth_seq_num 
_pdbx_nonpoly_scheme.pdb_mon_id 
_pdbx_nonpoly_scheme.auth_mon_id 
_pdbx_nonpoly_scheme.pdb_strand_id 
_pdbx_nonpoly_scheme.pdb_ins_code 
B 2 CL  1   163 1   CL  CL  A . 
C 2 CL  1   164 2   CL  CL  A . 
D 2 CL  1   165 3   CL  CL  A . 
E 2 CL  1   166 4   CL  CL  A . 
F 3 CA  1   167 5   CA  CA  A . 
G 2 CL  1   168 6   CL  CL  A . 
H 4 ACT 1   169 7   ACT ACT A . 
I 5 HOH 1   170 1   HOH HOH A . 
I 5 HOH 2   171 2   HOH HOH A . 
I 5 HOH 3   172 4   HOH HOH A . 
I 5 HOH 4   173 5   HOH HOH A . 
I 5 HOH 5   174 6   HOH HOH A . 
I 5 HOH 6   175 7   HOH HOH A . 
I 5 HOH 7   176 8   HOH HOH A . 
I 5 HOH 8   177 9   HOH HOH A . 
I 5 HOH 9   178 10  HOH HOH A . 
I 5 HOH 10  179 11  HOH HOH A . 
I 5 HOH 11  180 12  HOH HOH A . 
I 5 HOH 12  181 13  HOH HOH A . 
I 5 HOH 13  182 14  HOH HOH A . 
I 5 HOH 14  183 15  HOH HOH A . 
I 5 HOH 15  184 16  HOH HOH A . 
I 5 HOH 16  185 17  HOH HOH A . 
I 5 HOH 17  186 18  HOH HOH A . 
I 5 HOH 18  187 19  HOH HOH A . 
I 5 HOH 19  188 20  HOH HOH A . 
I 5 HOH 20  189 21  HOH HOH A . 
I 5 HOH 21  190 22  HOH HOH A . 
I 5 HOH 22  191 23  HOH HOH A . 
I 5 HOH 23  192 25  HOH HOH A . 
I 5 HOH 24  193 26  HOH HOH A . 
I 5 HOH 25  194 27  HOH HOH A . 
I 5 HOH 26  195 28  HOH HOH A . 
I 5 HOH 27  196 29  HOH HOH A . 
I 5 HOH 28  197 30  HOH HOH A . 
I 5 HOH 29  198 31  HOH HOH A . 
I 5 HOH 30  199 32  HOH HOH A . 
I 5 HOH 31  200 33  HOH HOH A . 
I 5 HOH 32  201 34  HOH HOH A . 
I 5 HOH 33  202 35  HOH HOH A . 
I 5 HOH 34  203 36  HOH HOH A . 
I 5 HOH 35  204 37  HOH HOH A . 
I 5 HOH 36  205 38  HOH HOH A . 
I 5 HOH 37  206 39  HOH HOH A . 
I 5 HOH 38  207 40  HOH HOH A . 
I 5 HOH 39  208 41  HOH HOH A . 
I 5 HOH 40  209 42  HOH HOH A . 
I 5 HOH 41  210 43  HOH HOH A . 
I 5 HOH 42  211 44  HOH HOH A . 
I 5 HOH 43  212 45  HOH HOH A . 
I 5 HOH 44  213 46  HOH HOH A . 
I 5 HOH 45  214 47  HOH HOH A . 
I 5 HOH 46  215 48  HOH HOH A . 
I 5 HOH 47  216 49  HOH HOH A . 
I 5 HOH 48  217 50  HOH HOH A . 
I 5 HOH 49  218 51  HOH HOH A . 
I 5 HOH 50  219 52  HOH HOH A . 
I 5 HOH 51  220 53  HOH HOH A . 
I 5 HOH 52  221 55  HOH HOH A . 
I 5 HOH 53  222 56  HOH HOH A . 
I 5 HOH 54  223 57  HOH HOH A . 
I 5 HOH 55  224 58  HOH HOH A . 
I 5 HOH 56  225 59  HOH HOH A . 
I 5 HOH 57  226 60  HOH HOH A . 
I 5 HOH 58  227 61  HOH HOH A . 
I 5 HOH 59  228 62  HOH HOH A . 
I 5 HOH 60  229 63  HOH HOH A . 
I 5 HOH 61  230 64  HOH HOH A . 
I 5 HOH 62  231 65  HOH HOH A . 
I 5 HOH 63  232 66  HOH HOH A . 
I 5 HOH 64  233 67  HOH HOH A . 
I 5 HOH 65  234 68  HOH HOH A . 
I 5 HOH 66  235 69  HOH HOH A . 
I 5 HOH 67  236 70  HOH HOH A . 
I 5 HOH 68  237 71  HOH HOH A . 
I 5 HOH 69  238 72  HOH HOH A . 
I 5 HOH 70  239 73  HOH HOH A . 
I 5 HOH 71  240 74  HOH HOH A . 
I 5 HOH 72  241 75  HOH HOH A . 
I 5 HOH 73  242 76  HOH HOH A . 
I 5 HOH 74  243 77  HOH HOH A . 
I 5 HOH 75  244 78  HOH HOH A . 
I 5 HOH 76  245 79  HOH HOH A . 
I 5 HOH 77  246 80  HOH HOH A . 
I 5 HOH 78  247 81  HOH HOH A . 
I 5 HOH 79  248 82  HOH HOH A . 
I 5 HOH 80  249 83  HOH HOH A . 
I 5 HOH 81  250 84  HOH HOH A . 
I 5 HOH 82  251 85  HOH HOH A . 
I 5 HOH 83  252 86  HOH HOH A . 
I 5 HOH 84  253 87  HOH HOH A . 
I 5 HOH 85  254 88  HOH HOH A . 
I 5 HOH 86  255 89  HOH HOH A . 
I 5 HOH 87  256 90  HOH HOH A . 
I 5 HOH 88  257 91  HOH HOH A . 
I 5 HOH 89  258 92  HOH HOH A . 
I 5 HOH 90  259 93  HOH HOH A . 
I 5 HOH 91  260 94  HOH HOH A . 
I 5 HOH 92  261 95  HOH HOH A . 
I 5 HOH 93  262 96  HOH HOH A . 
I 5 HOH 94  263 97  HOH HOH A . 
I 5 HOH 95  264 98  HOH HOH A . 
I 5 HOH 96  265 99  HOH HOH A . 
I 5 HOH 97  266 100 HOH HOH A . 
I 5 HOH 98  267 101 HOH HOH A . 
I 5 HOH 99  268 102 HOH HOH A . 
I 5 HOH 100 269 103 HOH HOH A . 
I 5 HOH 101 270 104 HOH HOH A . 
I 5 HOH 102 271 105 HOH HOH A . 
I 5 HOH 103 272 106 HOH HOH A . 
I 5 HOH 104 273 107 HOH HOH A . 
I 5 HOH 105 274 108 HOH HOH A . 
I 5 HOH 106 275 109 HOH HOH A . 
I 5 HOH 107 276 110 HOH HOH A . 
I 5 HOH 108 277 111 HOH HOH A . 
I 5 HOH 109 278 112 HOH HOH A . 
I 5 HOH 110 279 113 HOH HOH A . 
I 5 HOH 111 280 114 HOH HOH A . 
I 5 HOH 112 281 115 HOH HOH A . 
I 5 HOH 113 282 116 HOH HOH A . 
I 5 HOH 114 283 117 HOH HOH A . 
I 5 HOH 115 284 118 HOH HOH A . 
I 5 HOH 116 285 119 HOH HOH A . 
I 5 HOH 117 286 120 HOH HOH A . 
# 
loop_
_pdbx_unobs_or_zero_occ_atoms.id 
_pdbx_unobs_or_zero_occ_atoms.PDB_model_num 
_pdbx_unobs_or_zero_occ_atoms.polymer_flag 
_pdbx_unobs_or_zero_occ_atoms.occupancy_flag 
_pdbx_unobs_or_zero_occ_atoms.auth_asym_id 
_pdbx_unobs_or_zero_occ_atoms.auth_comp_id 
_pdbx_unobs_or_zero_occ_atoms.auth_seq_id 
_pdbx_unobs_or_zero_occ_atoms.PDB_ins_code 
_pdbx_unobs_or_zero_occ_atoms.auth_atom_id 
_pdbx_unobs_or_zero_occ_atoms.label_alt_id 
_pdbx_unobs_or_zero_occ_atoms.label_asym_id 
_pdbx_unobs_or_zero_occ_atoms.label_comp_id 
_pdbx_unobs_or_zero_occ_atoms.label_seq_id 
_pdbx_unobs_or_zero_occ_atoms.label_atom_id 
1  1 Y 1 A ARG 3   ? CZ  ? A ARG 3   CZ  
2  1 Y 1 A ARG 3   ? NH1 ? A ARG 3   NH1 
3  1 Y 1 A ARG 3   ? NH2 ? A ARG 3   NH2 
4  1 Y 1 A LYS 25  ? CD  ? A LYS 25  CD  
5  1 Y 1 A LYS 25  ? CE  ? A LYS 25  CE  
6  1 Y 1 A LYS 25  ? NZ  ? A LYS 25  NZ  
7  1 Y 1 A LYS 26  ? NZ  ? A LYS 26  NZ  
8  1 Y 1 A ARG 36  ? CZ  ? A ARG 36  CZ  
9  1 Y 1 A ARG 36  ? NH1 ? A ARG 36  NH1 
10 1 Y 1 A ARG 36  ? NH2 ? A ARG 36  NH2 
11 1 Y 1 A LYS 40  ? NZ  ? A LYS 40  NZ  
12 1 Y 1 A ARG 70  ? CZ  ? A ARG 70  CZ  
13 1 Y 1 A ARG 70  ? NH1 ? A ARG 70  NH1 
14 1 Y 1 A ARG 70  ? NH2 ? A ARG 70  NH2 
15 1 Y 1 A ILE 76  ? CG1 ? A ILE 76  CG1 
16 1 Y 1 A ILE 76  ? CG2 ? A ILE 76  CG2 
17 1 Y 1 A ILE 76  ? CD1 ? A ILE 76  CD1 
18 1 Y 1 A LYS 80  ? CG  ? A LYS 80  CG  
19 1 Y 1 A LYS 80  ? CD  ? A LYS 80  CD  
20 1 Y 1 A LYS 80  ? CE  ? A LYS 80  CE  
21 1 Y 1 A LYS 80  ? NZ  ? A LYS 80  NZ  
22 1 Y 1 A GLU 84  ? CD  ? A GLU 84  CD  
23 1 Y 1 A GLU 84  ? OE1 ? A GLU 84  OE1 
24 1 Y 1 A GLU 84  ? OE2 ? A GLU 84  OE2 
25 1 Y 1 A ILE 129 ? CD1 ? A ILE 129 CD1 
26 1 Y 1 A ASP 131 ? OD1 ? A ASP 131 OD1 
27 1 Y 1 A ASP 150 ? CG  ? A ASP 150 CG  
28 1 Y 1 A ASP 150 ? OD1 ? A ASP 150 OD1 
29 1 Y 1 A ASP 150 ? OD2 ? A ASP 150 OD2 
# 
loop_
_software.name 
_software.classification 
_software.version 
_software.citation_id 
_software.pdbx_ordinal 
HKL-3000 'data collection' .        ? 1  
HKL-2000 'data reduction'  .        ? 2  
HKL-3000 phasing           .        ? 3  
MLPHARE  phasing           .        ? 4  
DM       'model building'  .        ? 5  
SHELXD   phasing           .        ? 6  
RESOLVE  'model building'  .        ? 7  
ARP      'model building'  WARP     ? 8  
Coot     'model building'  .        ? 9  
REFMAC   refinement        5.5.0072 ? 10 
HKL-3000 'data reduction'  .        ? 11 
HKL-3000 'data scaling'    .        ? 12 
DM       phasing           .        ? 13 
SHELXE   'model building'  .        ? 14 
RESOLVE  phasing           .        ? 15 
CCP4     phasing           .        ? 16 
# 
_cell.entry_id           3I4P 
_cell.length_a           141.833 
_cell.length_b           141.833 
_cell.length_c           50.283 
_cell.angle_alpha        90.00 
_cell.angle_beta         90.00 
_cell.angle_gamma        90.00 
_cell.Z_PDB              16 
_cell.pdbx_unique_axis   ? 
_cell.length_a_esd       ? 
_cell.length_b_esd       ? 
_cell.length_c_esd       ? 
_cell.angle_alpha_esd    ? 
_cell.angle_beta_esd     ? 
_cell.angle_gamma_esd    ? 
# 
_symmetry.entry_id                         3I4P 
_symmetry.space_group_name_H-M             'I 4 2 2' 
_symmetry.pdbx_full_space_group_name_H-M   ? 
_symmetry.cell_setting                     ? 
_symmetry.Int_Tables_number                97 
_symmetry.space_group_name_Hall            ? 
# 
_exptl.entry_id          3I4P 
_exptl.method            'X-RAY DIFFRACTION' 
_exptl.crystals_number   1 
# 
_exptl_crystal.id                    1 
_exptl_crystal.density_meas          ? 
_exptl_crystal.density_Matthews      3.32 
_exptl_crystal.density_percent_sol   62.91 
_exptl_crystal.description           ? 
_exptl_crystal.F_000                 ? 
_exptl_crystal.preparation           ? 
# 
_exptl_crystal_grow.crystal_id      1 
_exptl_crystal_grow.method          'VAPOR DIFFUSION, HANGING DROP' 
_exptl_crystal_grow.temp            273 
_exptl_crystal_grow.temp_details    ? 
_exptl_crystal_grow.pH              4.6 
_exptl_crystal_grow.pdbx_details    '0.1M NA(OAC), 3.2M NACL, pH 4.6, VAPOR DIFFUSION, HANGING DROP, temperature 273K' 
_exptl_crystal_grow.pdbx_pH_range   ? 
# 
_diffrn.id                     1 
_diffrn.ambient_temp           100.0 
_diffrn.ambient_temp_details   ? 
_diffrn.crystal_id             1 
# 
_diffrn_detector.diffrn_id              1 
_diffrn_detector.detector               CCD 
_diffrn_detector.type                   'ARGONNE APS1 CCD' 
_diffrn_detector.pdbx_collection_date   2007-06-14 
_diffrn_detector.details                MIRROR 
# 
_diffrn_radiation.diffrn_id                        1 
_diffrn_radiation.wavelength_id                    1 
_diffrn_radiation.pdbx_monochromatic_or_laue_m_l   M 
_diffrn_radiation.monochromator                    'SI-111 CHANNEL' 
_diffrn_radiation.pdbx_diffrn_protocol             'SINGLE WAVELENGTH' 
_diffrn_radiation.pdbx_scattering_type             x-ray 
# 
_diffrn_radiation_wavelength.id           1 
_diffrn_radiation_wavelength.wavelength   0.9767 
_diffrn_radiation_wavelength.wt           1.0 
# 
_diffrn_source.diffrn_id                   1 
_diffrn_source.source                      SYNCHROTRON 
_diffrn_source.type                        'APS BEAMLINE 19-BM' 
_diffrn_source.pdbx_synchrotron_site       APS 
_diffrn_source.pdbx_synchrotron_beamline   19-BM 
_diffrn_source.pdbx_wavelength             ? 
_diffrn_source.pdbx_wavelength_list        0.9767 
# 
_reflns.entry_id                     3I4P 
_reflns.observed_criterion_sigma_I   -3.000 
_reflns.observed_criterion_sigma_F   0 
_reflns.d_resolution_low             50.000 
_reflns.d_resolution_high            2.200 
_reflns.number_obs                   13438 
_reflns.number_all                   13438 
_reflns.percent_possible_obs         99.9 
_reflns.pdbx_Rmerge_I_obs            0.145 
_reflns.pdbx_Rsym_value              0.145 
_reflns.pdbx_netI_over_sigmaI        22.8900 
_reflns.B_iso_Wilson_estimate        ? 
_reflns.pdbx_redundancy              12.900 
_reflns.R_free_details               ? 
_reflns.limit_h_max                  ? 
_reflns.limit_h_min                  ? 
_reflns.limit_k_max                  ? 
_reflns.limit_k_min                  ? 
_reflns.limit_l_max                  ? 
_reflns.limit_l_min                  ? 
_reflns.observed_criterion_F_max     ? 
_reflns.observed_criterion_F_min     ? 
_reflns.pdbx_chi_squared             ? 
_reflns.pdbx_scaling_rejects         ? 
_reflns.pdbx_ordinal                 1 
_reflns.pdbx_diffrn_id               1 
# 
_reflns_shell.d_res_high             2.20 
_reflns_shell.d_res_low              2.24 
_reflns_shell.percent_possible_all   99.9 
_reflns_shell.Rmerge_I_obs           0.98 
_reflns_shell.pdbx_Rsym_value        0.98 
_reflns_shell.meanI_over_sigI_obs    2.200 
_reflns_shell.pdbx_redundancy        13.20 
_reflns_shell.percent_possible_obs   ? 
_reflns_shell.number_unique_all      654 
_reflns_shell.number_measured_all    ? 
_reflns_shell.number_measured_obs    ? 
_reflns_shell.number_unique_obs      ? 
_reflns_shell.pdbx_chi_squared       ? 
_reflns_shell.pdbx_ordinal           1 
_reflns_shell.pdbx_diffrn_id         1 
# 
_refine.entry_id                                 3I4P 
_refine.ls_number_reflns_obs                     11658 
_refine.ls_number_reflns_all                     11658 
_refine.pdbx_ls_sigma_I                          0 
_refine.pdbx_ls_sigma_F                          0.000 
_refine.pdbx_data_cutoff_high_absF               ? 
_refine.pdbx_data_cutoff_low_absF                ? 
_refine.pdbx_data_cutoff_high_rms_absF           ? 
_refine.ls_d_res_low                             50.00 
_refine.ls_d_res_high                            2.30 
_refine.ls_percent_reflns_obs                    99.5 
_refine.ls_R_factor_obs                          0.189 
_refine.ls_R_factor_all                          0.189 
_refine.ls_R_factor_R_work                       0.188 
_refine.ls_R_factor_R_free                       0.214 
_refine.ls_R_factor_R_free_error                 ? 
_refine.ls_R_factor_R_free_error_details         ? 
_refine.ls_percent_reflns_R_free                 4.900 
_refine.ls_number_reflns_R_free                  568 
_refine.ls_number_parameters                     ? 
_refine.ls_number_restraints                     ? 
_refine.occupancy_min                            ? 
_refine.occupancy_max                            ? 
_refine.correlation_coeff_Fo_to_Fc               0.953 
_refine.correlation_coeff_Fo_to_Fc_free          0.940 
_refine.B_iso_mean                               21.78 
_refine.aniso_B[1][1]                            -1.13000 
_refine.aniso_B[2][2]                            -1.13000 
_refine.aniso_B[3][3]                            2.26000 
_refine.aniso_B[1][2]                            0.00000 
_refine.aniso_B[1][3]                            0.00000 
_refine.aniso_B[2][3]                            0.00000 
_refine.solvent_model_details                    'BABINET MODEL WITH MASK' 
_refine.solvent_model_param_ksol                 ? 
_refine.solvent_model_param_bsol                 ? 
_refine.pdbx_solvent_vdw_probe_radii             1.20 
_refine.pdbx_solvent_ion_probe_radii             0.80 
_refine.pdbx_solvent_shrinkage_radii             0.80 
_refine.pdbx_ls_cross_valid_method               THROUGHOUT 
_refine.details                                  'HYDROGENS HAVE BEEN ADDED IN THE' 
_refine.pdbx_starting_model                      ? 
_refine.pdbx_method_to_determine_struct          SAD 
_refine.pdbx_isotropic_thermal_model             ? 
_refine.pdbx_stereochemistry_target_values       'MAXIMUM LIKELIHOOD' 
_refine.pdbx_stereochem_target_val_spec_case     ? 
_refine.pdbx_R_Free_selection_details            RANDOM 
_refine.pdbx_overall_ESU_R                       0.215 
_refine.pdbx_overall_ESU_R_Free                  0.175 
_refine.overall_SU_ML                            0.137 
_refine.overall_SU_B                             12.410 
_refine.ls_redundancy_reflns_obs                 ? 
_refine.B_iso_min                                ? 
_refine.B_iso_max                                ? 
_refine.overall_SU_R_Cruickshank_DPI             ? 
_refine.overall_SU_R_free                        ? 
_refine.ls_wR_factor_R_free                      ? 
_refine.ls_wR_factor_R_work                      ? 
_refine.overall_FOM_free_R_set                   ? 
_refine.overall_FOM_work_R_set                   ? 
_refine.pdbx_overall_phase_error                 ? 
_refine.pdbx_refine_id                           'X-RAY DIFFRACTION' 
_refine.pdbx_TLS_residual_ADP_flag               'LIKELY RESIDUAL' 
_refine.pdbx_diffrn_id                           1 
_refine.pdbx_overall_SU_R_free_Cruickshank_DPI   ? 
_refine.pdbx_overall_SU_R_Blow_DPI               ? 
_refine.pdbx_overall_SU_R_free_Blow_DPI          ? 
# 
_refine_hist.pdbx_refine_id                   'X-RAY DIFFRACTION' 
_refine_hist.cycle_id                         LAST 
_refine_hist.pdbx_number_atoms_protein        1219 
_refine_hist.pdbx_number_atoms_nucleic_acid   0 
_refine_hist.pdbx_number_atoms_ligand         10 
_refine_hist.number_atoms_solvent             117 
_refine_hist.number_atoms_total               1346 
_refine_hist.d_res_high                       2.30 
_refine_hist.d_res_low                        50.00 
# 
loop_
_refine_ls_restr.type 
_refine_ls_restr.dev_ideal 
_refine_ls_restr.dev_ideal_target 
_refine_ls_restr.weight 
_refine_ls_restr.number 
_refine_ls_restr.pdbx_refine_id 
_refine_ls_restr.pdbx_restraint_function 
r_bond_refined_d       0.017  0.022  ? 1253 'X-RAY DIFFRACTION' ? 
r_bond_other_d         0.001  0.020  ? 861  'X-RAY DIFFRACTION' ? 
r_angle_refined_deg    1.526  1.973  ? 1696 'X-RAY DIFFRACTION' ? 
r_angle_other_deg      0.967  3.000  ? 2092 'X-RAY DIFFRACTION' ? 
r_dihedral_angle_1_deg 6.999  5.000  ? 154  'X-RAY DIFFRACTION' ? 
r_dihedral_angle_2_deg 27.265 22.885 ? 52   'X-RAY DIFFRACTION' ? 
r_dihedral_angle_3_deg 16.819 15.000 ? 231  'X-RAY DIFFRACTION' ? 
r_dihedral_angle_4_deg 18.158 15.000 ? 11   'X-RAY DIFFRACTION' ? 
r_chiral_restr         0.093  0.200  ? 201  'X-RAY DIFFRACTION' ? 
r_gen_planes_refined   0.005  0.020  ? 1358 'X-RAY DIFFRACTION' ? 
r_gen_planes_other     0.001  0.020  ? 259  'X-RAY DIFFRACTION' ? 
r_mcbond_it            0.671  1.500  ? 775  'X-RAY DIFFRACTION' ? 
r_mcbond_other         0.160  1.500  ? 305  'X-RAY DIFFRACTION' ? 
r_mcangle_it           1.200  2.000  ? 1262 'X-RAY DIFFRACTION' ? 
r_scbond_it            1.976  3.000  ? 478  'X-RAY DIFFRACTION' ? 
r_scangle_it           3.213  4.500  ? 434  'X-RAY DIFFRACTION' ? 
# 
_refine_ls_shell.pdbx_total_number_of_bins_used   20 
_refine_ls_shell.d_res_high                       2.30 
_refine_ls_shell.d_res_low                        2.36 
_refine_ls_shell.number_reflns_R_work             806 
_refine_ls_shell.R_factor_R_work                  0.207 
_refine_ls_shell.percent_reflns_obs               99.88 
_refine_ls_shell.R_factor_R_free                  0.298 
_refine_ls_shell.R_factor_R_free_error            ? 
_refine_ls_shell.percent_reflns_R_free            ? 
_refine_ls_shell.number_reflns_R_free             40 
_refine_ls_shell.number_reflns_obs                ? 
_refine_ls_shell.redundancy_reflns_obs            ? 
_refine_ls_shell.number_reflns_all                ? 
_refine_ls_shell.R_factor_all                     ? 
_refine_ls_shell.pdbx_refine_id                   'X-RAY DIFFRACTION' 
# 
_struct.entry_id                  3I4P 
_struct.title                     'Crystal structure of AsnC family transcriptional regulator from Agrobacterium tumefaciens' 
_struct.pdbx_model_details        ? 
_struct.pdbx_CASP_flag            ? 
_struct.pdbx_model_type_details   ? 
# 
_struct_keywords.entry_id        3I4P 
_struct_keywords.pdbx_keywords   'transcription regulator' 
_struct_keywords.text            
;TRANSCRIPTIONAL REGULATOR, ASNC FAMIL, PSI, Structural Genomics, Protein Structure Initiative, Midwest Center for Structural Genomics, MCSG, DNA-binding, Transcription, Transcription regulation, transcription regulator
;
# 
loop_
_struct_asym.id 
_struct_asym.pdbx_blank_PDB_chainid_flag 
_struct_asym.pdbx_modified 
_struct_asym.entity_id 
_struct_asym.details 
A N N 1 ? 
B N N 2 ? 
C N N 2 ? 
D N N 2 ? 
E N N 2 ? 
F N N 3 ? 
G N N 2 ? 
H N N 4 ? 
I N N 5 ? 
# 
_struct_ref.id                         1 
_struct_ref.db_name                    UNP 
_struct_ref.db_code                    A9CIH8_AGRT5 
_struct_ref.pdbx_db_accession          A9CIH8 
_struct_ref.entity_id                  1 
_struct_ref.pdbx_seq_one_letter_code   
;MDRLDRKILRILQEDSTLAVADLAKKVGLSTTPCWRRIQKMEEDGVIRRRVALLDPVKVNTKVTVFVSIRTASHSIEWLK
RFSEVVSEFPEVVEFYRMSGDVDYLLRVVVPDIAAYDAFYKRMIAKIEIRDVSSAFAMEQIKYTTELPLDYMLLDNPKSG
EE
;
_struct_ref.pdbx_align_begin           1 
_struct_ref.pdbx_db_isoform            ? 
# 
_struct_ref_seq.align_id                      1 
_struct_ref_seq.ref_id                        1 
_struct_ref_seq.pdbx_PDB_id_code              3I4P 
_struct_ref_seq.pdbx_strand_id                A 
_struct_ref_seq.seq_align_beg                 1 
_struct_ref_seq.pdbx_seq_align_beg_ins_code   ? 
_struct_ref_seq.seq_align_end                 162 
_struct_ref_seq.pdbx_seq_align_end_ins_code   ? 
_struct_ref_seq.pdbx_db_accession             A9CIH8 
_struct_ref_seq.db_align_beg                  1 
_struct_ref_seq.pdbx_db_align_beg_ins_code    ? 
_struct_ref_seq.db_align_end                  162 
_struct_ref_seq.pdbx_db_align_end_ins_code    ? 
_struct_ref_seq.pdbx_auth_seq_align_beg       1 
_struct_ref_seq.pdbx_auth_seq_align_end       162 
# 
_pdbx_struct_assembly.id                   1 
_pdbx_struct_assembly.details              author_and_software_defined_assembly 
_pdbx_struct_assembly.method_details       PISA 
_pdbx_struct_assembly.oligomeric_details   octameric 
_pdbx_struct_assembly.oligomeric_count     8 
# 
loop_
_pdbx_struct_assembly_prop.biol_id 
_pdbx_struct_assembly_prop.type 
_pdbx_struct_assembly_prop.value 
_pdbx_struct_assembly_prop.details 
1 'ABSA (A^2)' 40030 ? 
1 MORE         -523  ? 
1 'SSA (A^2)'  50510 ? 
# 
_pdbx_struct_assembly_gen.assembly_id       1 
_pdbx_struct_assembly_gen.oper_expression   1,2,3,4,5,6,7,8 
_pdbx_struct_assembly_gen.asym_id_list      A,B,C,D,E,F,G,H,I 
# 
loop_
_pdbx_struct_oper_list.id 
_pdbx_struct_oper_list.type 
_pdbx_struct_oper_list.name 
_pdbx_struct_oper_list.symmetry_operation 
_pdbx_struct_oper_list.matrix[1][1] 
_pdbx_struct_oper_list.matrix[1][2] 
_pdbx_struct_oper_list.matrix[1][3] 
_pdbx_struct_oper_list.vector[1] 
_pdbx_struct_oper_list.matrix[2][1] 
_pdbx_struct_oper_list.matrix[2][2] 
_pdbx_struct_oper_list.matrix[2][3] 
_pdbx_struct_oper_list.vector[2] 
_pdbx_struct_oper_list.matrix[3][1] 
_pdbx_struct_oper_list.matrix[3][2] 
_pdbx_struct_oper_list.matrix[3][3] 
_pdbx_struct_oper_list.vector[3] 
1 'identity operation'         1_555 x,y,z    1.0000000000  0.0000000000  0.0000000000  0.0000000000  0.0000000000  1.0000000000  0.0000000000  0.0000000000  0.0000000000  0.0000000000  1.0000000000  0.0000000000   
2 'crystal symmetry operation' 2_555 -x,-y,z  -0.1690227521 0.2506828819  0.9531995604  31.4315587270 0.2506828819  -0.9243758990 0.2875539775  35.1626501469 0.9531995604  0.2875539775  0.0933986511  -36.6487628548 
3 'crystal symmetry operation' 3_555 -y,x,z   0.4154886240  0.8647326267  0.2821465712  -0.8469322005 -0.6140497448 0.0378120505  0.7883610593  41.0130381821 0.6710529892  -0.5008070818 0.5466993256  -10.0477230752 
4 'crystal symmetry operation' 4_555 y,-x,z   0.4154886240  -0.6140497448 0.6710529892  32.2784909275 0.8647326267  0.0378120505  -0.5008070818 -5.8503880352 0.2821465712  0.7883610593  0.5466993256  -26.6010397796 
5 'crystal symmetry operation' 5_555 -x,y,-z  -0.3880437068 0.6073490162  -0.6932165997 -5.5069280239 0.6073490162  -0.3972235736 -0.6879975327 1.2242545093  -0.6932165997 -0.6879975327 -0.2147327196 -3.7887862031  
6 'crystal symmetry operation' 6_555 x,-y,-z  -0.4429335411 -0.8580318982 -0.2599829607 29.0577851624 -0.8580318982 0.3215994727  0.4004435552  31.5610056540 -0.2599829607 0.4004435552  -0.8786659315 -41.8997924937 
7 'crystal symmetry operation' 7_555 y,x,-z   -0.9993553256 0.0345788401  -0.0096559351 26.6961955047 0.0345788401  0.8547287090  -0.5179219419 -8.6686658354 -0.0096559351 -0.5179219419 -0.8553733834 -29.2609729199 
8 'crystal symmetry operation' 8_555 -y,-x,-z 0.1683780776  -0.2852617221 -0.9435436253 -3.1453383661 -0.2852617221 -0.9303528099 0.2303679644  41.4539259987 -0.9435436253 0.2303679644  -0.2380252677 -16.4276057769 
# 
_struct_biol.id        1 
_struct_biol.details   ? 
# 
loop_
_struct_conf.conf_type_id 
_struct_conf.id 
_struct_conf.pdbx_PDB_helix_id 
_struct_conf.beg_label_comp_id 
_struct_conf.beg_label_asym_id 
_struct_conf.beg_label_seq_id 
_struct_conf.pdbx_beg_PDB_ins_code 
_struct_conf.end_label_comp_id 
_struct_conf.end_label_asym_id 
_struct_conf.end_label_seq_id 
_struct_conf.pdbx_end_PDB_ins_code 
_struct_conf.beg_auth_comp_id 
_struct_conf.beg_auth_asym_id 
_struct_conf.beg_auth_seq_id 
_struct_conf.end_auth_comp_id 
_struct_conf.end_auth_asym_id 
_struct_conf.end_auth_seq_id 
_struct_conf.pdbx_PDB_helix_class 
_struct_conf.details 
_struct_conf.pdbx_PDB_helix_length 
HELX_P HELX_P1 1 ASP A 2   ? GLN A 13  ? ASP A 2   GLN A 13  1 ? 12 
HELX_P HELX_P2 2 ALA A 19  ? GLY A 28  ? ALA A 19  GLY A 28  1 ? 10 
HELX_P HELX_P3 3 SER A 30  ? ASP A 44  ? SER A 30  ASP A 44  1 ? 15 
HELX_P HELX_P4 4 SER A 75  ? PHE A 89  ? SER A 75  PHE A 89  1 ? 15 
HELX_P HELX_P5 5 ASP A 112 ? ILE A 127 ? ASP A 112 ILE A 127 1 ? 16 
# 
_struct_conf_type.id          HELX_P 
_struct_conf_type.criteria    ? 
_struct_conf_type.reference   ? 
# 
loop_
_struct_conn.id 
_struct_conn.conn_type_id 
_struct_conn.pdbx_leaving_atom_flag 
_struct_conn.pdbx_PDB_id 
_struct_conn.ptnr1_label_asym_id 
_struct_conn.ptnr1_label_comp_id 
_struct_conn.ptnr1_label_seq_id 
_struct_conn.ptnr1_label_atom_id 
_struct_conn.pdbx_ptnr1_label_alt_id 
_struct_conn.pdbx_ptnr1_PDB_ins_code 
_struct_conn.pdbx_ptnr1_standard_comp_id 
_struct_conn.ptnr1_symmetry 
_struct_conn.ptnr2_label_asym_id 
_struct_conn.ptnr2_label_comp_id 
_struct_conn.ptnr2_label_seq_id 
_struct_conn.ptnr2_label_atom_id 
_struct_conn.pdbx_ptnr2_label_alt_id 
_struct_conn.pdbx_ptnr2_PDB_ins_code 
_struct_conn.ptnr1_auth_asym_id 
_struct_conn.ptnr1_auth_comp_id 
_struct_conn.ptnr1_auth_seq_id 
_struct_conn.ptnr2_auth_asym_id 
_struct_conn.ptnr2_auth_comp_id 
_struct_conn.ptnr2_auth_seq_id 
_struct_conn.ptnr2_symmetry 
_struct_conn.pdbx_ptnr3_label_atom_id 
_struct_conn.pdbx_ptnr3_label_seq_id 
_struct_conn.pdbx_ptnr3_label_comp_id 
_struct_conn.pdbx_ptnr3_label_asym_id 
_struct_conn.pdbx_ptnr3_label_alt_id 
_struct_conn.pdbx_ptnr3_PDB_ins_code 
_struct_conn.details 
_struct_conn.pdbx_dist_value 
_struct_conn.pdbx_value_order 
_struct_conn.pdbx_role 
covale1  covale both ? A MSE 1   C  ? ? ? 1_555 A ASP 2   N  ? ? A MSE 1   A ASP 2   1_555 ? ? ? ? ? ? ? 1.330 ? ? 
covale2  covale both ? A LYS 40  C  ? ? ? 1_555 A MSE 41  N  ? ? A LYS 40  A MSE 41  1_555 ? ? ? ? ? ? ? 1.331 ? ? 
covale3  covale both ? A MSE 41  C  ? ? ? 1_555 A GLU 42  N  ? ? A MSE 41  A GLU 42  1_555 ? ? ? ? ? ? ? 1.337 ? ? 
covale4  covale both ? A ARG 97  C  ? ? ? 1_555 A MSE 98  N  ? ? A ARG 97  A MSE 98  1_555 ? ? ? ? ? ? ? 1.333 ? ? 
covale5  covale both ? A MSE 98  C  ? ? ? 1_555 A SER 99  N  ? ? A MSE 98  A SER 99  1_555 ? ? ? ? ? ? ? 1.332 ? ? 
covale6  covale both ? A ARG 122 C  ? ? ? 1_555 A MSE 123 N  ? ? A ARG 122 A MSE 123 1_555 ? ? ? ? ? ? ? 1.325 ? ? 
covale7  covale both ? A MSE 123 C  ? ? ? 1_555 A ILE 124 N  ? ? A MSE 123 A ILE 124 1_555 ? ? ? ? ? ? ? 1.330 ? ? 
covale8  covale both ? A ALA 137 C  ? ? ? 1_555 A MSE 138 N  ? ? A ALA 137 A MSE 138 1_555 ? ? ? ? ? ? ? 1.340 ? ? 
covale9  covale both ? A MSE 138 C  ? ? ? 1_555 A GLU 139 N  ? ? A MSE 138 A GLU 139 1_555 ? ? ? ? ? ? ? 1.334 ? ? 
covale10 covale both ? A TYR 151 C  ? ? ? 1_555 A MSE 152 N  ? ? A TYR 151 A MSE 152 1_555 ? ? ? ? ? ? ? 1.336 ? ? 
covale11 covale both ? A MSE 152 C  ? ? ? 1_555 A LEU 153 N  ? ? A MSE 152 A LEU 153 1_555 ? ? ? ? ? ? ? 1.334 ? ? 
metalc1  metalc ?    ? A GLY 100 O  ? ? ? 1_555 F CA  .   CA ? ? A GLY 100 A CA  167 1_555 ? ? ? ? ? ? ? 2.663 ? ? 
metalc2  metalc ?    ? F CA  .   CA ? ? ? 1_555 I HOH .   O  ? ? A CA  167 A HOH 235 1_555 ? ? ? ? ? ? ? 2.394 ? ? 
metalc3  metalc ?    ? F CA  .   CA ? ? ? 1_555 I HOH .   O  ? ? A CA  167 A HOH 239 1_555 ? ? ? ? ? ? ? 2.632 ? ? 
metalc4  metalc ?    ? F CA  .   CA ? ? ? 1_555 I HOH .   O  ? ? A CA  167 A HOH 251 1_555 ? ? ? ? ? ? ? 2.485 ? ? 
# 
loop_
_struct_conn_type.id 
_struct_conn_type.criteria 
_struct_conn_type.reference 
covale ? ? 
metalc ? ? 
# 
loop_
_pdbx_struct_conn_angle.id 
_pdbx_struct_conn_angle.ptnr1_label_atom_id 
_pdbx_struct_conn_angle.ptnr1_label_alt_id 
_pdbx_struct_conn_angle.ptnr1_label_asym_id 
_pdbx_struct_conn_angle.ptnr1_label_comp_id 
_pdbx_struct_conn_angle.ptnr1_label_seq_id 
_pdbx_struct_conn_angle.ptnr1_auth_atom_id 
_pdbx_struct_conn_angle.ptnr1_auth_asym_id 
_pdbx_struct_conn_angle.ptnr1_auth_comp_id 
_pdbx_struct_conn_angle.ptnr1_auth_seq_id 
_pdbx_struct_conn_angle.ptnr1_PDB_ins_code 
_pdbx_struct_conn_angle.ptnr1_symmetry 
_pdbx_struct_conn_angle.ptnr2_label_atom_id 
_pdbx_struct_conn_angle.ptnr2_label_alt_id 
_pdbx_struct_conn_angle.ptnr2_label_asym_id 
_pdbx_struct_conn_angle.ptnr2_label_comp_id 
_pdbx_struct_conn_angle.ptnr2_label_seq_id 
_pdbx_struct_conn_angle.ptnr2_auth_atom_id 
_pdbx_struct_conn_angle.ptnr2_auth_asym_id 
_pdbx_struct_conn_angle.ptnr2_auth_comp_id 
_pdbx_struct_conn_angle.ptnr2_auth_seq_id 
_pdbx_struct_conn_angle.ptnr2_PDB_ins_code 
_pdbx_struct_conn_angle.ptnr2_symmetry 
_pdbx_struct_conn_angle.ptnr3_label_atom_id 
_pdbx_struct_conn_angle.ptnr3_label_alt_id 
_pdbx_struct_conn_angle.ptnr3_label_asym_id 
_pdbx_struct_conn_angle.ptnr3_label_comp_id 
_pdbx_struct_conn_angle.ptnr3_label_seq_id 
_pdbx_struct_conn_angle.ptnr3_auth_atom_id 
_pdbx_struct_conn_angle.ptnr3_auth_asym_id 
_pdbx_struct_conn_angle.ptnr3_auth_comp_id 
_pdbx_struct_conn_angle.ptnr3_auth_seq_id 
_pdbx_struct_conn_angle.ptnr3_PDB_ins_code 
_pdbx_struct_conn_angle.ptnr3_symmetry 
_pdbx_struct_conn_angle.value 
_pdbx_struct_conn_angle.value_esd 
1 O ? A GLY 100 ? A GLY 100 ? 1_555 CA ? F CA . ? A CA 167 ? 1_555 O ? I HOH . ? A HOH 235 ? 1_555 109.4 ? 
2 O ? A GLY 100 ? A GLY 100 ? 1_555 CA ? F CA . ? A CA 167 ? 1_555 O ? I HOH . ? A HOH 239 ? 1_555 89.6  ? 
3 O ? I HOH .   ? A HOH 235 ? 1_555 CA ? F CA . ? A CA 167 ? 1_555 O ? I HOH . ? A HOH 239 ? 1_555 97.5  ? 
4 O ? A GLY 100 ? A GLY 100 ? 1_555 CA ? F CA . ? A CA 167 ? 1_555 O ? I HOH . ? A HOH 251 ? 1_555 162.2 ? 
5 O ? I HOH .   ? A HOH 235 ? 1_555 CA ? F CA . ? A CA 167 ? 1_555 O ? I HOH . ? A HOH 251 ? 1_555 87.5  ? 
6 O ? I HOH .   ? A HOH 239 ? 1_555 CA ? F CA . ? A CA 167 ? 1_555 O ? I HOH . ? A HOH 251 ? 1_555 82.4  ? 
# 
loop_
_pdbx_modification_feature.ordinal 
_pdbx_modification_feature.label_comp_id 
_pdbx_modification_feature.label_asym_id 
_pdbx_modification_feature.label_seq_id 
_pdbx_modification_feature.label_alt_id 
_pdbx_modification_feature.modified_residue_label_comp_id 
_pdbx_modification_feature.modified_residue_label_asym_id 
_pdbx_modification_feature.modified_residue_label_seq_id 
_pdbx_modification_feature.modified_residue_label_alt_id 
_pdbx_modification_feature.auth_comp_id 
_pdbx_modification_feature.auth_asym_id 
_pdbx_modification_feature.auth_seq_id 
_pdbx_modification_feature.PDB_ins_code 
_pdbx_modification_feature.symmetry 
_pdbx_modification_feature.modified_residue_auth_comp_id 
_pdbx_modification_feature.modified_residue_auth_asym_id 
_pdbx_modification_feature.modified_residue_auth_seq_id 
_pdbx_modification_feature.modified_residue_PDB_ins_code 
_pdbx_modification_feature.modified_residue_symmetry 
_pdbx_modification_feature.comp_id_linking_atom 
_pdbx_modification_feature.modified_residue_id_linking_atom 
_pdbx_modification_feature.modified_residue_id 
_pdbx_modification_feature.ref_pcm_id 
_pdbx_modification_feature.ref_comp_id 
_pdbx_modification_feature.type 
_pdbx_modification_feature.category 
1 MSE A 1   ? . . . . MSE A 1   ? 1_555 . . . . . . . MET 1 MSE Selenomethionine 'Named protein modification' 
2 MSE A 41  ? . . . . MSE A 41  ? 1_555 . . . . . . . MET 1 MSE Selenomethionine 'Named protein modification' 
3 MSE A 98  ? . . . . MSE A 98  ? 1_555 . . . . . . . MET 1 MSE Selenomethionine 'Named protein modification' 
4 MSE A 123 ? . . . . MSE A 123 ? 1_555 . . . . . . . MET 1 MSE Selenomethionine 'Named protein modification' 
5 MSE A 138 ? . . . . MSE A 138 ? 1_555 . . . . . . . MET 1 MSE Selenomethionine 'Named protein modification' 
6 MSE A 152 ? . . . . MSE A 152 ? 1_555 . . . . . . . MET 1 MSE Selenomethionine 'Named protein modification' 
# 
_struct_sheet.id               A 
_struct_sheet.type             ? 
_struct_sheet.number_strands   4 
_struct_sheet.details          ? 
# 
loop_
_struct_sheet_order.sheet_id 
_struct_sheet_order.range_id_1 
_struct_sheet_order.range_id_2 
_struct_sheet_order.offset 
_struct_sheet_order.sense 
A 1 2 ? anti-parallel 
A 2 3 ? anti-parallel 
A 3 4 ? anti-parallel 
# 
loop_
_struct_sheet_range.sheet_id 
_struct_sheet_range.id 
_struct_sheet_range.beg_label_comp_id 
_struct_sheet_range.beg_label_asym_id 
_struct_sheet_range.beg_label_seq_id 
_struct_sheet_range.pdbx_beg_PDB_ins_code 
_struct_sheet_range.end_label_comp_id 
_struct_sheet_range.end_label_asym_id 
_struct_sheet_range.end_label_seq_id 
_struct_sheet_range.pdbx_end_PDB_ins_code 
_struct_sheet_range.beg_auth_comp_id 
_struct_sheet_range.beg_auth_asym_id 
_struct_sheet_range.beg_auth_seq_id 
_struct_sheet_range.end_auth_comp_id 
_struct_sheet_range.end_auth_asym_id 
_struct_sheet_range.end_auth_seq_id 
A 1 VAL A 92  ? ARG A 97  ? VAL A 92  ARG A 97  
A 2 TYR A 104 ? VAL A 110 ? TYR A 104 VAL A 110 
A 3 VAL A 63  ? ARG A 70  ? VAL A 63  ARG A 70  
A 4 ASP A 131 ? PHE A 136 ? ASP A 131 PHE A 136 
# 
loop_
_pdbx_struct_sheet_hbond.sheet_id 
_pdbx_struct_sheet_hbond.range_id_1 
_pdbx_struct_sheet_hbond.range_id_2 
_pdbx_struct_sheet_hbond.range_1_label_atom_id 
_pdbx_struct_sheet_hbond.range_1_label_comp_id 
_pdbx_struct_sheet_hbond.range_1_label_asym_id 
_pdbx_struct_sheet_hbond.range_1_label_seq_id 
_pdbx_struct_sheet_hbond.range_1_PDB_ins_code 
_pdbx_struct_sheet_hbond.range_1_auth_atom_id 
_pdbx_struct_sheet_hbond.range_1_auth_comp_id 
_pdbx_struct_sheet_hbond.range_1_auth_asym_id 
_pdbx_struct_sheet_hbond.range_1_auth_seq_id 
_pdbx_struct_sheet_hbond.range_2_label_atom_id 
_pdbx_struct_sheet_hbond.range_2_label_comp_id 
_pdbx_struct_sheet_hbond.range_2_label_asym_id 
_pdbx_struct_sheet_hbond.range_2_label_seq_id 
_pdbx_struct_sheet_hbond.range_2_PDB_ins_code 
_pdbx_struct_sheet_hbond.range_2_auth_atom_id 
_pdbx_struct_sheet_hbond.range_2_auth_comp_id 
_pdbx_struct_sheet_hbond.range_2_auth_asym_id 
_pdbx_struct_sheet_hbond.range_2_auth_seq_id 
A 1 2 N TYR A 96  ? N TYR A 96  O LEU A 105 ? O LEU A 105 
A 2 3 O VAL A 110 ? O VAL A 110 N VAL A 63  ? N VAL A 63  
A 3 4 N PHE A 66  ? N PHE A 66  O ALA A 135 ? O ALA A 135 
# 
loop_
_struct_site.id 
_struct_site.pdbx_evidence_code 
_struct_site.pdbx_auth_asym_id 
_struct_site.pdbx_auth_comp_id 
_struct_site.pdbx_auth_seq_id 
_struct_site.pdbx_auth_ins_code 
_struct_site.pdbx_num_residues 
_struct_site.details 
AC1 Software A CL  163 ? 2 'BINDING SITE FOR RESIDUE CL A 163'  
AC2 Software A CL  164 ? 6 'BINDING SITE FOR RESIDUE CL A 164'  
AC3 Software A CL  165 ? 1 'BINDING SITE FOR RESIDUE CL A 165'  
AC4 Software A CL  166 ? 2 'BINDING SITE FOR RESIDUE CL A 166'  
AC5 Software A CA  167 ? 7 'BINDING SITE FOR RESIDUE CA A 167'  
AC6 Software A CL  168 ? 4 'BINDING SITE FOR RESIDUE CL A 168'  
AC7 Software A ACT 169 ? 7 'BINDING SITE FOR RESIDUE ACT A 169' 
# 
loop_
_struct_site_gen.id 
_struct_site_gen.site_id 
_struct_site_gen.pdbx_num_res 
_struct_site_gen.label_comp_id 
_struct_site_gen.label_asym_id 
_struct_site_gen.label_seq_id 
_struct_site_gen.pdbx_auth_ins_code 
_struct_site_gen.auth_comp_id 
_struct_site_gen.auth_asym_id 
_struct_site_gen.auth_seq_id 
_struct_site_gen.label_atom_id 
_struct_site_gen.label_alt_id 
_struct_site_gen.symmetry 
_struct_site_gen.details 
1  AC1 2 ARG A 48  ? ARG A 48  . ? 1_555 ? 
2  AC1 2 ARG A 49  ? ARG A 49  . ? 1_555 ? 
3  AC2 6 ASP A 112 ? ASP A 112 . ? 8_555 ? 
4  AC2 6 ASP A 112 ? ASP A 112 . ? 1_555 ? 
5  AC2 6 ILE A 113 ? ILE A 113 . ? 1_555 ? 
6  AC2 6 ILE A 113 ? ILE A 113 . ? 8_555 ? 
7  AC2 6 HOH I .   ? HOH A 252 . ? 8_555 ? 
8  AC2 6 HOH I .   ? HOH A 252 . ? 1_555 ? 
9  AC3 1 ARG A 50  ? ARG A 50  . ? 5_555 ? 
10 AC4 2 SER A 16  ? SER A 16  . ? 5_555 ? 
11 AC4 2 SER A 16  ? SER A 16  . ? 1_555 ? 
12 AC5 7 GLY A 100 ? GLY A 100 . ? 1_555 ? 
13 AC5 7 ASP A 103 ? ASP A 103 . ? 1_555 ? 
14 AC5 7 VAL A 132 ? VAL A 132 . ? 4_555 ? 
15 AC5 7 CL  G .   ? CL  A 168 . ? 1_555 ? 
16 AC5 7 HOH I .   ? HOH A 235 . ? 1_555 ? 
17 AC5 7 HOH I .   ? HOH A 239 . ? 1_555 ? 
18 AC5 7 HOH I .   ? HOH A 251 . ? 1_555 ? 
19 AC6 4 SER A 99  ? SER A 99  . ? 1_555 ? 
20 AC6 4 GLY A 100 ? GLY A 100 . ? 1_555 ? 
21 AC6 4 SER A 134 ? SER A 134 . ? 4_555 ? 
22 AC6 4 CA  F .   ? CA  A 167 . ? 1_555 ? 
23 AC7 7 THR A 71  ? THR A 71  . ? 1_555 ? 
24 AC7 7 ASP A 103 ? ASP A 103 . ? 1_555 ? 
25 AC7 7 ILE A 129 ? ILE A 129 . ? 4_555 ? 
26 AC7 7 ARG A 130 ? ARG A 130 . ? 4_555 ? 
27 AC7 7 ASP A 131 ? ASP A 131 . ? 4_555 ? 
28 AC7 7 VAL A 132 ? VAL A 132 . ? 4_555 ? 
29 AC7 7 HOH I .   ? HOH A 251 . ? 1_555 ? 
# 
_pdbx_entry_details.entry_id                   3I4P 
_pdbx_entry_details.compound_details           ? 
_pdbx_entry_details.source_details             ? 
_pdbx_entry_details.nonpolymer_details         ? 
_pdbx_entry_details.sequence_details           ? 
_pdbx_entry_details.has_ligand_of_interest     ? 
_pdbx_entry_details.has_protein_modification   Y 
# 
_pdbx_validate_torsion.id              1 
_pdbx_validate_torsion.PDB_model_num   1 
_pdbx_validate_torsion.auth_comp_id    ASP 
_pdbx_validate_torsion.auth_asym_id    A 
_pdbx_validate_torsion.auth_seq_id     15 
_pdbx_validate_torsion.PDB_ins_code    ? 
_pdbx_validate_torsion.label_alt_id    ? 
_pdbx_validate_torsion.phi             -169.39 
_pdbx_validate_torsion.psi             112.98 
# 
_pdbx_SG_project.id                    1 
_pdbx_SG_project.project_name          'PSI, Protein Structure Initiative' 
_pdbx_SG_project.full_name_of_center   'Midwest Center for Structural Genomics' 
_pdbx_SG_project.initial_of_center     MCSG 
# 
loop_
_pdbx_struct_mod_residue.id 
_pdbx_struct_mod_residue.label_asym_id 
_pdbx_struct_mod_residue.label_comp_id 
_pdbx_struct_mod_residue.label_seq_id 
_pdbx_struct_mod_residue.auth_asym_id 
_pdbx_struct_mod_residue.auth_comp_id 
_pdbx_struct_mod_residue.auth_seq_id 
_pdbx_struct_mod_residue.PDB_ins_code 
_pdbx_struct_mod_residue.parent_comp_id 
_pdbx_struct_mod_residue.details 
1 A MSE 1   A MSE 1   ? MET SELENOMETHIONINE 
2 A MSE 41  A MSE 41  ? MET SELENOMETHIONINE 
3 A MSE 98  A MSE 98  ? MET SELENOMETHIONINE 
4 A MSE 123 A MSE 123 ? MET SELENOMETHIONINE 
5 A MSE 138 A MSE 138 ? MET SELENOMETHIONINE 
6 A MSE 152 A MSE 152 ? MET SELENOMETHIONINE 
# 
loop_
_pdbx_struct_special_symmetry.id 
_pdbx_struct_special_symmetry.PDB_model_num 
_pdbx_struct_special_symmetry.auth_asym_id 
_pdbx_struct_special_symmetry.auth_comp_id 
_pdbx_struct_special_symmetry.auth_seq_id 
_pdbx_struct_special_symmetry.PDB_ins_code 
_pdbx_struct_special_symmetry.label_asym_id 
_pdbx_struct_special_symmetry.label_comp_id 
_pdbx_struct_special_symmetry.label_seq_id 
1 1 A CL  164 ? C CL  . 
2 1 A CL  166 ? E CL  . 
3 1 A HOH 202 ? I HOH . 
# 
loop_
_pdbx_refine_tls.id 
_pdbx_refine_tls.details 
_pdbx_refine_tls.method 
_pdbx_refine_tls.origin_x 
_pdbx_refine_tls.origin_y 
_pdbx_refine_tls.origin_z 
_pdbx_refine_tls.T[1][1] 
_pdbx_refine_tls.T[2][2] 
_pdbx_refine_tls.T[3][3] 
_pdbx_refine_tls.T[1][2] 
_pdbx_refine_tls.T[1][3] 
_pdbx_refine_tls.T[2][3] 
_pdbx_refine_tls.L[1][1] 
_pdbx_refine_tls.L[2][2] 
_pdbx_refine_tls.L[3][3] 
_pdbx_refine_tls.L[1][2] 
_pdbx_refine_tls.L[1][3] 
_pdbx_refine_tls.L[2][3] 
_pdbx_refine_tls.S[1][1] 
_pdbx_refine_tls.S[1][2] 
_pdbx_refine_tls.S[1][3] 
_pdbx_refine_tls.S[2][1] 
_pdbx_refine_tls.S[2][2] 
_pdbx_refine_tls.S[2][3] 
_pdbx_refine_tls.S[3][1] 
_pdbx_refine_tls.S[3][2] 
_pdbx_refine_tls.S[3][3] 
_pdbx_refine_tls.pdbx_refine_id 
1 ? refined -10.0943 -17.2007 -1.6151 0.2724 0.1060 0.1871 -0.1242 0.1431  -0.1199 5.8495 9.6403 4.6685 -1.1699 -4.2365 -0.6732 -0.2124 0.3530  -0.4746 0.0834 -0.1226 0.5579  0.4841  -0.2196 0.3349  'X-RAY DIFFRACTION' 
2 ? refined -7.5535  -19.9996 4.8896  0.7081 0.3421 0.4541 -0.0615 0.2164  -0.0185 9.3789 9.7044 1.2348 3.9961  -1.2351 0.6045  -0.1274 -0.3060 -0.7719 0.8344 -0.1969 0.1938  0.3687  0.1937  0.3243  'X-RAY DIFFRACTION' 
3 ? refined 2.1407   8.5812   0.0013  0.2014 0.0646 0.1416 -0.0466 0.0330  -0.0841 3.2567 2.3627 3.3335 -0.6279 -1.8455 -0.3648 0.0251  -0.0511 0.3394  0.1660 0.1295  -0.2571 -0.1547 0.0905  -0.1547 'X-RAY DIFFRACTION' 
4 ? refined 7.2369   11.1963  0.4795  0.1812 0.1803 0.2125 -0.0536 -0.0610 -0.0906 1.2808 6.1289 2.2228 -1.0383 -0.5993 1.0555  0.0968  -0.1267 0.3646  0.2876 0.0357  -0.6970 -0.1222 0.3295  -0.1324 'X-RAY DIFFRACTION' 
5 ? refined 2.3214   6.0998   -4.7917 0.1442 0.1076 0.0608 -0.0110 -0.0119 -0.0737 2.6007 3.8368 3.0475 0.4976  -0.5644 0.2863  0.0232  -0.1011 0.1801  0.1975 0.0177  -0.0743 -0.0718 0.1315  -0.0409 'X-RAY DIFFRACTION' 
# 
loop_
_pdbx_refine_tls_group.id 
_pdbx_refine_tls_group.refine_tls_id 
_pdbx_refine_tls_group.beg_auth_asym_id 
_pdbx_refine_tls_group.beg_auth_seq_id 
_pdbx_refine_tls_group.beg_label_asym_id 
_pdbx_refine_tls_group.beg_label_seq_id 
_pdbx_refine_tls_group.end_auth_asym_id 
_pdbx_refine_tls_group.end_auth_seq_id 
_pdbx_refine_tls_group.end_label_asym_id 
_pdbx_refine_tls_group.end_label_seq_id 
_pdbx_refine_tls_group.selection 
_pdbx_refine_tls_group.pdbx_refine_id 
_pdbx_refine_tls_group.selection_details 
1 1 A 1   ? ? A 22  ? ? ? 'X-RAY DIFFRACTION' ? 
2 2 A 23  ? ? A 49  ? ? ? 'X-RAY DIFFRACTION' ? 
3 3 A 50  ? ? A 78  ? ? ? 'X-RAY DIFFRACTION' ? 
4 4 A 79  ? ? A 121 ? ? ? 'X-RAY DIFFRACTION' ? 
5 5 A 122 ? ? A 153 ? ? ? 'X-RAY DIFFRACTION' ? 
# 
loop_
_pdbx_unobs_or_zero_occ_residues.id 
_pdbx_unobs_or_zero_occ_residues.PDB_model_num 
_pdbx_unobs_or_zero_occ_residues.polymer_flag 
_pdbx_unobs_or_zero_occ_residues.occupancy_flag 
_pdbx_unobs_or_zero_occ_residues.auth_asym_id 
_pdbx_unobs_or_zero_occ_residues.auth_comp_id 
_pdbx_unobs_or_zero_occ_residues.auth_seq_id 
_pdbx_unobs_or_zero_occ_residues.PDB_ins_code 
_pdbx_unobs_or_zero_occ_residues.label_asym_id 
_pdbx_unobs_or_zero_occ_residues.label_comp_id 
_pdbx_unobs_or_zero_occ_residues.label_seq_id 
1 1 Y 1 A LEU 154 ? A LEU 154 
2 1 Y 1 A ASP 155 ? A ASP 155 
3 1 Y 1 A ASN 156 ? A ASN 156 
4 1 Y 1 A PRO 157 ? A PRO 157 
5 1 Y 1 A LYS 158 ? A LYS 158 
6 1 Y 1 A SER 159 ? A SER 159 
7 1 Y 1 A GLY 160 ? A GLY 160 
8 1 Y 1 A GLU 161 ? A GLU 161 
9 1 Y 1 A GLU 162 ? A GLU 162 
# 
loop_
_chem_comp_atom.comp_id 
_chem_comp_atom.atom_id 
_chem_comp_atom.type_symbol 
_chem_comp_atom.pdbx_aromatic_flag 
_chem_comp_atom.pdbx_stereo_config 
_chem_comp_atom.pdbx_ordinal 
ACT C    C  N N 1   
ACT O    O  N N 2   
ACT OXT  O  N N 3   
ACT CH3  C  N N 4   
ACT H1   H  N N 5   
ACT H2   H  N N 6   
ACT H3   H  N N 7   
ALA N    N  N N 8   
ALA CA   C  N S 9   
ALA C    C  N N 10  
ALA O    O  N N 11  
ALA CB   C  N N 12  
ALA OXT  O  N N 13  
ALA H    H  N N 14  
ALA H2   H  N N 15  
ALA HA   H  N N 16  
ALA HB1  H  N N 17  
ALA HB2  H  N N 18  
ALA HB3  H  N N 19  
ALA HXT  H  N N 20  
ARG N    N  N N 21  
ARG CA   C  N S 22  
ARG C    C  N N 23  
ARG O    O  N N 24  
ARG CB   C  N N 25  
ARG CG   C  N N 26  
ARG CD   C  N N 27  
ARG NE   N  N N 28  
ARG CZ   C  N N 29  
ARG NH1  N  N N 30  
ARG NH2  N  N N 31  
ARG OXT  O  N N 32  
ARG H    H  N N 33  
ARG H2   H  N N 34  
ARG HA   H  N N 35  
ARG HB2  H  N N 36  
ARG HB3  H  N N 37  
ARG HG2  H  N N 38  
ARG HG3  H  N N 39  
ARG HD2  H  N N 40  
ARG HD3  H  N N 41  
ARG HE   H  N N 42  
ARG HH11 H  N N 43  
ARG HH12 H  N N 44  
ARG HH21 H  N N 45  
ARG HH22 H  N N 46  
ARG HXT  H  N N 47  
ASN N    N  N N 48  
ASN CA   C  N S 49  
ASN C    C  N N 50  
ASN O    O  N N 51  
ASN CB   C  N N 52  
ASN CG   C  N N 53  
ASN OD1  O  N N 54  
ASN ND2  N  N N 55  
ASN OXT  O  N N 56  
ASN H    H  N N 57  
ASN H2   H  N N 58  
ASN HA   H  N N 59  
ASN HB2  H  N N 60  
ASN HB3  H  N N 61  
ASN HD21 H  N N 62  
ASN HD22 H  N N 63  
ASN HXT  H  N N 64  
ASP N    N  N N 65  
ASP CA   C  N S 66  
ASP C    C  N N 67  
ASP O    O  N N 68  
ASP CB   C  N N 69  
ASP CG   C  N N 70  
ASP OD1  O  N N 71  
ASP OD2  O  N N 72  
ASP OXT  O  N N 73  
ASP H    H  N N 74  
ASP H2   H  N N 75  
ASP HA   H  N N 76  
ASP HB2  H  N N 77  
ASP HB3  H  N N 78  
ASP HD2  H  N N 79  
ASP HXT  H  N N 80  
CA  CA   CA N N 81  
CL  CL   CL N N 82  
CYS N    N  N N 83  
CYS CA   C  N R 84  
CYS C    C  N N 85  
CYS O    O  N N 86  
CYS CB   C  N N 87  
CYS SG   S  N N 88  
CYS OXT  O  N N 89  
CYS H    H  N N 90  
CYS H2   H  N N 91  
CYS HA   H  N N 92  
CYS HB2  H  N N 93  
CYS HB3  H  N N 94  
CYS HG   H  N N 95  
CYS HXT  H  N N 96  
GLN N    N  N N 97  
GLN CA   C  N S 98  
GLN C    C  N N 99  
GLN O    O  N N 100 
GLN CB   C  N N 101 
GLN CG   C  N N 102 
GLN CD   C  N N 103 
GLN OE1  O  N N 104 
GLN NE2  N  N N 105 
GLN OXT  O  N N 106 
GLN H    H  N N 107 
GLN H2   H  N N 108 
GLN HA   H  N N 109 
GLN HB2  H  N N 110 
GLN HB3  H  N N 111 
GLN HG2  H  N N 112 
GLN HG3  H  N N 113 
GLN HE21 H  N N 114 
GLN HE22 H  N N 115 
GLN HXT  H  N N 116 
GLU N    N  N N 117 
GLU CA   C  N S 118 
GLU C    C  N N 119 
GLU O    O  N N 120 
GLU CB   C  N N 121 
GLU CG   C  N N 122 
GLU CD   C  N N 123 
GLU OE1  O  N N 124 
GLU OE2  O  N N 125 
GLU OXT  O  N N 126 
GLU H    H  N N 127 
GLU H2   H  N N 128 
GLU HA   H  N N 129 
GLU HB2  H  N N 130 
GLU HB3  H  N N 131 
GLU HG2  H  N N 132 
GLU HG3  H  N N 133 
GLU HE2  H  N N 134 
GLU HXT  H  N N 135 
GLY N    N  N N 136 
GLY CA   C  N N 137 
GLY C    C  N N 138 
GLY O    O  N N 139 
GLY OXT  O  N N 140 
GLY H    H  N N 141 
GLY H2   H  N N 142 
GLY HA2  H  N N 143 
GLY HA3  H  N N 144 
GLY HXT  H  N N 145 
HIS N    N  N N 146 
HIS CA   C  N S 147 
HIS C    C  N N 148 
HIS O    O  N N 149 
HIS CB   C  N N 150 
HIS CG   C  Y N 151 
HIS ND1  N  Y N 152 
HIS CD2  C  Y N 153 
HIS CE1  C  Y N 154 
HIS NE2  N  Y N 155 
HIS OXT  O  N N 156 
HIS H    H  N N 157 
HIS H2   H  N N 158 
HIS HA   H  N N 159 
HIS HB2  H  N N 160 
HIS HB3  H  N N 161 
HIS HD1  H  N N 162 
HIS HD2  H  N N 163 
HIS HE1  H  N N 164 
HIS HE2  H  N N 165 
HIS HXT  H  N N 166 
HOH O    O  N N 167 
HOH H1   H  N N 168 
HOH H2   H  N N 169 
ILE N    N  N N 170 
ILE CA   C  N S 171 
ILE C    C  N N 172 
ILE O    O  N N 173 
ILE CB   C  N S 174 
ILE CG1  C  N N 175 
ILE CG2  C  N N 176 
ILE CD1  C  N N 177 
ILE OXT  O  N N 178 
ILE H    H  N N 179 
ILE H2   H  N N 180 
ILE HA   H  N N 181 
ILE HB   H  N N 182 
ILE HG12 H  N N 183 
ILE HG13 H  N N 184 
ILE HG21 H  N N 185 
ILE HG22 H  N N 186 
ILE HG23 H  N N 187 
ILE HD11 H  N N 188 
ILE HD12 H  N N 189 
ILE HD13 H  N N 190 
ILE HXT  H  N N 191 
LEU N    N  N N 192 
LEU CA   C  N S 193 
LEU C    C  N N 194 
LEU O    O  N N 195 
LEU CB   C  N N 196 
LEU CG   C  N N 197 
LEU CD1  C  N N 198 
LEU CD2  C  N N 199 
LEU OXT  O  N N 200 
LEU H    H  N N 201 
LEU H2   H  N N 202 
LEU HA   H  N N 203 
LEU HB2  H  N N 204 
LEU HB3  H  N N 205 
LEU HG   H  N N 206 
LEU HD11 H  N N 207 
LEU HD12 H  N N 208 
LEU HD13 H  N N 209 
LEU HD21 H  N N 210 
LEU HD22 H  N N 211 
LEU HD23 H  N N 212 
LEU HXT  H  N N 213 
LYS N    N  N N 214 
LYS CA   C  N S 215 
LYS C    C  N N 216 
LYS O    O  N N 217 
LYS CB   C  N N 218 
LYS CG   C  N N 219 
LYS CD   C  N N 220 
LYS CE   C  N N 221 
LYS NZ   N  N N 222 
LYS OXT  O  N N 223 
LYS H    H  N N 224 
LYS H2   H  N N 225 
LYS HA   H  N N 226 
LYS HB2  H  N N 227 
LYS HB3  H  N N 228 
LYS HG2  H  N N 229 
LYS HG3  H  N N 230 
LYS HD2  H  N N 231 
LYS HD3  H  N N 232 
LYS HE2  H  N N 233 
LYS HE3  H  N N 234 
LYS HZ1  H  N N 235 
LYS HZ2  H  N N 236 
LYS HZ3  H  N N 237 
LYS HXT  H  N N 238 
MSE N    N  N N 239 
MSE CA   C  N S 240 
MSE C    C  N N 241 
MSE O    O  N N 242 
MSE OXT  O  N N 243 
MSE CB   C  N N 244 
MSE CG   C  N N 245 
MSE SE   SE N N 246 
MSE CE   C  N N 247 
MSE H    H  N N 248 
MSE H2   H  N N 249 
MSE HA   H  N N 250 
MSE HXT  H  N N 251 
MSE HB2  H  N N 252 
MSE HB3  H  N N 253 
MSE HG2  H  N N 254 
MSE HG3  H  N N 255 
MSE HE1  H  N N 256 
MSE HE2  H  N N 257 
MSE HE3  H  N N 258 
PHE N    N  N N 259 
PHE CA   C  N S 260 
PHE C    C  N N 261 
PHE O    O  N N 262 
PHE CB   C  N N 263 
PHE CG   C  Y N 264 
PHE CD1  C  Y N 265 
PHE CD2  C  Y N 266 
PHE CE1  C  Y N 267 
PHE CE2  C  Y N 268 
PHE CZ   C  Y N 269 
PHE OXT  O  N N 270 
PHE H    H  N N 271 
PHE H2   H  N N 272 
PHE HA   H  N N 273 
PHE HB2  H  N N 274 
PHE HB3  H  N N 275 
PHE HD1  H  N N 276 
PHE HD2  H  N N 277 
PHE HE1  H  N N 278 
PHE HE2  H  N N 279 
PHE HZ   H  N N 280 
PHE HXT  H  N N 281 
PRO N    N  N N 282 
PRO CA   C  N S 283 
PRO C    C  N N 284 
PRO O    O  N N 285 
PRO CB   C  N N 286 
PRO CG   C  N N 287 
PRO CD   C  N N 288 
PRO OXT  O  N N 289 
PRO H    H  N N 290 
PRO HA   H  N N 291 
PRO HB2  H  N N 292 
PRO HB3  H  N N 293 
PRO HG2  H  N N 294 
PRO HG3  H  N N 295 
PRO HD2  H  N N 296 
PRO HD3  H  N N 297 
PRO HXT  H  N N 298 
SER N    N  N N 299 
SER CA   C  N S 300 
SER C    C  N N 301 
SER O    O  N N 302 
SER CB   C  N N 303 
SER OG   O  N N 304 
SER OXT  O  N N 305 
SER H    H  N N 306 
SER H2   H  N N 307 
SER HA   H  N N 308 
SER HB2  H  N N 309 
SER HB3  H  N N 310 
SER HG   H  N N 311 
SER HXT  H  N N 312 
THR N    N  N N 313 
THR CA   C  N S 314 
THR C    C  N N 315 
THR O    O  N N 316 
THR CB   C  N R 317 
THR OG1  O  N N 318 
THR CG2  C  N N 319 
THR OXT  O  N N 320 
THR H    H  N N 321 
THR H2   H  N N 322 
THR HA   H  N N 323 
THR HB   H  N N 324 
THR HG1  H  N N 325 
THR HG21 H  N N 326 
THR HG22 H  N N 327 
THR HG23 H  N N 328 
THR HXT  H  N N 329 
TRP N    N  N N 330 
TRP CA   C  N S 331 
TRP C    C  N N 332 
TRP O    O  N N 333 
TRP CB   C  N N 334 
TRP CG   C  Y N 335 
TRP CD1  C  Y N 336 
TRP CD2  C  Y N 337 
TRP NE1  N  Y N 338 
TRP CE2  C  Y N 339 
TRP CE3  C  Y N 340 
TRP CZ2  C  Y N 341 
TRP CZ3  C  Y N 342 
TRP CH2  C  Y N 343 
TRP OXT  O  N N 344 
TRP H    H  N N 345 
TRP H2   H  N N 346 
TRP HA   H  N N 347 
TRP HB2  H  N N 348 
TRP HB3  H  N N 349 
TRP HD1  H  N N 350 
TRP HE1  H  N N 351 
TRP HE3  H  N N 352 
TRP HZ2  H  N N 353 
TRP HZ3  H  N N 354 
TRP HH2  H  N N 355 
TRP HXT  H  N N 356 
TYR N    N  N N 357 
TYR CA   C  N S 358 
TYR C    C  N N 359 
TYR O    O  N N 360 
TYR CB   C  N N 361 
TYR CG   C  Y N 362 
TYR CD1  C  Y N 363 
TYR CD2  C  Y N 364 
TYR CE1  C  Y N 365 
TYR CE2  C  Y N 366 
TYR CZ   C  Y N 367 
TYR OH   O  N N 368 
TYR OXT  O  N N 369 
TYR H    H  N N 370 
TYR H2   H  N N 371 
TYR HA   H  N N 372 
TYR HB2  H  N N 373 
TYR HB3  H  N N 374 
TYR HD1  H  N N 375 
TYR HD2  H  N N 376 
TYR HE1  H  N N 377 
TYR HE2  H  N N 378 
TYR HH   H  N N 379 
TYR HXT  H  N N 380 
VAL N    N  N N 381 
VAL CA   C  N S 382 
VAL C    C  N N 383 
VAL O    O  N N 384 
VAL CB   C  N N 385 
VAL CG1  C  N N 386 
VAL CG2  C  N N 387 
VAL OXT  O  N N 388 
VAL H    H  N N 389 
VAL H2   H  N N 390 
VAL HA   H  N N 391 
VAL HB   H  N N 392 
VAL HG11 H  N N 393 
VAL HG12 H  N N 394 
VAL HG13 H  N N 395 
VAL HG21 H  N N 396 
VAL HG22 H  N N 397 
VAL HG23 H  N N 398 
VAL HXT  H  N N 399 
# 
loop_
_chem_comp_bond.comp_id 
_chem_comp_bond.atom_id_1 
_chem_comp_bond.atom_id_2 
_chem_comp_bond.value_order 
_chem_comp_bond.pdbx_aromatic_flag 
_chem_comp_bond.pdbx_stereo_config 
_chem_comp_bond.pdbx_ordinal 
ACT C   O    doub N N 1   
ACT C   OXT  sing N N 2   
ACT C   CH3  sing N N 3   
ACT CH3 H1   sing N N 4   
ACT CH3 H2   sing N N 5   
ACT CH3 H3   sing N N 6   
ALA N   CA   sing N N 7   
ALA N   H    sing N N 8   
ALA N   H2   sing N N 9   
ALA CA  C    sing N N 10  
ALA CA  CB   sing N N 11  
ALA CA  HA   sing N N 12  
ALA C   O    doub N N 13  
ALA C   OXT  sing N N 14  
ALA CB  HB1  sing N N 15  
ALA CB  HB2  sing N N 16  
ALA CB  HB3  sing N N 17  
ALA OXT HXT  sing N N 18  
ARG N   CA   sing N N 19  
ARG N   H    sing N N 20  
ARG N   H2   sing N N 21  
ARG CA  C    sing N N 22  
ARG CA  CB   sing N N 23  
ARG CA  HA   sing N N 24  
ARG C   O    doub N N 25  
ARG C   OXT  sing N N 26  
ARG CB  CG   sing N N 27  
ARG CB  HB2  sing N N 28  
ARG CB  HB3  sing N N 29  
ARG CG  CD   sing N N 30  
ARG CG  HG2  sing N N 31  
ARG CG  HG3  sing N N 32  
ARG CD  NE   sing N N 33  
ARG CD  HD2  sing N N 34  
ARG CD  HD3  sing N N 35  
ARG NE  CZ   sing N N 36  
ARG NE  HE   sing N N 37  
ARG CZ  NH1  sing N N 38  
ARG CZ  NH2  doub N N 39  
ARG NH1 HH11 sing N N 40  
ARG NH1 HH12 sing N N 41  
ARG NH2 HH21 sing N N 42  
ARG NH2 HH22 sing N N 43  
ARG OXT HXT  sing N N 44  
ASN N   CA   sing N N 45  
ASN N   H    sing N N 46  
ASN N   H2   sing N N 47  
ASN CA  C    sing N N 48  
ASN CA  CB   sing N N 49  
ASN CA  HA   sing N N 50  
ASN C   O    doub N N 51  
ASN C   OXT  sing N N 52  
ASN CB  CG   sing N N 53  
ASN CB  HB2  sing N N 54  
ASN CB  HB3  sing N N 55  
ASN CG  OD1  doub N N 56  
ASN CG  ND2  sing N N 57  
ASN ND2 HD21 sing N N 58  
ASN ND2 HD22 sing N N 59  
ASN OXT HXT  sing N N 60  
ASP N   CA   sing N N 61  
ASP N   H    sing N N 62  
ASP N   H2   sing N N 63  
ASP CA  C    sing N N 64  
ASP CA  CB   sing N N 65  
ASP CA  HA   sing N N 66  
ASP C   O    doub N N 67  
ASP C   OXT  sing N N 68  
ASP CB  CG   sing N N 69  
ASP CB  HB2  sing N N 70  
ASP CB  HB3  sing N N 71  
ASP CG  OD1  doub N N 72  
ASP CG  OD2  sing N N 73  
ASP OD2 HD2  sing N N 74  
ASP OXT HXT  sing N N 75  
CYS N   CA   sing N N 76  
CYS N   H    sing N N 77  
CYS N   H2   sing N N 78  
CYS CA  C    sing N N 79  
CYS CA  CB   sing N N 80  
CYS CA  HA   sing N N 81  
CYS C   O    doub N N 82  
CYS C   OXT  sing N N 83  
CYS CB  SG   sing N N 84  
CYS CB  HB2  sing N N 85  
CYS CB  HB3  sing N N 86  
CYS SG  HG   sing N N 87  
CYS OXT HXT  sing N N 88  
GLN N   CA   sing N N 89  
GLN N   H    sing N N 90  
GLN N   H2   sing N N 91  
GLN CA  C    sing N N 92  
GLN CA  CB   sing N N 93  
GLN CA  HA   sing N N 94  
GLN C   O    doub N N 95  
GLN C   OXT  sing N N 96  
GLN CB  CG   sing N N 97  
GLN CB  HB2  sing N N 98  
GLN CB  HB3  sing N N 99  
GLN CG  CD   sing N N 100 
GLN CG  HG2  sing N N 101 
GLN CG  HG3  sing N N 102 
GLN CD  OE1  doub N N 103 
GLN CD  NE2  sing N N 104 
GLN NE2 HE21 sing N N 105 
GLN NE2 HE22 sing N N 106 
GLN OXT HXT  sing N N 107 
GLU N   CA   sing N N 108 
GLU N   H    sing N N 109 
GLU N   H2   sing N N 110 
GLU CA  C    sing N N 111 
GLU CA  CB   sing N N 112 
GLU CA  HA   sing N N 113 
GLU C   O    doub N N 114 
GLU C   OXT  sing N N 115 
GLU CB  CG   sing N N 116 
GLU CB  HB2  sing N N 117 
GLU CB  HB3  sing N N 118 
GLU CG  CD   sing N N 119 
GLU CG  HG2  sing N N 120 
GLU CG  HG3  sing N N 121 
GLU CD  OE1  doub N N 122 
GLU CD  OE2  sing N N 123 
GLU OE2 HE2  sing N N 124 
GLU OXT HXT  sing N N 125 
GLY N   CA   sing N N 126 
GLY N   H    sing N N 127 
GLY N   H2   sing N N 128 
GLY CA  C    sing N N 129 
GLY CA  HA2  sing N N 130 
GLY CA  HA3  sing N N 131 
GLY C   O    doub N N 132 
GLY C   OXT  sing N N 133 
GLY OXT HXT  sing N N 134 
HIS N   CA   sing N N 135 
HIS N   H    sing N N 136 
HIS N   H2   sing N N 137 
HIS CA  C    sing N N 138 
HIS CA  CB   sing N N 139 
HIS CA  HA   sing N N 140 
HIS C   O    doub N N 141 
HIS C   OXT  sing N N 142 
HIS CB  CG   sing N N 143 
HIS CB  HB2  sing N N 144 
HIS CB  HB3  sing N N 145 
HIS CG  ND1  sing Y N 146 
HIS CG  CD2  doub Y N 147 
HIS ND1 CE1  doub Y N 148 
HIS ND1 HD1  sing N N 149 
HIS CD2 NE2  sing Y N 150 
HIS CD2 HD2  sing N N 151 
HIS CE1 NE2  sing Y N 152 
HIS CE1 HE1  sing N N 153 
HIS NE2 HE2  sing N N 154 
HIS OXT HXT  sing N N 155 
HOH O   H1   sing N N 156 
HOH O   H2   sing N N 157 
ILE N   CA   sing N N 158 
ILE N   H    sing N N 159 
ILE N   H2   sing N N 160 
ILE CA  C    sing N N 161 
ILE CA  CB   sing N N 162 
ILE CA  HA   sing N N 163 
ILE C   O    doub N N 164 
ILE C   OXT  sing N N 165 
ILE CB  CG1  sing N N 166 
ILE CB  CG2  sing N N 167 
ILE CB  HB   sing N N 168 
ILE CG1 CD1  sing N N 169 
ILE CG1 HG12 sing N N 170 
ILE CG1 HG13 sing N N 171 
ILE CG2 HG21 sing N N 172 
ILE CG2 HG22 sing N N 173 
ILE CG2 HG23 sing N N 174 
ILE CD1 HD11 sing N N 175 
ILE CD1 HD12 sing N N 176 
ILE CD1 HD13 sing N N 177 
ILE OXT HXT  sing N N 178 
LEU N   CA   sing N N 179 
LEU N   H    sing N N 180 
LEU N   H2   sing N N 181 
LEU CA  C    sing N N 182 
LEU CA  CB   sing N N 183 
LEU CA  HA   sing N N 184 
LEU C   O    doub N N 185 
LEU C   OXT  sing N N 186 
LEU CB  CG   sing N N 187 
LEU CB  HB2  sing N N 188 
LEU CB  HB3  sing N N 189 
LEU CG  CD1  sing N N 190 
LEU CG  CD2  sing N N 191 
LEU CG  HG   sing N N 192 
LEU CD1 HD11 sing N N 193 
LEU CD1 HD12 sing N N 194 
LEU CD1 HD13 sing N N 195 
LEU CD2 HD21 sing N N 196 
LEU CD2 HD22 sing N N 197 
LEU CD2 HD23 sing N N 198 
LEU OXT HXT  sing N N 199 
LYS N   CA   sing N N 200 
LYS N   H    sing N N 201 
LYS N   H2   sing N N 202 
LYS CA  C    sing N N 203 
LYS CA  CB   sing N N 204 
LYS CA  HA   sing N N 205 
LYS C   O    doub N N 206 
LYS C   OXT  sing N N 207 
LYS CB  CG   sing N N 208 
LYS CB  HB2  sing N N 209 
LYS CB  HB3  sing N N 210 
LYS CG  CD   sing N N 211 
LYS CG  HG2  sing N N 212 
LYS CG  HG3  sing N N 213 
LYS CD  CE   sing N N 214 
LYS CD  HD2  sing N N 215 
LYS CD  HD3  sing N N 216 
LYS CE  NZ   sing N N 217 
LYS CE  HE2  sing N N 218 
LYS CE  HE3  sing N N 219 
LYS NZ  HZ1  sing N N 220 
LYS NZ  HZ2  sing N N 221 
LYS NZ  HZ3  sing N N 222 
LYS OXT HXT  sing N N 223 
MSE N   CA   sing N N 224 
MSE N   H    sing N N 225 
MSE N   H2   sing N N 226 
MSE CA  C    sing N N 227 
MSE CA  CB   sing N N 228 
MSE CA  HA   sing N N 229 
MSE C   O    doub N N 230 
MSE C   OXT  sing N N 231 
MSE OXT HXT  sing N N 232 
MSE CB  CG   sing N N 233 
MSE CB  HB2  sing N N 234 
MSE CB  HB3  sing N N 235 
MSE CG  SE   sing N N 236 
MSE CG  HG2  sing N N 237 
MSE CG  HG3  sing N N 238 
MSE SE  CE   sing N N 239 
MSE CE  HE1  sing N N 240 
MSE CE  HE2  sing N N 241 
MSE CE  HE3  sing N N 242 
PHE N   CA   sing N N 243 
PHE N   H    sing N N 244 
PHE N   H2   sing N N 245 
PHE CA  C    sing N N 246 
PHE CA  CB   sing N N 247 
PHE CA  HA   sing N N 248 
PHE C   O    doub N N 249 
PHE C   OXT  sing N N 250 
PHE CB  CG   sing N N 251 
PHE CB  HB2  sing N N 252 
PHE CB  HB3  sing N N 253 
PHE CG  CD1  doub Y N 254 
PHE CG  CD2  sing Y N 255 
PHE CD1 CE1  sing Y N 256 
PHE CD1 HD1  sing N N 257 
PHE CD2 CE2  doub Y N 258 
PHE CD2 HD2  sing N N 259 
PHE CE1 CZ   doub Y N 260 
PHE CE1 HE1  sing N N 261 
PHE CE2 CZ   sing Y N 262 
PHE CE2 HE2  sing N N 263 
PHE CZ  HZ   sing N N 264 
PHE OXT HXT  sing N N 265 
PRO N   CA   sing N N 266 
PRO N   CD   sing N N 267 
PRO N   H    sing N N 268 
PRO CA  C    sing N N 269 
PRO CA  CB   sing N N 270 
PRO CA  HA   sing N N 271 
PRO C   O    doub N N 272 
PRO C   OXT  sing N N 273 
PRO CB  CG   sing N N 274 
PRO CB  HB2  sing N N 275 
PRO CB  HB3  sing N N 276 
PRO CG  CD   sing N N 277 
PRO CG  HG2  sing N N 278 
PRO CG  HG3  sing N N 279 
PRO CD  HD2  sing N N 280 
PRO CD  HD3  sing N N 281 
PRO OXT HXT  sing N N 282 
SER N   CA   sing N N 283 
SER N   H    sing N N 284 
SER N   H2   sing N N 285 
SER CA  C    sing N N 286 
SER CA  CB   sing N N 287 
SER CA  HA   sing N N 288 
SER C   O    doub N N 289 
SER C   OXT  sing N N 290 
SER CB  OG   sing N N 291 
SER CB  HB2  sing N N 292 
SER CB  HB3  sing N N 293 
SER OG  HG   sing N N 294 
SER OXT HXT  sing N N 295 
THR N   CA   sing N N 296 
THR N   H    sing N N 297 
THR N   H2   sing N N 298 
THR CA  C    sing N N 299 
THR CA  CB   sing N N 300 
THR CA  HA   sing N N 301 
THR C   O    doub N N 302 
THR C   OXT  sing N N 303 
THR CB  OG1  sing N N 304 
THR CB  CG2  sing N N 305 
THR CB  HB   sing N N 306 
THR OG1 HG1  sing N N 307 
THR CG2 HG21 sing N N 308 
THR CG2 HG22 sing N N 309 
THR CG2 HG23 sing N N 310 
THR OXT HXT  sing N N 311 
TRP N   CA   sing N N 312 
TRP N   H    sing N N 313 
TRP N   H2   sing N N 314 
TRP CA  C    sing N N 315 
TRP CA  CB   sing N N 316 
TRP CA  HA   sing N N 317 
TRP C   O    doub N N 318 
TRP C   OXT  sing N N 319 
TRP CB  CG   sing N N 320 
TRP CB  HB2  sing N N 321 
TRP CB  HB3  sing N N 322 
TRP CG  CD1  doub Y N 323 
TRP CG  CD2  sing Y N 324 
TRP CD1 NE1  sing Y N 325 
TRP CD1 HD1  sing N N 326 
TRP CD2 CE2  doub Y N 327 
TRP CD2 CE3  sing Y N 328 
TRP NE1 CE2  sing Y N 329 
TRP NE1 HE1  sing N N 330 
TRP CE2 CZ2  sing Y N 331 
TRP CE3 CZ3  doub Y N 332 
TRP CE3 HE3  sing N N 333 
TRP CZ2 CH2  doub Y N 334 
TRP CZ2 HZ2  sing N N 335 
TRP CZ3 CH2  sing Y N 336 
TRP CZ3 HZ3  sing N N 337 
TRP CH2 HH2  sing N N 338 
TRP OXT HXT  sing N N 339 
TYR N   CA   sing N N 340 
TYR N   H    sing N N 341 
TYR N   H2   sing N N 342 
TYR CA  C    sing N N 343 
TYR CA  CB   sing N N 344 
TYR CA  HA   sing N N 345 
TYR C   O    doub N N 346 
TYR C   OXT  sing N N 347 
TYR CB  CG   sing N N 348 
TYR CB  HB2  sing N N 349 
TYR CB  HB3  sing N N 350 
TYR CG  CD1  doub Y N 351 
TYR CG  CD2  sing Y N 352 
TYR CD1 CE1  sing Y N 353 
TYR CD1 HD1  sing N N 354 
TYR CD2 CE2  doub Y N 355 
TYR CD2 HD2  sing N N 356 
TYR CE1 CZ   doub Y N 357 
TYR CE1 HE1  sing N N 358 
TYR CE2 CZ   sing Y N 359 
TYR CE2 HE2  sing N N 360 
TYR CZ  OH   sing N N 361 
TYR OH  HH   sing N N 362 
TYR OXT HXT  sing N N 363 
VAL N   CA   sing N N 364 
VAL N   H    sing N N 365 
VAL N   H2   sing N N 366 
VAL CA  C    sing N N 367 
VAL CA  CB   sing N N 368 
VAL CA  HA   sing N N 369 
VAL C   O    doub N N 370 
VAL C   OXT  sing N N 371 
VAL CB  CG1  sing N N 372 
VAL CB  CG2  sing N N 373 
VAL CB  HB   sing N N 374 
VAL CG1 HG11 sing N N 375 
VAL CG1 HG12 sing N N 376 
VAL CG1 HG13 sing N N 377 
VAL CG2 HG21 sing N N 378 
VAL CG2 HG22 sing N N 379 
VAL CG2 HG23 sing N N 380 
VAL OXT HXT  sing N N 381 
# 
_atom_sites.entry_id                    3I4P 
_atom_sites.fract_transf_matrix[1][1]   0.00372073 
_atom_sites.fract_transf_matrix[1][2]   -0.00573092 
_atom_sites.fract_transf_matrix[1][3]   -0.00173646 
_atom_sites.fract_transf_matrix[2][1]   -0.00389973 
_atom_sites.fract_transf_matrix[2][2]   -0.00387037 
_atom_sites.fract_transf_matrix[2][3]   0.00441756 
_atom_sites.fract_transf_matrix[3][1]   -0.01282078 
_atom_sites.fract_transf_matrix[3][2]   -0.00386767 
_atom_sites.fract_transf_matrix[3][3]   -0.01470649 
_atom_sites.fract_transf_vector[1]      0.010463 
_atom_sites.fract_transf_vector[2]      0.210283 
_atom_sites.fract_transf_vector[3]      -0.060794 
# 
loop_
_atom_type.symbol 
C  
CA 
CL 
N  
O  
S  
SE 
# 
loop_
_atom_site.group_PDB 
_atom_site.id 
_atom_site.type_symbol 
_atom_site.label_atom_id 
_atom_site.label_alt_id 
_atom_site.label_comp_id 
_atom_site.label_asym_id 
_atom_site.label_entity_id 
_atom_site.label_seq_id 
_atom_site.pdbx_PDB_ins_code 
_atom_site.Cartn_x 
_atom_site.Cartn_y 
_atom_site.Cartn_z 
_atom_site.occupancy 
_atom_site.B_iso_or_equiv 
_atom_site.pdbx_formal_charge 
_atom_site.auth_seq_id 
_atom_site.auth_comp_id 
_atom_site.auth_asym_id 
_atom_site.auth_atom_id 
_atom_site.pdbx_PDB_model_num 
HETATM 1    N  N   . MSE A 1 1   ? -0.181  -21.506 -2.919  1.00 44.57 ? 1   MSE A N   1 
HETATM 2    C  CA  . MSE A 1 1   ? 0.140   -22.972 -2.892  1.00 44.64 ? 1   MSE A CA  1 
HETATM 3    C  C   . MSE A 1 1   ? -0.544  -23.816 -3.967  1.00 43.02 ? 1   MSE A C   1 
HETATM 4    O  O   . MSE A 1 1   ? 0.128   -24.344 -4.836  1.00 42.47 ? 1   MSE A O   1 
HETATM 5    C  CB  . MSE A 1 1   ? -0.176  -23.562 -1.523  1.00 46.39 ? 1   MSE A CB  1 
HETATM 6    C  CG  . MSE A 1 1   ? 1.040   -23.943 -0.725  1.00 49.72 ? 1   MSE A CG  1 
HETATM 7    SE SE  . MSE A 1 1   ? 2.048   -25.184 -1.748  0.50 59.21 ? 1   MSE A SE  1 
HETATM 8    C  CE  . MSE A 1 1   ? 3.130   -23.965 -2.939  1.00 54.40 ? 1   MSE A CE  1 
ATOM   9    N  N   . ASP A 1 2   ? -1.864  -23.967 -3.900  1.00 41.35 ? 2   ASP A N   1 
ATOM   10   C  CA  . ASP A 1 2   ? -2.605  -24.629 -4.983  1.00 40.35 ? 2   ASP A CA  1 
ATOM   11   C  C   . ASP A 1 2   ? -3.815  -23.795 -5.429  1.00 39.25 ? 2   ASP A C   1 
ATOM   12   O  O   . ASP A 1 2   ? -4.006  -22.659 -4.955  1.00 39.40 ? 2   ASP A O   1 
ATOM   13   C  CB  . ASP A 1 2   ? -2.972  -26.091 -4.604  1.00 40.51 ? 2   ASP A CB  1 
ATOM   14   C  CG  . ASP A 1 2   ? -4.042  -26.191 -3.528  1.00 40.35 ? 2   ASP A CG  1 
ATOM   15   O  OD1 . ASP A 1 2   ? -4.783  -25.219 -3.281  1.00 40.18 ? 2   ASP A OD1 1 
ATOM   16   O  OD2 . ASP A 1 2   ? -4.165  -27.272 -2.924  1.00 41.28 ? 2   ASP A OD2 1 
ATOM   17   N  N   . ARG A 1 3   ? -4.606  -24.340 -6.349  1.00 37.84 ? 3   ARG A N   1 
ATOM   18   C  CA  . ARG A 1 3   ? -5.669  -23.581 -6.998  1.00 37.34 ? 3   ARG A CA  1 
ATOM   19   C  C   . ARG A 1 3   ? -6.831  -23.274 -6.077  1.00 36.53 ? 3   ARG A C   1 
ATOM   20   O  O   . ARG A 1 3   ? -7.522  -22.273 -6.256  1.00 35.71 ? 3   ARG A O   1 
ATOM   21   C  CB  . ARG A 1 3   ? -6.184  -24.306 -8.231  1.00 37.32 ? 3   ARG A CB  1 
ATOM   22   C  CG  . ARG A 1 3   ? -5.161  -24.393 -9.321  1.00 38.51 ? 3   ARG A CG  1 
ATOM   23   C  CD  . ARG A 1 3   ? -5.747  -24.974 -10.609 1.00 39.67 ? 3   ARG A CD  1 
ATOM   24   N  NE  . ARG A 1 3   ? -4.892  -24.718 -11.775 1.00 39.88 ? 3   ARG A NE  1 
ATOM   25   N  N   . LEU A 1 4   ? -7.063  -24.145 -5.104  1.00 35.91 ? 4   LEU A N   1 
ATOM   26   C  CA  . LEU A 1 4   ? -8.080  -23.884 -4.092  1.00 35.39 ? 4   LEU A CA  1 
ATOM   27   C  C   . LEU A 1 4   ? -7.671  -22.746 -3.150  1.00 34.58 ? 4   LEU A C   1 
ATOM   28   O  O   . LEU A 1 4   ? -8.519  -22.011 -2.696  1.00 34.45 ? 4   LEU A O   1 
ATOM   29   C  CB  . LEU A 1 4   ? -8.417  -25.156 -3.306  1.00 35.23 ? 4   LEU A CB  1 
ATOM   30   C  CG  . LEU A 1 4   ? -9.653  -25.884 -3.848  1.00 35.91 ? 4   LEU A CG  1 
ATOM   31   C  CD1 . LEU A 1 4   ? -9.708  -27.292 -3.330  1.00 33.54 ? 4   LEU A CD1 1 
ATOM   32   C  CD2 . LEU A 1 4   ? -10.889 -25.059 -3.419  1.00 37.80 ? 4   LEU A CD2 1 
ATOM   33   N  N   . ASP A 1 5   ? -6.380  -22.632 -2.853  1.00 34.33 ? 5   ASP A N   1 
ATOM   34   C  CA  . ASP A 1 5   ? -5.837  -21.522 -2.059  1.00 34.22 ? 5   ASP A CA  1 
ATOM   35   C  C   . ASP A 1 5   ? -6.042  -20.226 -2.821  1.00 34.10 ? 5   ASP A C   1 
ATOM   36   O  O   . ASP A 1 5   ? -6.432  -19.219 -2.244  1.00 34.79 ? 5   ASP A O   1 
ATOM   37   C  CB  . ASP A 1 5   ? -4.347  -21.726 -1.774  1.00 34.08 ? 5   ASP A CB  1 
ATOM   38   C  CG  . ASP A 1 5   ? -4.088  -22.857 -0.777  1.00 34.82 ? 5   ASP A CG  1 
ATOM   39   O  OD1 . ASP A 1 5   ? -4.822  -22.939 0.227   1.00 34.06 ? 5   ASP A OD1 1 
ATOM   40   O  OD2 . ASP A 1 5   ? -3.146  -23.655 -0.982  1.00 36.23 ? 5   ASP A OD2 1 
ATOM   41   N  N   . ARG A 1 6   ? -5.807  -20.264 -4.126  1.00 33.90 ? 6   ARG A N   1 
ATOM   42   C  CA  . ARG A 1 6   ? -6.050  -19.107 -4.968  1.00 33.89 ? 6   ARG A CA  1 
ATOM   43   C  C   . ARG A 1 6   ? -7.522  -18.635 -4.955  1.00 33.60 ? 6   ARG A C   1 
ATOM   44   O  O   . ARG A 1 6   ? -7.773  -17.407 -4.852  1.00 32.31 ? 6   ARG A O   1 
ATOM   45   C  CB  . ARG A 1 6   ? -5.588  -19.375 -6.390  1.00 33.51 ? 6   ARG A CB  1 
ATOM   46   C  CG  . ARG A 1 6   ? -5.687  -18.146 -7.294  1.00 35.19 ? 6   ARG A CG  1 
ATOM   47   C  CD  . ARG A 1 6   ? -5.576  -18.533 -8.741  1.00 38.98 ? 6   ARG A CD  1 
ATOM   48   N  NE  . ARG A 1 6   ? -4.217  -18.437 -9.213  1.00 41.25 ? 6   ARG A NE  1 
ATOM   49   C  CZ  . ARG A 1 6   ? -3.691  -19.187 -10.171 1.00 41.32 ? 6   ARG A CZ  1 
ATOM   50   N  NH1 . ARG A 1 6   ? -4.394  -20.157 -10.757 1.00 41.76 ? 6   ARG A NH1 1 
ATOM   51   N  NH2 . ARG A 1 6   ? -2.422  -18.984 -10.514 1.00 41.59 ? 6   ARG A NH2 1 
ATOM   52   N  N   . LYS A 1 7   ? -8.470  -19.583 -5.062  1.00 32.98 ? 7   LYS A N   1 
ATOM   53   C  CA  . LYS A 1 7   ? -9.904  -19.258 -4.987  1.00 33.51 ? 7   LYS A CA  1 
ATOM   54   C  C   . LYS A 1 7   ? -10.236 -18.589 -3.653  1.00 32.99 ? 7   LYS A C   1 
ATOM   55   O  O   . LYS A 1 7   ? -10.978 -17.627 -3.624  1.00 32.89 ? 7   LYS A O   1 
ATOM   56   C  CB  . LYS A 1 7   ? -10.780 -20.501 -5.120  1.00 34.41 ? 7   LYS A CB  1 
ATOM   57   C  CG  . LYS A 1 7   ? -10.924 -21.076 -6.526  1.00 36.56 ? 7   LYS A CG  1 
ATOM   58   C  CD  . LYS A 1 7   ? -11.409 -22.529 -6.471  1.00 40.06 ? 7   LYS A CD  1 
ATOM   59   C  CE  . LYS A 1 7   ? -12.416 -22.880 -7.570  1.00 42.32 ? 7   LYS A CE  1 
ATOM   60   N  NZ  . LYS A 1 7   ? -13.819 -22.980 -7.011  1.00 45.26 ? 7   LYS A NZ  1 
ATOM   61   N  N   . ILE A 1 8   ? -9.667  -19.102 -2.561  1.00 32.82 ? 8   ILE A N   1 
ATOM   62   C  CA  . ILE A 1 8   ? -9.848  -18.508 -1.223  1.00 33.14 ? 8   ILE A CA  1 
ATOM   63   C  C   . ILE A 1 8   ? -9.313  -17.066 -1.165  1.00 32.73 ? 8   ILE A C   1 
ATOM   64   O  O   . ILE A 1 8   ? -10.027 -16.159 -0.776  1.00 32.79 ? 8   ILE A O   1 
ATOM   65   C  CB  . ILE A 1 8   ? -9.219  -19.403 -0.080  1.00 33.42 ? 8   ILE A CB  1 
ATOM   66   C  CG1 . ILE A 1 8   ? -9.978  -20.744 0.027   1.00 33.70 ? 8   ILE A CG1 1 
ATOM   67   C  CG2 . ILE A 1 8   ? -9.233  -18.655 1.283   1.00 29.13 ? 8   ILE A CG2 1 
ATOM   68   C  CD1 . ILE A 1 8   ? -9.261  -21.835 0.876   1.00 32.98 ? 8   ILE A CD1 1 
ATOM   69   N  N   . LEU A 1 9   ? -8.071  -16.882 -1.597  1.00 32.79 ? 9   LEU A N   1 
ATOM   70   C  CA  . LEU A 1 9   ? -7.416  -15.566 -1.628  1.00 32.82 ? 9   LEU A CA  1 
ATOM   71   C  C   . LEU A 1 9   ? -8.114  -14.551 -2.521  1.00 33.22 ? 9   LEU A C   1 
ATOM   72   O  O   . LEU A 1 9   ? -8.151  -13.345 -2.209  1.00 33.29 ? 9   LEU A O   1 
ATOM   73   C  CB  . LEU A 1 9   ? -5.947  -15.691 -2.049  1.00 31.85 ? 9   LEU A CB  1 
ATOM   74   C  CG  . LEU A 1 9   ? -5.038  -16.450 -1.077  1.00 30.81 ? 9   LEU A CG  1 
ATOM   75   C  CD1 . LEU A 1 9   ? -3.634  -16.643 -1.676  1.00 31.10 ? 9   LEU A CD1 1 
ATOM   76   C  CD2 . LEU A 1 9   ? -5.010  -15.794 0.307   1.00 27.00 ? 9   LEU A CD2 1 
ATOM   77   N  N   . ARG A 1 10  ? -8.675  -15.016 -3.624  1.00 33.68 ? 10  ARG A N   1 
ATOM   78   C  CA  . ARG A 1 10  ? -9.361  -14.107 -4.545  1.00 34.31 ? 10  ARG A CA  1 
ATOM   79   C  C   . ARG A 1 10  ? -10.574 -13.435 -3.885  1.00 33.99 ? 10  ARG A C   1 
ATOM   80   O  O   . ARG A 1 10  ? -10.867 -12.248 -4.135  1.00 34.09 ? 10  ARG A O   1 
ATOM   81   C  CB  . ARG A 1 10  ? -9.761  -14.877 -5.782  1.00 34.43 ? 10  ARG A CB  1 
ATOM   82   C  CG  . ARG A 1 10  ? -10.528 -14.116 -6.844  1.00 36.64 ? 10  ARG A CG  1 
ATOM   83   C  CD  . ARG A 1 10  ? -10.459 -14.989 -8.180  1.00 38.46 ? 10  ARG A CD  1 
ATOM   84   N  NE  . ARG A 1 10  ? -9.140  -14.837 -8.829  1.00 39.59 ? 10  ARG A NE  1 
ATOM   85   C  CZ  . ARG A 1 10  ? -8.419  -15.794 -9.415  1.00 42.22 ? 10  ARG A CZ  1 
ATOM   86   N  NH1 . ARG A 1 10  ? -8.856  -17.068 -9.467  1.00 45.84 ? 10  ARG A NH1 1 
ATOM   87   N  NH2 . ARG A 1 10  ? -7.244  -15.478 -9.979  1.00 40.04 ? 10  ARG A NH2 1 
ATOM   88   N  N   . ILE A 1 11  ? -11.266 -14.197 -3.035  1.00 33.37 ? 11  ILE A N   1 
ATOM   89   C  CA  . ILE A 1 11  ? -12.392 -13.668 -2.295  1.00 32.89 ? 11  ILE A CA  1 
ATOM   90   C  C   . ILE A 1 11  ? -11.872 -12.826 -1.109  1.00 32.66 ? 11  ILE A C   1 
ATOM   91   O  O   . ILE A 1 11  ? -12.358 -11.722 -0.889  1.00 31.51 ? 11  ILE A O   1 
ATOM   92   C  CB  . ILE A 1 11  ? -13.337 -14.772 -1.810  1.00 32.83 ? 11  ILE A CB  1 
ATOM   93   C  CG1 . ILE A 1 11  ? -13.890 -15.546 -3.026  1.00 32.64 ? 11  ILE A CG1 1 
ATOM   94   C  CG2 . ILE A 1 11  ? -14.469 -14.167 -0.939  1.00 31.10 ? 11  ILE A CG2 1 
ATOM   95   C  CD1 . ILE A 1 11  ? -14.587 -16.846 -2.701  1.00 29.79 ? 11  ILE A CD1 1 
ATOM   96   N  N   . LEU A 1 12  ? -10.879 -13.334 -0.380  1.00 32.64 ? 12  LEU A N   1 
ATOM   97   C  CA  . LEU A 1 12  ? -10.379 -12.644 0.824   1.00 32.86 ? 12  LEU A CA  1 
ATOM   98   C  C   . LEU A 1 12  ? -9.866  -11.226 0.499   1.00 32.53 ? 12  LEU A C   1 
ATOM   99   O  O   . LEU A 1 12  ? -10.149 -10.299 1.223   1.00 32.86 ? 12  LEU A O   1 
ATOM   100  C  CB  . LEU A 1 12  ? -9.326  -13.489 1.574   1.00 32.86 ? 12  LEU A CB  1 
ATOM   101  C  CG  . LEU A 1 12  ? -9.852  -14.705 2.364   1.00 32.64 ? 12  LEU A CG  1 
ATOM   102  C  CD1 . LEU A 1 12  ? -8.714  -15.406 3.068   1.00 33.64 ? 12  LEU A CD1 1 
ATOM   103  C  CD2 . LEU A 1 12  ? -10.930 -14.320 3.388   1.00 31.20 ? 12  LEU A CD2 1 
ATOM   104  N  N   . GLN A 1 13  ? -9.197  -11.065 -0.631  1.00 32.90 ? 13  GLN A N   1 
ATOM   105  C  CA  . GLN A 1 13  ? -8.711  -9.759  -1.091  1.00 32.97 ? 13  GLN A CA  1 
ATOM   106  C  C   . GLN A 1 13  ? -9.836  -8.784  -1.430  1.00 33.07 ? 13  GLN A C   1 
ATOM   107  O  O   . GLN A 1 13  ? -9.611  -7.569  -1.470  1.00 32.64 ? 13  GLN A O   1 
ATOM   108  C  CB  . GLN A 1 13  ? -7.855  -9.923  -2.353  1.00 32.60 ? 13  GLN A CB  1 
ATOM   109  C  CG  . GLN A 1 13  ? -6.523  -10.544 -2.143  1.00 31.86 ? 13  GLN A CG  1 
ATOM   110  C  CD  . GLN A 1 13  ? -5.597  -10.274 -3.331  1.00 34.03 ? 13  GLN A CD  1 
ATOM   111  O  OE1 . GLN A 1 13  ? -4.498  -9.728  -3.156  1.00 34.52 ? 13  GLN A OE1 1 
ATOM   112  N  NE2 . GLN A 1 13  ? -6.063  -10.587 -4.545  1.00 30.12 ? 13  GLN A NE2 1 
ATOM   113  N  N   . GLU A 1 14  ? -11.009 -9.324  -1.743  1.00 33.38 ? 14  GLU A N   1 
ATOM   114  C  CA  . GLU A 1 14  ? -12.197 -8.519  -2.062  1.00 34.48 ? 14  GLU A CA  1 
ATOM   115  C  C   . GLU A 1 14  ? -13.036 -8.181  -0.820  1.00 34.27 ? 14  GLU A C   1 
ATOM   116  O  O   . GLU A 1 14  ? -13.649 -7.130  -0.751  1.00 34.12 ? 14  GLU A O   1 
ATOM   117  C  CB  . GLU A 1 14  ? -13.090 -9.235  -3.098  1.00 34.75 ? 14  GLU A CB  1 
ATOM   118  C  CG  . GLU A 1 14  ? -12.575 -9.177  -4.531  1.00 37.89 ? 14  GLU A CG  1 
ATOM   119  C  CD  . GLU A 1 14  ? -13.142 -10.281 -5.462  1.00 41.09 ? 14  GLU A CD  1 
ATOM   120  O  OE1 . GLU A 1 14  ? -13.936 -11.121 -4.977  1.00 41.34 ? 14  GLU A OE1 1 
ATOM   121  O  OE2 . GLU A 1 14  ? -12.760 -10.312 -6.672  1.00 41.63 ? 14  GLU A OE2 1 
ATOM   122  N  N   . ASP A 1 15  ? -13.054 -9.091  0.148   1.00 34.89 ? 15  ASP A N   1 
ATOM   123  C  CA  . ASP A 1 15  ? -13.986 -9.047  1.251   1.00 35.10 ? 15  ASP A CA  1 
ATOM   124  C  C   . ASP A 1 15  ? -13.544 -10.068 2.269   1.00 35.49 ? 15  ASP A C   1 
ATOM   125  O  O   . ASP A 1 15  ? -13.599 -11.248 1.999   1.00 36.71 ? 15  ASP A O   1 
ATOM   126  C  CB  . ASP A 1 15  ? -15.399 -9.380  0.750   1.00 35.03 ? 15  ASP A CB  1 
ATOM   127  C  CG  . ASP A 1 15  ? -16.506 -9.225  1.845   1.00 36.76 ? 15  ASP A CG  1 
ATOM   128  O  OD1 . ASP A 1 15  ? -16.234 -8.784  2.992   1.00 37.99 ? 15  ASP A OD1 1 
ATOM   129  O  OD2 . ASP A 1 15  ? -17.680 -9.540  1.530   1.00 37.51 ? 15  ASP A OD2 1 
ATOM   130  N  N   . SER A 1 16  ? -13.104 -9.626  3.446   1.00 36.15 ? 16  SER A N   1 
ATOM   131  C  CA  . SER A 1 16  ? -12.700 -10.558 4.522   1.00 35.64 ? 16  SER A CA  1 
ATOM   132  C  C   . SER A 1 16  ? -13.770 -10.684 5.595   1.00 35.44 ? 16  SER A C   1 
ATOM   133  O  O   . SER A 1 16  ? -13.512 -11.219 6.660   1.00 35.27 ? 16  SER A O   1 
ATOM   134  C  CB  . SER A 1 16  ? -11.388 -10.094 5.173   1.00 35.96 ? 16  SER A CB  1 
ATOM   135  O  OG  . SER A 1 16  ? -11.520 -8.829  5.800   1.00 35.53 ? 16  SER A OG  1 
ATOM   136  N  N   . THR A 1 17  ? -14.978 -10.210 5.319   1.00 35.60 ? 17  THR A N   1 
ATOM   137  C  CA  . THR A 1 17  ? -16.022 -10.198 6.347   1.00 35.67 ? 17  THR A CA  1 
ATOM   138  C  C   . THR A 1 17  ? -16.832 -11.491 6.389   1.00 35.51 ? 17  THR A C   1 
ATOM   139  O  O   . THR A 1 17  ? -17.482 -11.742 7.389   1.00 36.78 ? 17  THR A O   1 
ATOM   140  C  CB  . THR A 1 17  ? -16.956 -8.959  6.207   1.00 35.69 ? 17  THR A CB  1 
ATOM   141  O  OG1 . THR A 1 17  ? -17.719 -9.050  5.005   1.00 36.18 ? 17  THR A OG1 1 
ATOM   142  C  CG2 . THR A 1 17  ? -16.137 -7.672  6.147   1.00 35.54 ? 17  THR A CG2 1 
ATOM   143  N  N   . LEU A 1 18  ? -16.774 -12.324 5.352   1.00 35.13 ? 18  LEU A N   1 
ATOM   144  C  CA  . LEU A 1 18  ? -17.615 -13.526 5.290   1.00 34.95 ? 18  LEU A CA  1 
ATOM   145  C  C   . LEU A 1 18  ? -17.317 -14.488 6.432   1.00 34.05 ? 18  LEU A C   1 
ATOM   146  O  O   . LEU A 1 18  ? -16.161 -14.665 6.820   1.00 34.75 ? 18  LEU A O   1 
ATOM   147  C  CB  . LEU A 1 18  ? -17.424 -14.293 3.968   1.00 35.72 ? 18  LEU A CB  1 
ATOM   148  C  CG  . LEU A 1 18  ? -18.006 -13.677 2.692   1.00 36.68 ? 18  LEU A CG  1 
ATOM   149  C  CD1 . LEU A 1 18  ? -17.563 -14.502 1.491   1.00 35.09 ? 18  LEU A CD1 1 
ATOM   150  C  CD2 . LEU A 1 18  ? -19.545 -13.629 2.806   1.00 35.60 ? 18  LEU A CD2 1 
ATOM   151  N  N   . ALA A 1 19  ? -18.353 -15.111 6.974   1.00 33.01 ? 19  ALA A N   1 
ATOM   152  C  CA  . ALA A 1 19  ? -18.147 -16.200 7.911   1.00 32.26 ? 19  ALA A CA  1 
ATOM   153  C  C   . ALA A 1 19  ? -17.394 -17.302 7.137   1.00 31.81 ? 19  ALA A C   1 
ATOM   154  O  O   . ALA A 1 19  ? -17.599 -17.483 5.917   1.00 29.86 ? 19  ALA A O   1 
ATOM   155  C  CB  . ALA A 1 19  ? -19.493 -16.695 8.472   1.00 31.94 ? 19  ALA A CB  1 
ATOM   156  N  N   . VAL A 1 20  ? -16.487 -17.995 7.823   1.00 31.96 ? 20  VAL A N   1 
ATOM   157  C  CA  . VAL A 1 20  ? -15.626 -18.991 7.154   1.00 32.13 ? 20  VAL A CA  1 
ATOM   158  C  C   . VAL A 1 20  ? -16.467 -20.109 6.490   1.00 31.75 ? 20  VAL A C   1 
ATOM   159  O  O   . VAL A 1 20  ? -16.092 -20.612 5.444   1.00 31.28 ? 20  VAL A O   1 
ATOM   160  C  CB  . VAL A 1 20  ? -14.586 -19.618 8.137   1.00 32.33 ? 20  VAL A CB  1 
ATOM   161  C  CG1 . VAL A 1 20  ? -15.267 -20.579 9.149   1.00 31.82 ? 20  VAL A CG1 1 
ATOM   162  C  CG2 . VAL A 1 20  ? -13.465 -20.340 7.348   1.00 33.65 ? 20  VAL A CG2 1 
ATOM   163  N  N   . ALA A 1 21  ? -17.614 -20.458 7.093   1.00 31.49 ? 21  ALA A N   1 
ATOM   164  C  CA  . ALA A 1 21  ? -18.548 -21.417 6.497   1.00 31.24 ? 21  ALA A CA  1 
ATOM   165  C  C   . ALA A 1 21  ? -19.174 -20.960 5.161   1.00 30.56 ? 21  ALA A C   1 
ATOM   166  O  O   . ALA A 1 21  ? -19.451 -21.791 4.303   1.00 31.22 ? 21  ALA A O   1 
ATOM   167  C  CB  . ALA A 1 21  ? -19.656 -21.803 7.509   1.00 31.24 ? 21  ALA A CB  1 
ATOM   168  N  N   . ASP A 1 22  ? -19.416 -19.662 4.987   1.00 29.55 ? 22  ASP A N   1 
ATOM   169  C  CA  . ASP A 1 22  ? -19.949 -19.145 3.714   1.00 28.73 ? 22  ASP A CA  1 
ATOM   170  C  C   . ASP A 1 22  ? -18.870 -19.034 2.663   1.00 26.72 ? 22  ASP A C   1 
ATOM   171  O  O   . ASP A 1 22  ? -19.163 -19.301 1.500   1.00 29.10 ? 22  ASP A O   1 
ATOM   172  C  CB  . ASP A 1 22  ? -20.636 -17.785 3.870   1.00 29.37 ? 22  ASP A CB  1 
ATOM   173  C  CG  . ASP A 1 22  ? -21.938 -17.862 4.683   1.00 31.69 ? 22  ASP A CG  1 
ATOM   174  O  OD1 . ASP A 1 22  ? -22.692 -18.867 4.583   1.00 34.44 ? 22  ASP A OD1 1 
ATOM   175  O  OD2 . ASP A 1 22  ? -22.213 -16.897 5.422   1.00 36.25 ? 22  ASP A OD2 1 
ATOM   176  N  N   . LEU A 1 23  ? -17.642 -18.685 3.050   1.00 23.18 ? 23  LEU A N   1 
ATOM   177  C  CA  . LEU A 1 23  ? -16.513 -18.698 2.110   1.00 20.80 ? 23  LEU A CA  1 
ATOM   178  C  C   . LEU A 1 23  ? -16.274 -20.122 1.575   1.00 18.73 ? 23  LEU A C   1 
ATOM   179  O  O   . LEU A 1 23  ? -16.128 -20.303 0.364   1.00 17.07 ? 23  LEU A O   1 
ATOM   180  C  CB  . LEU A 1 23  ? -15.219 -18.167 2.749   1.00 20.66 ? 23  LEU A CB  1 
ATOM   181  C  CG  . LEU A 1 23  ? -14.206 -17.514 1.798   1.00 20.52 ? 23  LEU A CG  1 
ATOM   182  C  CD1 . LEU A 1 23  ? -13.087 -16.819 2.572   1.00 20.76 ? 23  LEU A CD1 1 
ATOM   183  C  CD2 . LEU A 1 23  ? -13.609 -18.494 0.831   1.00 20.76 ? 23  LEU A CD2 1 
ATOM   184  N  N   . ALA A 1 24  ? -16.241 -21.102 2.490   1.00 16.74 ? 24  ALA A N   1 
ATOM   185  C  CA  . ALA A 1 24  ? -16.126 -22.539 2.149   1.00 15.56 ? 24  ALA A CA  1 
ATOM   186  C  C   . ALA A 1 24  ? -17.090 -22.912 1.022   1.00 14.18 ? 24  ALA A C   1 
ATOM   187  O  O   . ALA A 1 24  ? -16.650 -23.352 -0.030  1.00 13.58 ? 24  ALA A O   1 
ATOM   188  C  CB  . ALA A 1 24  ? -16.353 -23.423 3.383   1.00 14.94 ? 24  ALA A CB  1 
ATOM   189  N  N   . LYS A 1 25  ? -18.379 -22.652 1.219   1.00 13.31 ? 25  LYS A N   1 
ATOM   190  C  CA  . LYS A 1 25  ? -19.406 -22.936 0.206   1.00 13.00 ? 25  LYS A CA  1 
ATOM   191  C  C   . LYS A 1 25  ? -19.102 -22.226 -1.136  1.00 12.29 ? 25  LYS A C   1 
ATOM   192  O  O   . LYS A 1 25  ? -19.232 -22.814 -2.203  1.00 11.76 ? 25  LYS A O   1 
ATOM   193  C  CB  . LYS A 1 25  ? -20.813 -22.558 0.737   1.00 13.02 ? 25  LYS A CB  1 
ATOM   194  C  CG  . LYS A 1 25  ? -22.008 -23.068 -0.089  1.00 13.78 ? 25  LYS A CG  1 
ATOM   195  N  N   . LYS A 1 26  ? -18.693 -20.965 -1.084  1.00 12.21 ? 26  LYS A N   1 
ATOM   196  C  CA  . LYS A 1 26  ? -18.365 -20.227 -2.315  1.00 11.56 ? 26  LYS A CA  1 
ATOM   197  C  C   . LYS A 1 26  ? -17.137 -20.841 -3.053  1.00 11.02 ? 26  LYS A C   1 
ATOM   198  O  O   . LYS A 1 26  ? -17.099 -20.817 -4.276  1.00 10.09 ? 26  LYS A O   1 
ATOM   199  C  CB  . LYS A 1 26  ? -18.195 -18.714 -2.037  1.00 11.80 ? 26  LYS A CB  1 
ATOM   200  C  CG  . LYS A 1 26  ? -19.490 -17.923 -1.723  1.00 11.54 ? 26  LYS A CG  1 
ATOM   201  C  CD  . LYS A 1 26  ? -19.170 -16.443 -1.363  1.00 14.55 ? 26  LYS A CD  1 
ATOM   202  C  CE  . LYS A 1 26  ? -20.417 -15.606 -0.912  1.00 14.84 ? 26  LYS A CE  1 
ATOM   203  N  N   . VAL A 1 27  ? -16.172 -21.419 -2.331  1.00 10.44 ? 27  VAL A N   1 
ATOM   204  C  CA  . VAL A 1 27  ? -15.034 -22.087 -2.979  1.00 10.50 ? 27  VAL A CA  1 
ATOM   205  C  C   . VAL A 1 27  ? -15.173 -23.620 -3.197  1.00 11.31 ? 27  VAL A C   1 
ATOM   206  O  O   . VAL A 1 27  ? -14.212 -24.254 -3.641  1.00 11.97 ? 27  VAL A O   1 
ATOM   207  C  CB  . VAL A 1 27  ? -13.687 -21.834 -2.235  1.00 10.42 ? 27  VAL A CB  1 
ATOM   208  C  CG1 . VAL A 1 27  ? -13.336 -20.312 -2.192  1.00 10.61 ? 27  VAL A CG1 1 
ATOM   209  C  CG2 . VAL A 1 27  ? -13.687 -22.461 -0.854  1.00 8.52  ? 27  VAL A CG2 1 
ATOM   210  N  N   . GLY A 1 28  ? -16.336 -24.209 -2.901  1.00 11.47 ? 28  GLY A N   1 
ATOM   211  C  CA  . GLY A 1 28  ? -16.568 -25.645 -3.135  1.00 11.74 ? 28  GLY A CA  1 
ATOM   212  C  C   . GLY A 1 28  ? -15.964 -26.557 -2.075  1.00 11.99 ? 28  GLY A C   1 
ATOM   213  O  O   . GLY A 1 28  ? -15.651 -27.699 -2.354  1.00 12.42 ? 28  GLY A O   1 
ATOM   214  N  N   . LEU A 1 29  ? -15.816 -26.049 -0.854  1.00 12.65 ? 29  LEU A N   1 
ATOM   215  C  CA  . LEU A 1 29  ? -15.132 -26.745 0.240   1.00 12.96 ? 29  LEU A CA  1 
ATOM   216  C  C   . LEU A 1 29  ? -16.027 -26.893 1.477   1.00 13.71 ? 29  LEU A C   1 
ATOM   217  O  O   . LEU A 1 29  ? -16.926 -26.068 1.722   1.00 13.50 ? 29  LEU A O   1 
ATOM   218  C  CB  . LEU A 1 29  ? -13.887 -25.953 0.624   1.00 13.03 ? 29  LEU A CB  1 
ATOM   219  C  CG  . LEU A 1 29  ? -12.456 -26.489 0.491   1.00 13.61 ? 29  LEU A CG  1 
ATOM   220  C  CD1 . LEU A 1 29  ? -12.249 -27.510 -0.630  1.00 14.14 ? 29  LEU A CD1 1 
ATOM   221  C  CD2 . LEU A 1 29  ? -11.483 -25.306 0.370   1.00 11.34 ? 29  LEU A CD2 1 
ATOM   222  N  N   . SER A 1 30  ? -15.796 -27.958 2.253   1.00 14.64 ? 30  SER A N   1 
ATOM   223  C  CA  . SER A 1 30  ? -16.341 -28.029 3.610   1.00 14.91 ? 30  SER A CA  1 
ATOM   224  C  C   . SER A 1 30  ? -15.615 -26.995 4.496   1.00 15.02 ? 30  SER A C   1 
ATOM   225  O  O   . SER A 1 30  ? -14.532 -26.483 4.150   1.00 14.33 ? 30  SER A O   1 
ATOM   226  C  CB  . SER A 1 30  ? -16.302 -29.463 4.194   1.00 15.23 ? 30  SER A CB  1 
ATOM   227  O  OG  . SER A 1 30  ? -14.997 -29.938 4.447   1.00 16.11 ? 30  SER A OG  1 
ATOM   228  N  N   . THR A 1 31  ? -16.223 -26.678 5.630   1.00 14.94 ? 31  THR A N   1 
ATOM   229  C  CA  . THR A 1 31  ? -15.775 -25.553 6.450   1.00 15.20 ? 31  THR A CA  1 
ATOM   230  C  C   . THR A 1 31  ? -14.378 -25.765 7.063   1.00 14.97 ? 31  THR A C   1 
ATOM   231  O  O   . THR A 1 31  ? -13.528 -24.913 6.956   1.00 13.72 ? 31  THR A O   1 
ATOM   232  C  CB  . THR A 1 31  ? -16.835 -25.236 7.526   1.00 15.20 ? 31  THR A CB  1 
ATOM   233  O  OG1 . THR A 1 31  ? -18.055 -24.870 6.856   1.00 14.82 ? 31  THR A OG1 1 
ATOM   234  C  CG2 . THR A 1 31  ? -16.362 -24.085 8.458   1.00 16.20 ? 31  THR A CG2 1 
ATOM   235  N  N   . THR A 1 32  ? -14.142 -26.914 7.695   1.00 15.27 ? 32  THR A N   1 
ATOM   236  C  CA  . THR A 1 32  ? -12.872 -27.136 8.394   1.00 15.26 ? 32  THR A CA  1 
ATOM   237  C  C   . THR A 1 32  ? -11.667 -27.050 7.460   1.00 15.54 ? 32  THR A C   1 
ATOM   238  O  O   . THR A 1 32  ? -10.747 -26.316 7.759   1.00 15.80 ? 32  THR A O   1 
ATOM   239  C  CB  . THR A 1 32  ? -12.871 -28.448 9.194   1.00 15.26 ? 32  THR A CB  1 
ATOM   240  O  OG1 . THR A 1 32  ? -13.940 -28.391 10.134  1.00 15.49 ? 32  THR A OG1 1 
ATOM   241  C  CG2 . THR A 1 32  ? -11.537 -28.664 9.937   1.00 14.52 ? 32  THR A CG2 1 
ATOM   242  N  N   . PRO A 1 33  ? -11.667 -27.804 6.333   1.00 15.84 ? 33  PRO A N   1 
ATOM   243  C  CA  . PRO A 1 33  ? -10.557 -27.696 5.368   1.00 15.34 ? 33  PRO A CA  1 
ATOM   244  C  C   . PRO A 1 33  ? -10.339 -26.280 4.836   1.00 15.39 ? 33  PRO A C   1 
ATOM   245  O  O   . PRO A 1 33  ? -9.203  -25.891 4.561   1.00 14.84 ? 33  PRO A O   1 
ATOM   246  C  CB  . PRO A 1 33  ? -10.971 -28.637 4.227   1.00 15.43 ? 33  PRO A CB  1 
ATOM   247  C  CG  . PRO A 1 33  ? -11.935 -29.554 4.814   1.00 15.95 ? 33  PRO A CG  1 
ATOM   248  C  CD  . PRO A 1 33  ? -12.600 -28.889 5.974   1.00 15.33 ? 33  PRO A CD  1 
ATOM   249  N  N   . CYS A 1 34  ? -11.415 -25.518 4.695   1.00 15.37 ? 34  CYS A N   1 
ATOM   250  C  CA  . CYS A 1 34  ? -11.295 -24.131 4.288   1.00 15.38 ? 34  CYS A CA  1 
ATOM   251  C  C   . CYS A 1 34  ? -10.598 -23.307 5.384   1.00 15.33 ? 34  CYS A C   1 
ATOM   252  O  O   . CYS A 1 34  ? -9.626  -22.603 5.123   1.00 15.29 ? 34  CYS A O   1 
ATOM   253  C  CB  . CYS A 1 34  ? -12.656 -23.534 3.965   1.00 15.33 ? 34  CYS A CB  1 
ATOM   254  S  SG  . CYS A 1 34  ? -12.494 -21.891 3.237   1.00 16.18 ? 34  CYS A SG  1 
ATOM   255  N  N   . TRP A 1 35  ? -11.089 -23.415 6.599   1.00 14.93 ? 35  TRP A N   1 
ATOM   256  C  CA  . TRP A 1 35  ? -10.475 -22.771 7.726   1.00 15.43 ? 35  TRP A CA  1 
ATOM   257  C  C   . TRP A 1 35  ? -8.984  -23.129 7.859   1.00 15.07 ? 35  TRP A C   1 
ATOM   258  O  O   . TRP A 1 35  ? -8.124  -22.248 8.016   1.00 15.46 ? 35  TRP A O   1 
ATOM   259  C  CB  . TRP A 1 35  ? -11.251 -23.140 8.996   1.00 15.75 ? 35  TRP A CB  1 
ATOM   260  C  CG  . TRP A 1 35  ? -10.697 -22.539 10.221  1.00 17.13 ? 35  TRP A CG  1 
ATOM   261  C  CD1 . TRP A 1 35  ? -10.937 -21.282 10.709  1.00 17.72 ? 35  TRP A CD1 1 
ATOM   262  C  CD2 . TRP A 1 35  ? -9.787  -23.155 11.121  1.00 20.09 ? 35  TRP A CD2 1 
ATOM   263  N  NE1 . TRP A 1 35  ? -10.226 -21.081 11.860  1.00 18.33 ? 35  TRP A NE1 1 
ATOM   264  C  CE2 . TRP A 1 35  ? -9.512  -22.218 12.141  1.00 21.31 ? 35  TRP A CE2 1 
ATOM   265  C  CE3 . TRP A 1 35  ? -9.185  -24.420 11.176  1.00 22.64 ? 35  TRP A CE3 1 
ATOM   266  C  CZ2 . TRP A 1 35  ? -8.653  -22.509 13.212  1.00 22.97 ? 35  TRP A CZ2 1 
ATOM   267  C  CZ3 . TRP A 1 35  ? -8.329  -24.713 12.238  1.00 23.74 ? 35  TRP A CZ3 1 
ATOM   268  C  CH2 . TRP A 1 35  ? -8.071  -23.758 13.242  1.00 23.96 ? 35  TRP A CH2 1 
ATOM   269  N  N   . ARG A 1 36  ? -8.681  -24.415 7.797   1.00 14.85 ? 36  ARG A N   1 
ATOM   270  C  CA  . ARG A 1 36  ? -7.299  -24.888 7.922   1.00 14.80 ? 36  ARG A CA  1 
ATOM   271  C  C   . ARG A 1 36  ? -6.367  -24.311 6.838   1.00 14.40 ? 36  ARG A C   1 
ATOM   272  O  O   . ARG A 1 36  ? -5.207  -24.061 7.110   1.00 14.85 ? 36  ARG A O   1 
ATOM   273  C  CB  . ARG A 1 36  ? -7.249  -26.429 7.946   1.00 14.62 ? 36  ARG A CB  1 
ATOM   274  C  CG  . ARG A 1 36  ? -7.698  -27.039 9.282   1.00 14.64 ? 36  ARG A CG  1 
ATOM   275  C  CD  . ARG A 1 36  ? -7.825  -28.578 9.249   1.00 16.12 ? 36  ARG A CD  1 
ATOM   276  N  NE  . ARG A 1 36  ? -6.610  -29.272 8.811   1.00 15.82 ? 36  ARG A NE  1 
ATOM   277  N  N   . ARG A 1 37  ? -6.884  -24.083 5.632   1.00 13.77 ? 37  ARG A N   1 
ATOM   278  C  CA  . ARG A 1 37  ? -6.116  -23.498 4.535   1.00 13.39 ? 37  ARG A CA  1 
ATOM   279  C  C   . ARG A 1 37  ? -5.793  -22.031 4.802   1.00 13.69 ? 37  ARG A C   1 
ATOM   280  O  O   . ARG A 1 37  ? -4.675  -21.555 4.517   1.00 13.13 ? 37  ARG A O   1 
ATOM   281  C  CB  . ARG A 1 37  ? -6.890  -23.612 3.222   1.00 13.06 ? 37  ARG A CB  1 
ATOM   282  C  CG  . ARG A 1 37  ? -6.792  -25.001 2.580   1.00 12.87 ? 37  ARG A CG  1 
ATOM   283  C  CD  . ARG A 1 37  ? -7.777  -25.146 1.446   1.00 11.88 ? 37  ARG A CD  1 
ATOM   284  N  NE  . ARG A 1 37  ? -7.565  -26.365 0.672   1.00 10.46 ? 37  ARG A NE  1 
ATOM   285  C  CZ  . ARG A 1 37  ? -6.635  -26.532 -0.263  1.00 10.63 ? 37  ARG A CZ  1 
ATOM   286  N  NH1 . ARG A 1 37  ? -5.776  -25.566 -0.559  1.00 8.42  ? 37  ARG A NH1 1 
ATOM   287  N  NH2 . ARG A 1 37  ? -6.557  -27.695 -0.906  1.00 10.24 ? 37  ARG A NH2 1 
ATOM   288  N  N   . ILE A 1 38  ? -6.795  -21.331 5.338   1.00 13.56 ? 38  ILE A N   1 
ATOM   289  C  CA  . ILE A 1 38  ? -6.685  -19.935 5.671   1.00 13.44 ? 38  ILE A CA  1 
ATOM   290  C  C   . ILE A 1 38  ? -5.657  -19.752 6.796   1.00 13.61 ? 38  ILE A C   1 
ATOM   291  O  O   . ILE A 1 38  ? -4.810  -18.885 6.688   1.00 13.95 ? 38  ILE A O   1 
ATOM   292  C  CB  . ILE A 1 38  ? -8.069  -19.321 6.027   1.00 13.76 ? 38  ILE A CB  1 
ATOM   293  C  CG1 . ILE A 1 38  ? -8.971  -19.281 4.782   1.00 12.66 ? 38  ILE A CG1 1 
ATOM   294  C  CG2 . ILE A 1 38  ? -7.889  -17.903 6.605   1.00 11.95 ? 38  ILE A CG2 1 
ATOM   295  C  CD1 . ILE A 1 38  ? -10.440 -19.022 5.047   1.00 11.01 ? 38  ILE A CD1 1 
ATOM   296  N  N   A GLN A 1 39  ? -5.745  -20.582 7.838   0.60 13.64 ? 39  GLN A N   1 
ATOM   297  N  N   B GLN A 1 39  ? -5.704  -20.584 7.830   0.40 13.51 ? 39  GLN A N   1 
ATOM   298  C  CA  A GLN A 1 39  ? -4.791  -20.576 8.956   0.60 13.71 ? 39  GLN A CA  1 
ATOM   299  C  CA  B GLN A 1 39  ? -4.762  -20.472 8.943   0.40 13.44 ? 39  GLN A CA  1 
ATOM   300  C  C   A GLN A 1 39  ? -3.340  -20.752 8.493   0.60 14.00 ? 39  GLN A C   1 
ATOM   301  C  C   B GLN A 1 39  ? -3.306  -20.817 8.567   0.40 13.81 ? 39  GLN A C   1 
ATOM   302  O  O   A GLN A 1 39  ? -2.441  -20.038 8.950   0.60 14.32 ? 39  GLN A O   1 
ATOM   303  O  O   B GLN A 1 39  ? -2.368  -20.283 9.167   0.40 13.99 ? 39  GLN A O   1 
ATOM   304  C  CB  A GLN A 1 39  ? -5.141  -21.677 9.967   0.60 13.44 ? 39  GLN A CB  1 
ATOM   305  C  CB  B GLN A 1 39  ? -5.242  -21.325 10.113  0.40 13.11 ? 39  GLN A CB  1 
ATOM   306  C  CG  A GLN A 1 39  ? -4.137  -21.811 11.119  0.60 13.02 ? 39  GLN A CG  1 
ATOM   307  C  CG  B GLN A 1 39  ? -6.560  -20.834 10.689  0.40 12.07 ? 39  GLN A CG  1 
ATOM   308  C  CD  A GLN A 1 39  ? -4.645  -22.662 12.263  0.60 12.51 ? 39  GLN A CD  1 
ATOM   309  C  CD  B GLN A 1 39  ? -6.390  -19.695 11.680  0.40 10.21 ? 39  GLN A CD  1 
ATOM   310  O  OE1 A GLN A 1 39  ? -4.916  -22.157 13.349  0.60 11.50 ? 39  GLN A OE1 1 
ATOM   311  O  OE1 B GLN A 1 39  ? -5.677  -19.826 12.672  0.40 9.13  ? 39  GLN A OE1 1 
ATOM   312  N  NE2 A GLN A 1 39  ? -4.776  -23.958 12.026  0.60 13.02 ? 39  GLN A NE2 1 
ATOM   313  N  NE2 B GLN A 1 39  ? -7.058  -18.583 11.425  0.40 8.52  ? 39  GLN A NE2 1 
ATOM   314  N  N   . LYS A 1 40  ? -3.122  -21.716 7.599   1.00 14.12 ? 40  LYS A N   1 
ATOM   315  C  CA  . LYS A 1 40  ? -1.787  -22.011 7.037   1.00 14.01 ? 40  LYS A CA  1 
ATOM   316  C  C   . LYS A 1 40  ? -1.236  -20.759 6.316   1.00 13.50 ? 40  LYS A C   1 
ATOM   317  O  O   . LYS A 1 40  ? -0.066  -20.409 6.458   1.00 12.32 ? 40  LYS A O   1 
ATOM   318  C  CB  . LYS A 1 40  ? -1.869  -23.189 6.041   1.00 14.32 ? 40  LYS A CB  1 
ATOM   319  C  CG  . LYS A 1 40  ? -0.739  -24.266 6.126   1.00 16.26 ? 40  LYS A CG  1 
ATOM   320  C  CD  . LYS A 1 40  ? 0.508   -23.979 5.258   1.00 17.55 ? 40  LYS A CD  1 
ATOM   321  C  CE  . LYS A 1 40  ? 1.431   -25.213 5.101   1.00 17.15 ? 40  LYS A CE  1 
HETATM 322  N  N   . MSE A 1 41  ? -2.102  -20.101 5.548   1.00 13.35 ? 41  MSE A N   1 
HETATM 323  C  CA  . MSE A 1 41  ? -1.718  -18.933 4.766   1.00 13.51 ? 41  MSE A CA  1 
HETATM 324  C  C   . MSE A 1 41  ? -1.425  -17.718 5.629   1.00 13.84 ? 41  MSE A C   1 
HETATM 325  O  O   . MSE A 1 41  ? -0.546  -16.923 5.279   1.00 13.73 ? 41  MSE A O   1 
HETATM 326  C  CB  . MSE A 1 41  ? -2.770  -18.619 3.688   1.00 13.63 ? 41  MSE A CB  1 
HETATM 327  C  CG  . MSE A 1 41  ? -2.641  -19.580 2.504   1.00 12.43 ? 41  MSE A CG  1 
HETATM 328  SE SE  . MSE A 1 41  ? -3.694  -19.169 0.973   0.50 11.05 ? 41  MSE A SE  1 
HETATM 329  C  CE  . MSE A 1 41  ? -5.442  -19.547 1.644   1.00 5.23  ? 41  MSE A CE  1 
ATOM   330  N  N   . GLU A 1 42  ? -2.129  -17.598 6.759   1.00 14.27 ? 42  GLU A N   1 
ATOM   331  C  CA  . GLU A 1 42  ? -1.831  -16.578 7.771   1.00 14.83 ? 42  GLU A CA  1 
ATOM   332  C  C   . GLU A 1 42  ? -0.478  -16.843 8.461   1.00 15.24 ? 42  GLU A C   1 
ATOM   333  O  O   . GLU A 1 42  ? 0.372   -15.929 8.537   1.00 15.10 ? 42  GLU A O   1 
ATOM   334  C  CB  . GLU A 1 42  ? -2.934  -16.534 8.833   1.00 14.88 ? 42  GLU A CB  1 
ATOM   335  C  CG  . GLU A 1 42  ? -4.288  -16.115 8.310   1.00 14.42 ? 42  GLU A CG  1 
ATOM   336  C  CD  . GLU A 1 42  ? -5.400  -16.214 9.336   1.00 13.94 ? 42  GLU A CD  1 
ATOM   337  O  OE1 . GLU A 1 42  ? -5.209  -16.763 10.465  1.00 13.73 ? 42  GLU A OE1 1 
ATOM   338  O  OE2 . GLU A 1 42  ? -6.500  -15.725 8.980   1.00 14.00 ? 42  GLU A OE2 1 
ATOM   339  N  N   . GLU A 1 43  ? -0.301  -18.077 8.968   1.00 14.95 ? 43  GLU A N   1 
ATOM   340  C  CA  . GLU A 1 43  ? 0.960   -18.526 9.593   1.00 15.03 ? 43  GLU A CA  1 
ATOM   341  C  C   . GLU A 1 43  ? 2.174   -18.331 8.683   1.00 14.69 ? 43  GLU A C   1 
ATOM   342  O  O   . GLU A 1 43  ? 3.204   -17.829 9.117   1.00 14.87 ? 43  GLU A O   1 
ATOM   343  C  CB  . GLU A 1 43  ? 0.869   -20.003 10.001  1.00 15.25 ? 43  GLU A CB  1 
ATOM   344  C  CG  . GLU A 1 43  ? 0.072   -20.235 11.276  1.00 16.78 ? 43  GLU A CG  1 
ATOM   345  C  CD  . GLU A 1 43  ? -0.313  -21.701 11.496  1.00 19.61 ? 43  GLU A CD  1 
ATOM   346  O  OE1 . GLU A 1 43  ? 0.078   -22.574 10.667  1.00 19.32 ? 43  GLU A OE1 1 
ATOM   347  O  OE2 . GLU A 1 43  ? -1.016  -21.979 12.512  1.00 22.09 ? 43  GLU A OE2 1 
ATOM   348  N  N   . ASP A 1 44  ? 2.028   -18.719 7.416   1.00 14.40 ? 44  ASP A N   1 
ATOM   349  C  CA  . ASP A 1 44  ? 3.073   -18.545 6.404   1.00 14.48 ? 44  ASP A CA  1 
ATOM   350  C  C   . ASP A 1 44  ? 3.256   -17.084 5.959   1.00 13.34 ? 44  ASP A C   1 
ATOM   351  O  O   . ASP A 1 44  ? 4.224   -16.780 5.288   1.00 13.51 ? 44  ASP A O   1 
ATOM   352  C  CB  . ASP A 1 44  ? 2.778   -19.390 5.151   1.00 14.55 ? 44  ASP A CB  1 
ATOM   353  C  CG  . ASP A 1 44  ? 2.757   -20.878 5.431   1.00 16.88 ? 44  ASP A CG  1 
ATOM   354  O  OD1 . ASP A 1 44  ? 3.063   -21.294 6.584   1.00 19.38 ? 44  ASP A OD1 1 
ATOM   355  O  OD2 . ASP A 1 44  ? 2.409   -21.634 4.485   1.00 19.29 ? 44  ASP A OD2 1 
ATOM   356  N  N   . GLY A 1 45  ? 2.311   -16.213 6.296   1.00 12.36 ? 45  GLY A N   1 
ATOM   357  C  CA  . GLY A 1 45  ? 2.389   -14.800 5.953   1.00 11.90 ? 45  GLY A CA  1 
ATOM   358  C  C   . GLY A 1 45  ? 1.956   -14.440 4.541   1.00 11.24 ? 45  GLY A C   1 
ATOM   359  O  O   . GLY A 1 45  ? 2.174   -13.328 4.125   1.00 10.45 ? 45  GLY A O   1 
ATOM   360  N  N   . VAL A 1 46  ? 1.340   -15.378 3.812   1.00 11.17 ? 46  VAL A N   1 
ATOM   361  C  CA  . VAL A 1 46  ? 0.741   -15.099 2.490   1.00 10.76 ? 46  VAL A CA  1 
ATOM   362  C  C   . VAL A 1 46  ? -0.350  -14.039 2.649   1.00 10.69 ? 46  VAL A C   1 
ATOM   363  O  O   . VAL A 1 46  ? -0.323  -13.019 1.980   1.00 10.89 ? 46  VAL A O   1 
ATOM   364  C  CB  . VAL A 1 46  ? 0.172   -16.373 1.833   1.00 10.96 ? 46  VAL A CB  1 
ATOM   365  C  CG1 . VAL A 1 46  ? -0.505  -16.032 0.523   1.00 11.03 ? 46  VAL A CG1 1 
ATOM   366  C  CG2 . VAL A 1 46  ? 1.276   -17.422 1.623   1.00 9.08  ? 46  VAL A CG2 1 
ATOM   367  N  N   . ILE A 1 47  ? -1.283  -14.291 3.560   1.00 10.76 ? 47  ILE A N   1 
ATOM   368  C  CA  . ILE A 1 47  ? -2.155  -13.252 4.130   1.00 10.92 ? 47  ILE A CA  1 
ATOM   369  C  C   . ILE A 1 47  ? -1.350  -12.524 5.207   1.00 11.24 ? 47  ILE A C   1 
ATOM   370  O  O   . ILE A 1 47  ? -1.007  -13.120 6.220   1.00 11.65 ? 47  ILE A O   1 
ATOM   371  C  CB  . ILE A 1 47  ? -3.439  -13.843 4.796   1.00 10.97 ? 47  ILE A CB  1 
ATOM   372  C  CG1 . ILE A 1 47  ? -4.264  -14.703 3.802   1.00 11.05 ? 47  ILE A CG1 1 
ATOM   373  C  CG2 . ILE A 1 47  ? -4.271  -12.724 5.417   1.00 9.77  ? 47  ILE A CG2 1 
ATOM   374  C  CD1 . ILE A 1 47  ? -5.307  -15.605 4.485   1.00 10.17 ? 47  ILE A CD1 1 
ATOM   375  N  N   . ARG A 1 48  ? -1.038  -11.250 5.005   1.00 11.39 ? 48  ARG A N   1 
ATOM   376  C  CA  . ARG A 1 48  ? -0.201  -10.538 5.991   1.00 12.34 ? 48  ARG A CA  1 
ATOM   377  C  C   . ARG A 1 48  ? -1.046  -9.874  7.077   1.00 12.86 ? 48  ARG A C   1 
ATOM   378  O  O   . ARG A 1 48  ? -0.633  -9.837  8.233   1.00 12.77 ? 48  ARG A O   1 
ATOM   379  C  CB  . ARG A 1 48  ? 0.799   -9.569  5.361   1.00 11.70 ? 48  ARG A CB  1 
ATOM   380  C  CG  . ARG A 1 48  ? 0.358   -8.863  4.160   1.00 12.22 ? 48  ARG A CG  1 
ATOM   381  C  CD  . ARG A 1 48  ? 1.480   -8.070  3.525   1.00 11.77 ? 48  ARG A CD  1 
ATOM   382  N  NE  . ARG A 1 48  ? 0.956   -6.987  2.685   1.00 10.98 ? 48  ARG A NE  1 
ATOM   383  C  CZ  . ARG A 1 48  ? 0.661   -5.758  3.116   1.00 11.83 ? 48  ARG A CZ  1 
ATOM   384  N  NH1 . ARG A 1 48  ? 0.826   -5.424  4.390   1.00 11.70 ? 48  ARG A NH1 1 
ATOM   385  N  NH2 . ARG A 1 48  ? 0.205   -4.838  2.266   1.00 12.49 ? 48  ARG A NH2 1 
ATOM   386  N  N   . ARG A 1 49  ? -2.223  -9.394  6.688   1.00 13.90 ? 49  ARG A N   1 
ATOM   387  C  CA  . ARG A 1 49  ? -3.181  -8.761  7.589   1.00 14.83 ? 49  ARG A CA  1 
ATOM   388  C  C   . ARG A 1 49  ? -4.528  -8.589  6.907   1.00 15.99 ? 49  ARG A C   1 
ATOM   389  O  O   . ARG A 1 49  ? -4.668  -8.753  5.706   1.00 15.60 ? 49  ARG A O   1 
ATOM   390  C  CB  . ARG A 1 49  ? -2.673  -7.383  8.059   1.00 15.37 ? 49  ARG A CB  1 
ATOM   391  C  CG  . ARG A 1 49  ? -2.653  -6.271  6.989   1.00 15.77 ? 49  ARG A CG  1 
ATOM   392  C  CD  . ARG A 1 49  ? -2.268  -4.981  7.602   1.00 17.97 ? 49  ARG A CD  1 
ATOM   393  N  NE  . ARG A 1 49  ? -0.880  -5.038  8.004   1.00 20.01 ? 49  ARG A NE  1 
ATOM   394  C  CZ  . ARG A 1 49  ? -0.300  -4.208  8.863   1.00 22.08 ? 49  ARG A CZ  1 
ATOM   395  N  NH1 . ARG A 1 49  ? -0.990  -3.228  9.461   1.00 23.27 ? 49  ARG A NH1 1 
ATOM   396  N  NH2 . ARG A 1 49  ? 0.982   -4.387  9.147   1.00 21.09 ? 49  ARG A NH2 1 
ATOM   397  N  N   . ARG A 1 50  ? -5.513  -8.279  7.720   1.00 18.61 ? 50  ARG A N   1 
ATOM   398  C  CA  . ARG A 1 50  ? -6.858  -7.886  7.284   1.00 21.19 ? 50  ARG A CA  1 
ATOM   399  C  C   . ARG A 1 50  ? -7.159  -6.491  7.833   1.00 22.29 ? 50  ARG A C   1 
ATOM   400  O  O   . ARG A 1 50  ? -6.885  -6.228  9.012   1.00 23.01 ? 50  ARG A O   1 
ATOM   401  C  CB  . ARG A 1 50  ? -7.894  -8.861  7.767   1.00 21.00 ? 50  ARG A CB  1 
ATOM   402  C  CG  . ARG A 1 50  ? -7.811  -10.249 7.141   1.00 24.63 ? 50  ARG A CG  1 
ATOM   403  C  CD  . ARG A 1 50  ? -8.829  -11.142 7.851   1.00 29.29 ? 50  ARG A CD  1 
ATOM   404  N  NE  . ARG A 1 50  ? -9.102  -12.461 7.263   1.00 30.75 ? 50  ARG A NE  1 
ATOM   405  C  CZ  . ARG A 1 50  ? -8.270  -13.495 7.314   1.00 35.51 ? 50  ARG A CZ  1 
ATOM   406  N  NH1 . ARG A 1 50  ? -7.048  -13.366 7.849   1.00 36.86 ? 50  ARG A NH1 1 
ATOM   407  N  NH2 . ARG A 1 50  ? -8.637  -14.665 6.793   1.00 35.53 ? 50  ARG A NH2 1 
ATOM   408  N  N   . VAL A 1 51  ? -7.683  -5.604  6.971   1.00 22.87 ? 51  VAL A N   1 
ATOM   409  C  CA  . VAL A 1 51  ? -7.839  -4.197  7.308   1.00 24.07 ? 51  VAL A CA  1 
ATOM   410  C  C   . VAL A 1 51  ? -9.175  -3.614  6.790   1.00 24.97 ? 51  VAL A C   1 
ATOM   411  O  O   . VAL A 1 51  ? -9.750  -4.100  5.835   1.00 25.92 ? 51  VAL A O   1 
ATOM   412  C  CB  . VAL A 1 51  ? -6.673  -3.322  6.720   1.00 24.10 ? 51  VAL A CB  1 
ATOM   413  C  CG1 . VAL A 1 51  ? -5.318  -3.730  7.280   1.00 23.50 ? 51  VAL A CG1 1 
ATOM   414  C  CG2 . VAL A 1 51  ? -6.672  -3.371  5.194   1.00 23.31 ? 51  VAL A CG2 1 
ATOM   415  N  N   . ALA A 1 52  ? -9.648  -2.566  7.442   1.00 25.27 ? 52  ALA A N   1 
ATOM   416  C  CA  . ALA A 1 52  ? -10.696 -1.717  6.894   1.00 25.54 ? 52  ALA A CA  1 
ATOM   417  C  C   . ALA A 1 52  ? -10.037 -0.728  5.927   1.00 26.34 ? 52  ALA A C   1 
ATOM   418  O  O   . ALA A 1 52  ? -8.932  -0.165  6.183   1.00 26.87 ? 52  ALA A O   1 
ATOM   419  C  CB  . ALA A 1 52  ? -11.456 -0.975  8.014   1.00 23.74 ? 52  ALA A CB  1 
ATOM   420  N  N   . LEU A 1 53  ? -10.704 -0.535  4.804   1.00 26.86 ? 53  LEU A N   1 
ATOM   421  C  CA  . LEU A 1 53  ? -10.283 0.445   3.808   1.00 27.48 ? 53  LEU A CA  1 
ATOM   422  C  C   . LEU A 1 53  ? -11.296 1.566   3.894   1.00 27.39 ? 53  LEU A C   1 
ATOM   423  O  O   . LEU A 1 53  ? -12.502 1.324   3.878   1.00 26.99 ? 53  LEU A O   1 
ATOM   424  C  CB  . LEU A 1 53  ? -10.309 -0.165  2.404   1.00 26.82 ? 53  LEU A CB  1 
ATOM   425  C  CG  . LEU A 1 53  ? -9.325  -1.284  2.118   1.00 27.56 ? 53  LEU A CG  1 
ATOM   426  C  CD1 . LEU A 1 53  ? -9.303  -1.632  0.571   1.00 27.25 ? 53  LEU A CD1 1 
ATOM   427  C  CD2 . LEU A 1 53  ? -7.941  -0.897  2.629   1.00 25.48 ? 53  LEU A CD2 1 
ATOM   428  N  N   . LEU A 1 54  ? -10.815 2.794   3.985   1.00 27.88 ? 54  LEU A N   1 
ATOM   429  C  CA  . LEU A 1 54  ? -11.717 3.915   4.126   1.00 27.52 ? 54  LEU A CA  1 
ATOM   430  C  C   . LEU A 1 54  ? -11.817 4.690   2.841   1.00 28.17 ? 54  LEU A C   1 
ATOM   431  O  O   . LEU A 1 54  ? -10.951 4.585   1.973   1.00 27.83 ? 54  LEU A O   1 
ATOM   432  C  CB  . LEU A 1 54  ? -11.227 4.829   5.248   1.00 27.60 ? 54  LEU A CB  1 
ATOM   433  C  CG  . LEU A 1 54  ? -10.890 4.144   6.564   1.00 26.46 ? 54  LEU A CG  1 
ATOM   434  C  CD1 . LEU A 1 54  ? -10.438 5.219   7.526   1.00 26.39 ? 54  LEU A CD1 1 
ATOM   435  C  CD2 . LEU A 1 54  ? -12.074 3.338   7.078   1.00 21.27 ? 54  LEU A CD2 1 
ATOM   436  N  N   . ASP A 1 55  ? -12.872 5.496   2.762   1.00 28.95 ? 55  ASP A N   1 
ATOM   437  C  CA  . ASP A 1 55  ? -13.154 6.352   1.623   1.00 29.35 ? 55  ASP A CA  1 
ATOM   438  C  C   . ASP A 1 55  ? -12.379 7.659   1.821   1.00 29.94 ? 55  ASP A C   1 
ATOM   439  O  O   . ASP A 1 55  ? -12.614 8.376   2.784   1.00 29.78 ? 55  ASP A O   1 
ATOM   440  C  CB  . ASP A 1 55  ? -14.656 6.598   1.527   1.00 29.23 ? 55  ASP A CB  1 
ATOM   441  C  CG  . ASP A 1 55  ? -15.067 7.357   0.265   1.00 30.53 ? 55  ASP A CG  1 
ATOM   442  O  OD1 . ASP A 1 55  ? -14.299 8.184   -0.236  1.00 33.24 ? 55  ASP A OD1 1 
ATOM   443  O  OD2 . ASP A 1 55  ? -16.208 7.171   -0.208  1.00 32.95 ? 55  ASP A OD2 1 
ATOM   444  N  N   . PRO A 1 56  ? -11.436 7.962   0.908   1.00 30.68 ? 56  PRO A N   1 
ATOM   445  C  CA  . PRO A 1 56  ? -10.609 9.171   1.048   1.00 30.15 ? 56  PRO A CA  1 
ATOM   446  C  C   . PRO A 1 56  ? -11.414 10.480  0.996   1.00 29.71 ? 56  PRO A C   1 
ATOM   447  O  O   . PRO A 1 56  ? -11.066 11.446  1.687   1.00 27.86 ? 56  PRO A O   1 
ATOM   448  C  CB  . PRO A 1 56  ? -9.648  9.076   -0.137  1.00 30.68 ? 56  PRO A CB  1 
ATOM   449  C  CG  . PRO A 1 56  ? -10.279 8.089   -1.097  1.00 31.69 ? 56  PRO A CG  1 
ATOM   450  C  CD  . PRO A 1 56  ? -11.048 7.137   -0.261  1.00 30.46 ? 56  PRO A CD  1 
ATOM   451  N  N   . VAL A 1 57  ? -12.483 10.502  0.197   1.00 29.06 ? 57  VAL A N   1 
ATOM   452  C  CA  . VAL A 1 57  ? -13.386 11.663  0.165   1.00 29.13 ? 57  VAL A CA  1 
ATOM   453  C  C   . VAL A 1 57  ? -14.044 11.883  1.540   1.00 29.14 ? 57  VAL A C   1 
ATOM   454  O  O   . VAL A 1 57  ? -14.198 13.008  1.964   1.00 29.50 ? 57  VAL A O   1 
ATOM   455  C  CB  . VAL A 1 57  ? -14.444 11.537  -0.963  1.00 29.16 ? 57  VAL A CB  1 
ATOM   456  C  CG1 . VAL A 1 57  ? -15.505 12.608  -0.844  1.00 28.24 ? 57  VAL A CG1 1 
ATOM   457  C  CG2 . VAL A 1 57  ? -13.745 11.564  -2.340  1.00 27.85 ? 57  VAL A CG2 1 
ATOM   458  N  N   . LYS A 1 58  ? -14.379 10.807  2.253   1.00 29.03 ? 58  LYS A N   1 
ATOM   459  C  CA  . LYS A 1 58  ? -15.055 10.917  3.535   1.00 28.44 ? 58  LYS A CA  1 
ATOM   460  C  C   . LYS A 1 58  ? -14.122 11.150  4.710   1.00 27.27 ? 58  LYS A C   1 
ATOM   461  O  O   . LYS A 1 58  ? -14.553 11.626  5.723   1.00 26.98 ? 58  LYS A O   1 
ATOM   462  C  CB  . LYS A 1 58  ? -15.947 9.690   3.799   1.00 29.10 ? 58  LYS A CB  1 
ATOM   463  C  CG  . LYS A 1 58  ? -17.220 9.708   2.961   1.00 31.31 ? 58  LYS A CG  1 
ATOM   464  C  CD  . LYS A 1 58  ? -17.948 8.359   2.972   1.00 34.57 ? 58  LYS A CD  1 
ATOM   465  C  CE  . LYS A 1 58  ? -18.945 8.238   1.820   1.00 35.64 ? 58  LYS A CE  1 
ATOM   466  N  NZ  . LYS A 1 58  ? -19.876 9.398   1.770   1.00 37.26 ? 58  LYS A NZ  1 
ATOM   467  N  N   . VAL A 1 59  ? -12.842 10.851  4.604   1.00 27.75 ? 59  VAL A N   1 
ATOM   468  C  CA  . VAL A 1 59  ? -11.915 11.210  5.705   1.00 27.04 ? 59  VAL A CA  1 
ATOM   469  C  C   . VAL A 1 59  ? -11.074 12.443  5.345   1.00 27.05 ? 59  VAL A C   1 
ATOM   470  O  O   . VAL A 1 59  ? -10.083 12.747  5.999   1.00 27.91 ? 59  VAL A O   1 
ATOM   471  C  CB  . VAL A 1 59  ? -11.046 10.002  6.167   1.00 27.16 ? 59  VAL A CB  1 
ATOM   472  C  CG1 . VAL A 1 59  ? -11.937 8.927   6.741   1.00 25.44 ? 59  VAL A CG1 1 
ATOM   473  C  CG2 . VAL A 1 59  ? -10.116 9.486   5.022   1.00 24.71 ? 59  VAL A CG2 1 
ATOM   474  N  N   . ASN A 1 60  ? -11.485 13.149  4.303   1.00 27.13 ? 60  ASN A N   1 
ATOM   475  C  CA  . ASN A 1 60  ? -10.858 14.429  3.900   1.00 27.78 ? 60  ASN A CA  1 
ATOM   476  C  C   . ASN A 1 60  ? -9.390  14.317  3.451   1.00 27.17 ? 60  ASN A C   1 
ATOM   477  O  O   . ASN A 1 60  ? -8.557  15.170  3.761   1.00 27.06 ? 60  ASN A O   1 
ATOM   478  C  CB  . ASN A 1 60  ? -11.026 15.488  5.014   1.00 27.67 ? 60  ASN A CB  1 
ATOM   479  C  CG  . ASN A 1 60  ? -10.836 16.911  4.506   1.00 28.72 ? 60  ASN A CG  1 
ATOM   480  O  OD1 . ASN A 1 60  ? -11.091 17.213  3.331   1.00 29.77 ? 60  ASN A OD1 1 
ATOM   481  N  ND2 . ASN A 1 60  ? -10.374 17.793  5.389   1.00 29.57 ? 60  ASN A ND2 1 
ATOM   482  N  N   . THR A 1 61  ? -9.095  13.268  2.705   1.00 27.18 ? 61  THR A N   1 
ATOM   483  C  CA  . THR A 1 61  ? -7.772  13.084  2.091   1.00 28.30 ? 61  THR A CA  1 
ATOM   484  C  C   . THR A 1 61  ? -7.901  12.807  0.583   1.00 28.91 ? 61  THR A C   1 
ATOM   485  O  O   . THR A 1 61  ? -7.278  11.866  0.056   1.00 29.91 ? 61  THR A O   1 
ATOM   486  C  CB  . THR A 1 61  ? -7.018  11.948  2.778   1.00 27.79 ? 61  THR A CB  1 
ATOM   487  O  OG1 . THR A 1 61  ? -7.664  10.723  2.472   1.00 27.29 ? 61  THR A OG1 1 
ATOM   488  C  CG2 . THR A 1 61  ? -7.016  12.138  4.292   1.00 29.91 ? 61  THR A CG2 1 
ATOM   489  N  N   . LYS A 1 62  ? -8.679  13.648  -0.112  1.00 29.74 ? 62  LYS A N   1 
ATOM   490  C  CA  . LYS A 1 62  ? -9.117  13.367  -1.501  1.00 30.25 ? 62  LYS A CA  1 
ATOM   491  C  C   . LYS A 1 62  ? -8.101  13.683  -2.588  1.00 29.49 ? 62  LYS A C   1 
ATOM   492  O  O   . LYS A 1 62  ? -8.301  13.278  -3.732  1.00 29.74 ? 62  LYS A O   1 
ATOM   493  C  CB  . LYS A 1 62  ? -10.436 14.096  -1.839  1.00 30.91 ? 62  LYS A CB  1 
ATOM   494  C  CG  . LYS A 1 62  ? -10.298 15.594  -2.088  1.00 33.91 ? 62  LYS A CG  1 
ATOM   495  C  CD  . LYS A 1 62  ? -11.655 16.368  -2.048  1.00 37.96 ? 62  LYS A CD  1 
ATOM   496  C  CE  . LYS A 1 62  ? -11.448 17.922  -2.149  1.00 40.42 ? 62  LYS A CE  1 
ATOM   497  N  NZ  . LYS A 1 62  ? -10.805 18.627  -0.929  1.00 40.73 ? 62  LYS A NZ  1 
ATOM   498  N  N   . VAL A 1 63  ? -7.041  14.432  -2.260  1.00 28.98 ? 63  VAL A N   1 
ATOM   499  C  CA  . VAL A 1 63  ? -6.010  14.780  -3.262  1.00 27.09 ? 63  VAL A CA  1 
ATOM   500  C  C   . VAL A 1 63  ? -4.837  13.802  -3.116  1.00 26.97 ? 63  VAL A C   1 
ATOM   501  O  O   . VAL A 1 63  ? -4.378  13.512  -2.011  1.00 26.64 ? 63  VAL A O   1 
ATOM   502  C  CB  . VAL A 1 63  ? -5.538  16.254  -3.154  1.00 27.25 ? 63  VAL A CB  1 
ATOM   503  C  CG1 . VAL A 1 63  ? -4.309  16.506  -4.081  1.00 25.56 ? 63  VAL A CG1 1 
ATOM   504  C  CG2 . VAL A 1 63  ? -6.701  17.233  -3.465  1.00 25.07 ? 63  VAL A CG2 1 
ATOM   505  N  N   . THR A 1 64  ? -4.406  13.259  -4.245  1.00 26.65 ? 64  THR A N   1 
ATOM   506  C  CA  . THR A 1 64  ? -3.183  12.479  -4.361  1.00 26.34 ? 64  THR A CA  1 
ATOM   507  C  C   . THR A 1 64  ? -2.113  13.311  -5.088  1.00 25.97 ? 64  THR A C   1 
ATOM   508  O  O   . THR A 1 64  ? -2.355  13.900  -6.129  1.00 25.27 ? 64  THR A O   1 
ATOM   509  C  CB  . THR A 1 64  ? -3.412  11.163  -5.174  1.00 26.08 ? 64  THR A CB  1 
ATOM   510  O  OG1 . THR A 1 64  ? -4.321  10.318  -4.469  1.00 27.95 ? 64  THR A OG1 1 
ATOM   511  C  CG2 . THR A 1 64  ? -2.123  10.424  -5.379  1.00 25.25 ? 64  THR A CG2 1 
ATOM   512  N  N   . VAL A 1 65  ? -0.917  13.320  -4.520  1.00 25.89 ? 65  VAL A N   1 
ATOM   513  C  CA  . VAL A 1 65  ? 0.234   13.980  -5.082  1.00 25.27 ? 65  VAL A CA  1 
ATOM   514  C  C   . VAL A 1 65  ? 1.305   12.905  -5.231  1.00 24.86 ? 65  VAL A C   1 
ATOM   515  O  O   . VAL A 1 65  ? 1.559   12.146  -4.302  1.00 23.95 ? 65  VAL A O   1 
ATOM   516  C  CB  . VAL A 1 65  ? 0.752   15.047  -4.109  1.00 24.89 ? 65  VAL A CB  1 
ATOM   517  C  CG1 . VAL A 1 65  ? 1.839   15.873  -4.786  1.00 24.62 ? 65  VAL A CG1 1 
ATOM   518  C  CG2 . VAL A 1 65  ? -0.410  15.875  -3.595  1.00 23.79 ? 65  VAL A CG2 1 
ATOM   519  N  N   . PHE A 1 66  ? 1.937   12.853  -6.383  1.00 24.44 ? 66  PHE A N   1 
ATOM   520  C  CA  . PHE A 1 66  ? 3.083   11.971  -6.599  1.00 24.54 ? 66  PHE A CA  1 
ATOM   521  C  C   . PHE A 1 66  ? 4.330   12.823  -6.528  1.00 24.49 ? 66  PHE A C   1 
ATOM   522  O  O   . PHE A 1 66  ? 4.522   13.737  -7.350  1.00 24.81 ? 66  PHE A O   1 
ATOM   523  C  CB  . PHE A 1 66  ? 2.989   11.232  -7.950  1.00 24.37 ? 66  PHE A CB  1 
ATOM   524  C  CG  . PHE A 1 66  ? 2.115   10.032  -7.883  1.00 24.90 ? 66  PHE A CG  1 
ATOM   525  C  CD1 . PHE A 1 66  ? 2.619   8.828   -7.428  1.00 22.40 ? 66  PHE A CD1 1 
ATOM   526  C  CD2 . PHE A 1 66  ? 0.760   10.130  -8.188  1.00 25.35 ? 66  PHE A CD2 1 
ATOM   527  C  CE1 . PHE A 1 66  ? 1.787   7.692   -7.332  1.00 23.57 ? 66  PHE A CE1 1 
ATOM   528  C  CE2 . PHE A 1 66  ? -0.055  9.048   -8.086  1.00 25.13 ? 66  PHE A CE2 1 
ATOM   529  C  CZ  . PHE A 1 66  ? 0.460   7.812   -7.663  1.00 23.91 ? 66  PHE A CZ  1 
ATOM   530  N  N   . VAL A 1 67  ? 5.163   12.534  -5.534  1.00 24.41 ? 67  VAL A N   1 
ATOM   531  C  CA  . VAL A 1 67  ? 6.314   13.347  -5.280  1.00 24.03 ? 67  VAL A CA  1 
ATOM   532  C  C   . VAL A 1 67  ? 7.543   12.609  -5.777  1.00 24.71 ? 67  VAL A C   1 
ATOM   533  O  O   . VAL A 1 67  ? 7.856   11.539  -5.276  1.00 25.69 ? 67  VAL A O   1 
ATOM   534  C  CB  . VAL A 1 67  ? 6.436   13.712  -3.761  1.00 24.25 ? 67  VAL A CB  1 
ATOM   535  C  CG1 . VAL A 1 67  ? 7.453   14.777  -3.571  1.00 20.53 ? 67  VAL A CG1 1 
ATOM   536  C  CG2 . VAL A 1 67  ? 5.089   14.128  -3.193  1.00 21.74 ? 67  VAL A CG2 1 
ATOM   537  N  N   . SER A 1 68  ? 8.216   13.168  -6.781  1.00 24.97 ? 68  SER A N   1 
ATOM   538  C  CA  . SER A 1 68  ? 9.482   12.632  -7.315  1.00 25.20 ? 68  SER A CA  1 
ATOM   539  C  C   . SER A 1 68  ? 10.737  13.288  -6.690  1.00 26.90 ? 68  SER A C   1 
ATOM   540  O  O   . SER A 1 68  ? 10.942  14.503  -6.805  1.00 26.16 ? 68  SER A O   1 
ATOM   541  C  CB  . SER A 1 68  ? 9.530   12.870  -8.823  1.00 24.97 ? 68  SER A CB  1 
ATOM   542  O  OG  . SER A 1 68  ? 8.475   12.205  -9.490  1.00 24.07 ? 68  SER A OG  1 
ATOM   543  N  N   . ILE A 1 69  ? 11.587  12.474  -6.056  1.00 28.68 ? 69  ILE A N   1 
ATOM   544  C  CA  . ILE A 1 69  ? 12.757  12.959  -5.312  1.00 29.35 ? 69  ILE A CA  1 
ATOM   545  C  C   . ILE A 1 69  ? 14.033  12.495  -5.985  1.00 30.98 ? 69  ILE A C   1 
ATOM   546  O  O   . ILE A 1 69  ? 14.140  11.344  -6.465  1.00 30.82 ? 69  ILE A O   1 
ATOM   547  C  CB  . ILE A 1 69  ? 12.758  12.513  -3.792  1.00 29.35 ? 69  ILE A CB  1 
ATOM   548  C  CG1 . ILE A 1 69  ? 11.540  13.096  -3.060  1.00 29.94 ? 69  ILE A CG1 1 
ATOM   549  C  CG2 . ILE A 1 69  ? 14.051  12.990  -3.035  1.00 28.20 ? 69  ILE A CG2 1 
ATOM   550  C  CD1 . ILE A 1 69  ? 11.367  12.627  -1.585  1.00 28.99 ? 69  ILE A CD1 1 
ATOM   551  N  N   . ARG A 1 70  ? 14.979  13.433  -6.056  1.00 33.10 ? 70  ARG A N   1 
ATOM   552  C  CA  . ARG A 1 70  ? 16.379  13.139  -6.355  1.00 34.31 ? 70  ARG A CA  1 
ATOM   553  C  C   . ARG A 1 70  ? 17.226  13.567  -5.159  1.00 35.12 ? 70  ARG A C   1 
ATOM   554  O  O   . ARG A 1 70  ? 17.018  14.635  -4.565  1.00 35.09 ? 70  ARG A O   1 
ATOM   555  C  CB  . ARG A 1 70  ? 16.867  13.846  -7.606  1.00 34.45 ? 70  ARG A CB  1 
ATOM   556  C  CG  . ARG A 1 70  ? 16.130  13.446  -8.840  1.00 35.43 ? 70  ARG A CG  1 
ATOM   557  C  CD  . ARG A 1 70  ? 16.752  14.065  -10.067 1.00 37.63 ? 70  ARG A CD  1 
ATOM   558  N  NE  . ARG A 1 70  ? 15.785  14.058  -11.160 1.00 40.68 ? 70  ARG A NE  1 
ATOM   559  N  N   . THR A 1 71  ? 18.176  12.696  -4.839  1.00 35.85 ? 71  THR A N   1 
ATOM   560  C  CA  . THR A 1 71  ? 19.051  12.811  -3.713  1.00 36.23 ? 71  THR A CA  1 
ATOM   561  C  C   . THR A 1 71  ? 20.465  13.090  -4.275  1.00 36.47 ? 71  THR A C   1 
ATOM   562  O  O   . THR A 1 71  ? 20.715  12.957  -5.482  1.00 35.98 ? 71  THR A O   1 
ATOM   563  C  CB  . THR A 1 71  ? 18.975  11.485  -2.881  1.00 36.79 ? 71  THR A CB  1 
ATOM   564  O  OG1 . THR A 1 71  ? 17.679  11.355  -2.254  1.00 37.23 ? 71  THR A OG1 1 
ATOM   565  C  CG2 . THR A 1 71  ? 20.044  11.424  -1.814  1.00 37.55 ? 71  THR A CG2 1 
ATOM   566  N  N   . ALA A 1 72  ? 21.356  13.555  -3.400  1.00 36.57 ? 72  ALA A N   1 
ATOM   567  C  CA  . ALA A 1 72  ? 22.767  13.635  -3.694  1.00 37.11 ? 72  ALA A CA  1 
ATOM   568  C  C   . ALA A 1 72  ? 23.352  12.240  -3.464  1.00 37.35 ? 72  ALA A C   1 
ATOM   569  O  O   . ALA A 1 72  ? 22.634  11.330  -3.043  1.00 37.98 ? 72  ALA A O   1 
ATOM   570  C  CB  . ALA A 1 72  ? 23.431  14.662  -2.761  1.00 36.74 ? 72  ALA A CB  1 
ATOM   571  N  N   . SER A 1 73  ? 24.651  12.075  -3.714  1.00 37.41 ? 73  SER A N   1 
ATOM   572  C  CA  . SER A 1 73  ? 25.362  10.865  -3.304  1.00 37.45 ? 73  SER A CA  1 
ATOM   573  C  C   . SER A 1 73  ? 25.383  10.801  -1.774  1.00 37.35 ? 73  SER A C   1 
ATOM   574  O  O   . SER A 1 73  ? 25.731  11.800  -1.128  1.00 37.47 ? 73  SER A O   1 
ATOM   575  C  CB  . SER A 1 73  ? 26.813  10.876  -3.819  1.00 37.60 ? 73  SER A CB  1 
ATOM   576  O  OG  . SER A 1 73  ? 26.919  11.319  -5.166  1.00 38.20 ? 73  SER A OG  1 
ATOM   577  N  N   . HIS A 1 74  ? 25.021  9.648   -1.200  1.00 37.15 ? 74  HIS A N   1 
ATOM   578  C  CA  . HIS A 1 74  ? 24.989  9.465   0.267   1.00 37.34 ? 74  HIS A CA  1 
ATOM   579  C  C   . HIS A 1 74  ? 25.300  8.041   0.747   1.00 36.94 ? 74  HIS A C   1 
ATOM   580  O  O   . HIS A 1 74  ? 25.099  7.075   0.018   1.00 37.13 ? 74  HIS A O   1 
ATOM   581  C  CB  . HIS A 1 74  ? 23.620  9.897   0.825   1.00 37.55 ? 74  HIS A CB  1 
ATOM   582  C  CG  . HIS A 1 74  ? 23.464  11.380  0.947   1.00 38.37 ? 74  HIS A CG  1 
ATOM   583  N  ND1 . HIS A 1 74  ? 22.591  12.106  0.162   1.00 38.62 ? 74  HIS A ND1 1 
ATOM   584  C  CD2 . HIS A 1 74  ? 24.099  12.281  1.737   1.00 38.68 ? 74  HIS A CD2 1 
ATOM   585  C  CE1 . HIS A 1 74  ? 22.682  13.386  0.477   1.00 38.85 ? 74  HIS A CE1 1 
ATOM   586  N  NE2 . HIS A 1 74  ? 23.585  13.518  1.433   1.00 39.55 ? 74  HIS A NE2 1 
ATOM   587  N  N   . SER A 1 75  ? 25.768  7.922   1.988   1.00 36.63 ? 75  SER A N   1 
ATOM   588  C  CA  . SER A 1 75  ? 26.052  6.613   2.587   1.00 36.36 ? 75  SER A CA  1 
ATOM   589  C  C   . SER A 1 75  ? 24.785  5.745   2.722   1.00 36.35 ? 75  SER A C   1 
ATOM   590  O  O   . SER A 1 75  ? 23.662  6.270   2.742   1.00 34.92 ? 75  SER A O   1 
ATOM   591  C  CB  . SER A 1 75  ? 26.740  6.763   3.959   1.00 36.34 ? 75  SER A CB  1 
ATOM   592  O  OG  . SER A 1 75  ? 25.845  7.209   4.972   1.00 35.75 ? 75  SER A OG  1 
ATOM   593  N  N   . ILE A 1 76  ? 25.004  4.426   2.802   1.00 36.79 ? 76  ILE A N   1 
ATOM   594  C  CA  . ILE A 1 76  ? 23.939  3.425   2.985   1.00 37.75 ? 76  ILE A CA  1 
ATOM   595  C  C   . ILE A 1 76  ? 23.099  3.716   4.265   1.00 38.19 ? 76  ILE A C   1 
ATOM   596  O  O   . ILE A 1 76  ? 21.887  3.441   4.310   1.00 37.73 ? 76  ILE A O   1 
ATOM   597  C  CB  . ILE A 1 76  ? 24.525  1.970   3.016   1.00 37.37 ? 76  ILE A CB  1 
ATOM   598  N  N   . GLU A 1 77  ? 23.766  4.311   5.264   1.00 38.84 ? 77  GLU A N   1 
ATOM   599  C  CA  . GLU A 1 77  ? 23.145  4.756   6.531   1.00 39.38 ? 77  GLU A CA  1 
ATOM   600  C  C   . GLU A 1 77  ? 22.283  6.037   6.426   1.00 39.34 ? 77  GLU A C   1 
ATOM   601  O  O   . GLU A 1 77  ? 21.219  6.126   7.059   1.00 39.34 ? 77  GLU A O   1 
ATOM   602  C  CB  . GLU A 1 77  ? 24.226  4.943   7.615   1.00 39.43 ? 77  GLU A CB  1 
ATOM   603  C  CG  . GLU A 1 77  ? 24.590  3.648   8.370   1.00 40.47 ? 77  GLU A CG  1 
ATOM   604  C  CD  . GLU A 1 77  ? 23.443  3.131   9.265   1.00 42.06 ? 77  GLU A CD  1 
ATOM   605  O  OE1 . GLU A 1 77  ? 22.476  3.896   9.531   1.00 42.64 ? 77  GLU A OE1 1 
ATOM   606  O  OE2 . GLU A 1 77  ? 23.513  1.955   9.695   1.00 42.84 ? 77  GLU A OE2 1 
ATOM   607  N  N   . TRP A 1 78  ? 22.755  7.022   5.656   1.00 39.01 ? 78  TRP A N   1 
ATOM   608  C  CA  . TRP A 1 78  ? 21.964  8.209   5.330   1.00 38.72 ? 78  TRP A CA  1 
ATOM   609  C  C   . TRP A 1 78  ? 20.684  7.807   4.591   1.00 38.47 ? 78  TRP A C   1 
ATOM   610  O  O   . TRP A 1 78  ? 19.593  8.266   4.942   1.00 38.12 ? 78  TRP A O   1 
ATOM   611  C  CB  . TRP A 1 78  ? 22.774  9.149   4.448   1.00 38.87 ? 78  TRP A CB  1 
ATOM   612  C  CG  . TRP A 1 78  ? 22.126  10.476  4.156   1.00 39.40 ? 78  TRP A CG  1 
ATOM   613  C  CD1 . TRP A 1 78  ? 22.417  11.677  4.758   1.00 39.00 ? 78  TRP A CD1 1 
ATOM   614  C  CD2 . TRP A 1 78  ? 21.115  10.760  3.166   1.00 40.05 ? 78  TRP A CD2 1 
ATOM   615  N  NE1 . TRP A 1 78  ? 21.647  12.682  4.208   1.00 38.40 ? 78  TRP A NE1 1 
ATOM   616  C  CE2 . TRP A 1 78  ? 20.832  12.148  3.243   1.00 40.35 ? 78  TRP A CE2 1 
ATOM   617  C  CE3 . TRP A 1 78  ? 20.432  9.984   2.217   1.00 40.92 ? 78  TRP A CE3 1 
ATOM   618  C  CZ2 . TRP A 1 78  ? 19.885  12.772  2.409   1.00 41.29 ? 78  TRP A CZ2 1 
ATOM   619  C  CZ3 . TRP A 1 78  ? 19.487  10.611  1.390   1.00 41.10 ? 78  TRP A CZ3 1 
ATOM   620  C  CH2 . TRP A 1 78  ? 19.234  11.989  1.488   1.00 40.70 ? 78  TRP A CH2 1 
ATOM   621  N  N   . LEU A 1 79  ? 20.821  6.972   3.561   1.00 37.87 ? 79  LEU A N   1 
ATOM   622  C  CA  . LEU A 1 79  ? 19.647  6.467   2.834   1.00 37.73 ? 79  LEU A CA  1 
ATOM   623  C  C   . LEU A 1 79  ? 18.729  5.715   3.810   1.00 37.22 ? 79  LEU A C   1 
ATOM   624  O  O   . LEU A 1 79  ? 17.545  5.929   3.761   1.00 36.49 ? 79  LEU A O   1 
ATOM   625  C  CB  . LEU A 1 79  ? 20.037  5.613   1.614   1.00 37.73 ? 79  LEU A CB  1 
ATOM   626  C  CG  . LEU A 1 79  ? 20.940  6.292   0.568   1.00 37.93 ? 79  LEU A CG  1 
ATOM   627  C  CD1 . LEU A 1 79  ? 21.572  5.244   -0.364  1.00 38.47 ? 79  LEU A CD1 1 
ATOM   628  C  CD2 . LEU A 1 79  ? 20.176  7.341   -0.230  1.00 38.30 ? 79  LEU A CD2 1 
ATOM   629  N  N   . LYS A 1 80  ? 19.281  4.916   4.740   1.00 37.63 ? 80  LYS A N   1 
ATOM   630  C  CA  . LYS A 1 80  ? 18.467  4.212   5.759   1.00 37.92 ? 80  LYS A CA  1 
ATOM   631  C  C   . LYS A 1 80  ? 17.678  5.178   6.676   1.00 38.43 ? 80  LYS A C   1 
ATOM   632  O  O   . LYS A 1 80  ? 16.508  4.932   6.987   1.00 38.96 ? 80  LYS A O   1 
ATOM   633  C  CB  . LYS A 1 80  ? 19.304  3.233   6.579   1.00 37.51 ? 80  LYS A CB  1 
ATOM   634  N  N   . ARG A 1 81  ? 18.287  6.302   7.044   1.00 38.70 ? 81  ARG A N   1 
ATOM   635  C  CA  . ARG A 1 81  ? 17.632  7.308   7.887   1.00 38.95 ? 81  ARG A CA  1 
ATOM   636  C  C   . ARG A 1 81  ? 16.690  8.242   7.128   1.00 38.26 ? 81  ARG A C   1 
ATOM   637  O  O   . ARG A 1 81  ? 15.664  8.676   7.659   1.00 39.03 ? 81  ARG A O   1 
ATOM   638  C  CB  . ARG A 1 81  ? 18.686  8.154   8.583   1.00 39.40 ? 81  ARG A CB  1 
ATOM   639  C  CG  . ARG A 1 81  ? 18.246  8.676   9.950   1.00 41.45 ? 81  ARG A CG  1 
ATOM   640  C  CD  . ARG A 1 81  ? 19.436  9.171   10.802  1.00 41.63 ? 81  ARG A CD  1 
ATOM   641  N  NE  . ARG A 1 81  ? 20.618  8.306   10.690  1.00 43.96 ? 81  ARG A NE  1 
ATOM   642  C  CZ  . ARG A 1 81  ? 21.753  8.589   10.035  1.00 43.59 ? 81  ARG A CZ  1 
ATOM   643  N  NH1 . ARG A 1 81  ? 21.922  9.743   9.380   1.00 42.85 ? 81  ARG A NH1 1 
ATOM   644  N  NH2 . ARG A 1 81  ? 22.739  7.691   10.033  1.00 43.17 ? 81  ARG A NH2 1 
ATOM   645  N  N   . PHE A 1 82  ? 17.069  8.599   5.911   1.00 37.12 ? 82  PHE A N   1 
ATOM   646  C  CA  . PHE A 1 82  ? 16.195  9.342   5.027   1.00 36.18 ? 82  PHE A CA  1 
ATOM   647  C  C   . PHE A 1 82  ? 14.862  8.559   4.822   1.00 35.87 ? 82  PHE A C   1 
ATOM   648  O  O   . PHE A 1 82  ? 13.767  9.111   4.955   1.00 35.02 ? 82  PHE A O   1 
ATOM   649  C  CB  . PHE A 1 82  ? 16.913  9.612   3.697   1.00 35.77 ? 82  PHE A CB  1 
ATOM   650  C  CG  . PHE A 1 82  ? 15.997  9.997   2.585   1.00 36.04 ? 82  PHE A CG  1 
ATOM   651  C  CD1 . PHE A 1 82  ? 15.582  11.307  2.437   1.00 36.16 ? 82  PHE A CD1 1 
ATOM   652  C  CD2 . PHE A 1 82  ? 15.530  9.044   1.694   1.00 35.89 ? 82  PHE A CD2 1 
ATOM   653  C  CE1 . PHE A 1 82  ? 14.718  11.657  1.420   1.00 36.95 ? 82  PHE A CE1 1 
ATOM   654  C  CE2 . PHE A 1 82  ? 14.671  9.388   0.667   1.00 35.06 ? 82  PHE A CE2 1 
ATOM   655  C  CZ  . PHE A 1 82  ? 14.253  10.692  0.529   1.00 35.84 ? 82  PHE A CZ  1 
ATOM   656  N  N   . SER A 1 83  ? 14.961  7.264   4.535   1.00 35.23 ? 83  SER A N   1 
ATOM   657  C  CA  . SER A 1 83  ? 13.776  6.497   4.250   1.00 35.21 ? 83  SER A CA  1 
ATOM   658  C  C   . SER A 1 83  ? 12.954  6.188   5.509   1.00 34.89 ? 83  SER A C   1 
ATOM   659  O  O   . SER A 1 83  ? 11.726  6.083   5.411   1.00 34.26 ? 83  SER A O   1 
ATOM   660  C  CB  . SER A 1 83  ? 14.111  5.248   3.407   1.00 35.54 ? 83  SER A CB  1 
ATOM   661  O  OG  . SER A 1 83  ? 14.599  4.190   4.184   1.00 36.21 ? 83  SER A OG  1 
ATOM   662  N  N   . GLU A 1 84  ? 13.605  6.083   6.680   1.00 34.47 ? 84  GLU A N   1 
ATOM   663  C  CA  . GLU A 1 84  ? 12.879  5.995   7.961   1.00 34.53 ? 84  GLU A CA  1 
ATOM   664  C  C   . GLU A 1 84  ? 12.078  7.281   8.287   1.00 34.68 ? 84  GLU A C   1 
ATOM   665  O  O   . GLU A 1 84  ? 10.944  7.186   8.805   1.00 35.34 ? 84  GLU A O   1 
ATOM   666  C  CB  . GLU A 1 84  ? 13.814  5.668   9.140   1.00 34.84 ? 84  GLU A CB  1 
ATOM   667  C  CG  . GLU A 1 84  ? 14.225  4.199   9.231   1.00 35.33 ? 84  GLU A CG  1 
ATOM   668  N  N   . VAL A 1 85  ? 12.633  8.471   8.005   1.00 33.87 ? 85  VAL A N   1 
ATOM   669  C  CA  . VAL A 1 85  ? 11.933  9.716   8.370   1.00 32.91 ? 85  VAL A CA  1 
ATOM   670  C  C   . VAL A 1 85  ? 10.827  10.038  7.369   1.00 32.63 ? 85  VAL A C   1 
ATOM   671  O  O   . VAL A 1 85  ? 9.770   10.520  7.765   1.00 32.78 ? 85  VAL A O   1 
ATOM   672  C  CB  . VAL A 1 85  ? 12.860  10.969  8.594   1.00 32.81 ? 85  VAL A CB  1 
ATOM   673  C  CG1 . VAL A 1 85  ? 14.095  10.624  9.466   1.00 31.75 ? 85  VAL A CG1 1 
ATOM   674  C  CG2 . VAL A 1 85  ? 13.236  11.608  7.298   1.00 32.67 ? 85  VAL A CG2 1 
ATOM   675  N  N   . VAL A 1 86  ? 11.043  9.769   6.081   1.00 32.07 ? 86  VAL A N   1 
ATOM   676  C  CA  . VAL A 1 86  ? 9.935   9.909   5.120   1.00 31.96 ? 86  VAL A CA  1 
ATOM   677  C  C   . VAL A 1 86  ? 8.798   8.911   5.435   1.00 31.66 ? 86  VAL A C   1 
ATOM   678  O  O   . VAL A 1 86  ? 7.618   9.277   5.393   1.00 31.02 ? 86  VAL A O   1 
ATOM   679  C  CB  . VAL A 1 86  ? 10.395  9.830   3.650   1.00 31.71 ? 86  VAL A CB  1 
ATOM   680  C  CG1 . VAL A 1 86  ? 9.203   10.050  2.728   1.00 31.45 ? 86  VAL A CG1 1 
ATOM   681  C  CG2 . VAL A 1 86  ? 11.476  10.899  3.398   1.00 31.13 ? 86  VAL A CG2 1 
ATOM   682  N  N   . SER A 1 87  ? 9.167   7.693   5.829   1.00 31.42 ? 87  SER A N   1 
ATOM   683  C  CA  . SER A 1 87  ? 8.190   6.644   6.173   1.00 31.55 ? 87  SER A CA  1 
ATOM   684  C  C   . SER A 1 87  ? 7.300   6.982   7.358   1.00 31.40 ? 87  SER A C   1 
ATOM   685  O  O   . SER A 1 87  ? 6.177   6.486   7.433   1.00 31.09 ? 87  SER A O   1 
ATOM   686  C  CB  . SER A 1 87  ? 8.875   5.301   6.442   1.00 30.75 ? 87  SER A CB  1 
ATOM   687  O  OG  . SER A 1 87  ? 9.305   4.743   5.227   1.00 31.61 ? 87  SER A OG  1 
ATOM   688  N  N   . GLU A 1 88  ? 7.781   7.817   8.277   1.00 31.05 ? 88  GLU A N   1 
ATOM   689  C  CA  . GLU A 1 88  ? 6.987   8.119   9.465   1.00 31.26 ? 88  GLU A CA  1 
ATOM   690  C  C   . GLU A 1 88  ? 5.781   9.007   9.110   1.00 30.02 ? 88  GLU A C   1 
ATOM   691  O  O   . GLU A 1 88  ? 4.812   9.011   9.851   1.00 30.20 ? 88  GLU A O   1 
ATOM   692  C  CB  . GLU A 1 88  ? 7.831   8.759   10.595  1.00 31.92 ? 88  GLU A CB  1 
ATOM   693  C  CG  . GLU A 1 88  ? 8.760   7.780   11.375  1.00 35.55 ? 88  GLU A CG  1 
ATOM   694  C  CD  . GLU A 1 88  ? 9.945   8.504   12.110  1.00 41.83 ? 88  GLU A CD  1 
ATOM   695  O  OE1 . GLU A 1 88  ? 9.731   9.609   12.682  1.00 43.93 ? 88  GLU A OE1 1 
ATOM   696  O  OE2 . GLU A 1 88  ? 11.100  7.980   12.109  1.00 44.91 ? 88  GLU A OE2 1 
ATOM   697  N  N   . PHE A 1 89  ? 5.834   9.750   8.006   1.00 28.14 ? 89  PHE A N   1 
ATOM   698  C  CA  . PHE A 1 89  ? 4.755   10.693  7.708   1.00 27.55 ? 89  PHE A CA  1 
ATOM   699  C  C   . PHE A 1 89  ? 3.534   9.885   7.364   1.00 26.40 ? 89  PHE A C   1 
ATOM   700  O  O   . PHE A 1 89  ? 3.583   9.025   6.457   1.00 24.94 ? 89  PHE A O   1 
ATOM   701  C  CB  . PHE A 1 89  ? 5.086   11.661  6.557   1.00 28.12 ? 89  PHE A CB  1 
ATOM   702  C  CG  . PHE A 1 89  ? 6.098   12.711  6.913   1.00 29.18 ? 89  PHE A CG  1 
ATOM   703  C  CD1 . PHE A 1 89  ? 5.697   13.905  7.521   1.00 31.64 ? 89  PHE A CD1 1 
ATOM   704  C  CD2 . PHE A 1 89  ? 7.446   12.513  6.640   1.00 30.20 ? 89  PHE A CD2 1 
ATOM   705  C  CE1 . PHE A 1 89  ? 6.633   14.866  7.866   1.00 31.82 ? 89  PHE A CE1 1 
ATOM   706  C  CE2 . PHE A 1 89  ? 8.400   13.477  6.983   1.00 32.34 ? 89  PHE A CE2 1 
ATOM   707  C  CZ  . PHE A 1 89  ? 7.995   14.649  7.606   1.00 32.73 ? 89  PHE A CZ  1 
ATOM   708  N  N   . PRO A 1 90  ? 2.428   10.147  8.079   1.00 26.16 ? 90  PRO A N   1 
ATOM   709  C  CA  . PRO A 1 90  ? 1.182   9.410   7.787   1.00 25.48 ? 90  PRO A CA  1 
ATOM   710  C  C   . PRO A 1 90  ? 0.591   9.704   6.391   1.00 25.29 ? 90  PRO A C   1 
ATOM   711  O  O   . PRO A 1 90  ? -0.089  8.851   5.824   1.00 25.03 ? 90  PRO A O   1 
ATOM   712  C  CB  . PRO A 1 90  ? 0.232   9.845   8.899   1.00 25.97 ? 90  PRO A CB  1 
ATOM   713  C  CG  . PRO A 1 90  ? 0.967   10.850  9.748   1.00 26.73 ? 90  PRO A CG  1 
ATOM   714  C  CD  . PRO A 1 90  ? 2.296   11.121  9.181   1.00 26.06 ? 90  PRO A CD  1 
ATOM   715  N  N   . GLU A 1 91  ? 0.894   10.885  5.844   1.00 24.70 ? 91  GLU A N   1 
ATOM   716  C  CA  . GLU A 1 91  ? 0.484   11.250  4.520   1.00 25.45 ? 91  GLU A CA  1 
ATOM   717  C  C   . GLU A 1 91  ? 1.261   10.522  3.437   1.00 25.32 ? 91  GLU A C   1 
ATOM   718  O  O   . GLU A 1 91  ? 0.801   10.518  2.324   1.00 25.62 ? 91  GLU A O   1 
ATOM   719  C  CB  . GLU A 1 91  ? 0.622   12.759  4.239   1.00 25.27 ? 91  GLU A CB  1 
ATOM   720  C  CG  . GLU A 1 91  ? -0.167  13.629  5.166   1.00 25.57 ? 91  GLU A CG  1 
ATOM   721  C  CD  . GLU A 1 91  ? 0.600   14.015  6.445   1.00 26.55 ? 91  GLU A CD  1 
ATOM   722  O  OE1 . GLU A 1 91  ? 1.695   13.462  6.728   1.00 24.61 ? 91  GLU A OE1 1 
ATOM   723  O  OE2 . GLU A 1 91  ? 0.071   14.881  7.181   1.00 29.42 ? 91  GLU A OE2 1 
ATOM   724  N  N   . VAL A 1 92  ? 2.421   9.944   3.732   1.00 24.93 ? 92  VAL A N   1 
ATOM   725  C  CA  . VAL A 1 92  ? 3.168   9.228   2.693   1.00 25.53 ? 92  VAL A CA  1 
ATOM   726  C  C   . VAL A 1 92  ? 2.635   7.798   2.716   1.00 26.15 ? 92  VAL A C   1 
ATOM   727  O  O   . VAL A 1 92  ? 2.955   6.997   3.628   1.00 26.22 ? 92  VAL A O   1 
ATOM   728  C  CB  . VAL A 1 92  ? 4.691   9.247   2.933   1.00 25.34 ? 92  VAL A CB  1 
ATOM   729  C  CG1 . VAL A 1 92  ? 5.426   8.384   1.877   1.00 23.90 ? 92  VAL A CG1 1 
ATOM   730  C  CG2 . VAL A 1 92  ? 5.179   10.697  3.021   1.00 24.94 ? 92  VAL A CG2 1 
ATOM   731  N  N   . VAL A 1 93  ? 1.769   7.492   1.751   1.00 26.15 ? 93  VAL A N   1 
ATOM   732  C  CA  . VAL A 1 93  ? 1.080   6.224   1.827   1.00 26.12 ? 93  VAL A CA  1 
ATOM   733  C  C   . VAL A 1 93  ? 1.827   5.149   1.033   1.00 26.47 ? 93  VAL A C   1 
ATOM   734  O  O   . VAL A 1 93  ? 1.642   3.928   1.265   1.00 27.18 ? 93  VAL A O   1 
ATOM   735  C  CB  . VAL A 1 93  ? -0.421  6.350   1.492   1.00 26.10 ? 93  VAL A CB  1 
ATOM   736  C  CG1 . VAL A 1 93  ? -1.160  7.107   2.636   1.00 24.33 ? 93  VAL A CG1 1 
ATOM   737  C  CG2 . VAL A 1 93  ? -0.628  6.960   0.152   1.00 26.83 ? 93  VAL A CG2 1 
ATOM   738  N  N   . GLU A 1 94  ? 2.694   5.594   0.119   1.00 26.01 ? 94  GLU A N   1 
ATOM   739  C  CA  . GLU A 1 94  ? 3.503   4.678   -0.673  1.00 26.52 ? 94  GLU A CA  1 
ATOM   740  C  C   . GLU A 1 94  ? 4.807   5.356   -0.918  1.00 25.13 ? 94  GLU A C   1 
ATOM   741  O  O   . GLU A 1 94  ? 4.847   6.555   -1.102  1.00 25.17 ? 94  GLU A O   1 
ATOM   742  C  CB  . GLU A 1 94  ? 2.832   4.305   -2.009  1.00 26.03 ? 94  GLU A CB  1 
ATOM   743  C  CG  . GLU A 1 94  ? 1.555   3.580   -1.856  1.00 30.53 ? 94  GLU A CG  1 
ATOM   744  C  CD  . GLU A 1 94  ? 0.823   3.282   -3.199  1.00 33.43 ? 94  GLU A CD  1 
ATOM   745  O  OE1 . GLU A 1 94  ? 1.494   3.046   -4.214  1.00 36.18 ? 94  GLU A OE1 1 
ATOM   746  O  OE2 . GLU A 1 94  ? -0.431  3.272   -3.171  1.00 33.26 ? 94  GLU A OE2 1 
ATOM   747  N  N   . PHE A 1 95  ? 5.869   4.571   -0.952  1.00 25.77 ? 95  PHE A N   1 
ATOM   748  C  CA  . PHE A 1 95  ? 7.235   5.110   -0.983  1.00 25.60 ? 95  PHE A CA  1 
ATOM   749  C  C   . PHE A 1 95  ? 8.129   4.078   -1.631  1.00 25.95 ? 95  PHE A C   1 
ATOM   750  O  O   . PHE A 1 95  ? 8.249   2.938   -1.126  1.00 26.38 ? 95  PHE A O   1 
ATOM   751  C  CB  . PHE A 1 95  ? 7.655   5.396   0.462   1.00 25.62 ? 95  PHE A CB  1 
ATOM   752  C  CG  . PHE A 1 95  ? 9.036   5.971   0.640   1.00 25.11 ? 95  PHE A CG  1 
ATOM   753  C  CD1 . PHE A 1 95  ? 9.704   6.654   -0.364  1.00 26.63 ? 95  PHE A CD1 1 
ATOM   754  C  CD2 . PHE A 1 95  ? 9.630   5.898   1.880   1.00 26.38 ? 95  PHE A CD2 1 
ATOM   755  C  CE1 . PHE A 1 95  ? 10.969  7.228   -0.130  1.00 27.37 ? 95  PHE A CE1 1 
ATOM   756  C  CE2 . PHE A 1 95  ? 10.904  6.443   2.105   1.00 27.14 ? 95  PHE A CE2 1 
ATOM   757  C  CZ  . PHE A 1 95  ? 11.559  7.124   1.100   1.00 25.57 ? 95  PHE A CZ  1 
ATOM   758  N  N   . TYR A 1 96  ? 8.736   4.469   -2.752  1.00 26.33 ? 96  TYR A N   1 
ATOM   759  C  CA  . TYR A 1 96  ? 9.552   3.567   -3.549  1.00 26.63 ? 96  TYR A CA  1 
ATOM   760  C  C   . TYR A 1 96  ? 10.881  4.159   -3.862  1.00 26.44 ? 96  TYR A C   1 
ATOM   761  O  O   . TYR A 1 96  ? 10.997  5.351   -4.205  1.00 26.92 ? 96  TYR A O   1 
ATOM   762  C  CB  . TYR A 1 96  ? 8.894   3.232   -4.914  1.00 26.95 ? 96  TYR A CB  1 
ATOM   763  C  CG  . TYR A 1 96  ? 7.588   2.533   -4.779  1.00 27.34 ? 96  TYR A CG  1 
ATOM   764  C  CD1 . TYR A 1 96  ? 7.506   1.150   -4.764  1.00 27.63 ? 96  TYR A CD1 1 
ATOM   765  C  CD2 . TYR A 1 96  ? 6.427   3.258   -4.611  1.00 28.99 ? 96  TYR A CD2 1 
ATOM   766  C  CE1 . TYR A 1 96  ? 6.302   0.532   -4.614  1.00 28.19 ? 96  TYR A CE1 1 
ATOM   767  C  CE2 . TYR A 1 96  ? 5.231   2.649   -4.428  1.00 28.56 ? 96  TYR A CE2 1 
ATOM   768  C  CZ  . TYR A 1 96  ? 5.164   1.297   -4.432  1.00 29.01 ? 96  TYR A CZ  1 
ATOM   769  O  OH  . TYR A 1 96  ? 3.931   0.719   -4.254  1.00 32.40 ? 96  TYR A OH  1 
ATOM   770  N  N   . ARG A 1 97  ? 11.881  3.294   -3.800  1.00 25.56 ? 97  ARG A N   1 
ATOM   771  C  CA  . ARG A 1 97  ? 13.186  3.593   -4.311  1.00 25.92 ? 97  ARG A CA  1 
ATOM   772  C  C   . ARG A 1 97  ? 13.123  3.183   -5.767  1.00 25.48 ? 97  ARG A C   1 
ATOM   773  O  O   . ARG A 1 97  ? 12.802  2.042   -6.067  1.00 25.70 ? 97  ARG A O   1 
ATOM   774  C  CB  . ARG A 1 97  ? 14.268  2.836   -3.535  1.00 25.43 ? 97  ARG A CB  1 
ATOM   775  C  CG  . ARG A 1 97  ? 15.650  3.085   -4.068  1.00 27.01 ? 97  ARG A CG  1 
ATOM   776  C  CD  . ARG A 1 97  ? 16.744  2.732   -3.037  1.00 28.18 ? 97  ARG A CD  1 
ATOM   777  N  NE  . ARG A 1 97  ? 16.644  1.320   -2.681  1.00 29.39 ? 97  ARG A NE  1 
ATOM   778  C  CZ  . ARG A 1 97  ? 17.160  0.321   -3.382  1.00 31.22 ? 97  ARG A CZ  1 
ATOM   779  N  NH1 . ARG A 1 97  ? 17.854  0.556   -4.492  1.00 33.08 ? 97  ARG A NH1 1 
ATOM   780  N  NH2 . ARG A 1 97  ? 16.989  -0.930  -2.961  1.00 33.37 ? 97  ARG A NH2 1 
HETATM 781  N  N   . MSE A 1 98  ? 13.361  4.138   -6.666  1.00 25.24 ? 98  MSE A N   1 
HETATM 782  C  CA  . MSE A 1 98  ? 13.192  3.917   -8.079  1.00 25.47 ? 98  MSE A CA  1 
HETATM 783  C  C   . MSE A 1 98  ? 14.529  3.766   -8.783  1.00 26.92 ? 98  MSE A C   1 
HETATM 784  O  O   . MSE A 1 98  ? 15.603  4.119   -8.247  1.00 26.71 ? 98  MSE A O   1 
HETATM 785  C  CB  . MSE A 1 98  ? 12.457  5.082   -8.723  1.00 24.96 ? 98  MSE A CB  1 
HETATM 786  C  CG  . MSE A 1 98  ? 11.060  5.370   -8.186  1.00 23.82 ? 98  MSE A CG  1 
HETATM 787  SE SE  . MSE A 1 98  ? 9.780   3.999   -8.557  0.50 16.87 ? 98  MSE A SE  1 
HETATM 788  C  CE  . MSE A 1 98  ? 9.644   3.931   -10.438 1.00 15.89 ? 98  MSE A CE  1 
ATOM   789  N  N   . SER A 1 99  ? 14.426  3.220   -9.994  1.00 27.89 ? 99  SER A N   1 
ATOM   790  C  CA  . SER A 1 99  ? 15.480  3.233   -10.974 1.00 28.44 ? 99  SER A CA  1 
ATOM   791  C  C   . SER A 1 99  ? 15.007  4.278   -11.972 1.00 28.81 ? 99  SER A C   1 
ATOM   792  O  O   . SER A 1 99  ? 13.848  4.670   -11.938 1.00 28.58 ? 99  SER A O   1 
ATOM   793  C  CB  . SER A 1 99  ? 15.606  1.854   -11.643 1.00 28.97 ? 99  SER A CB  1 
ATOM   794  O  OG  . SER A 1 99  ? 14.533  1.639   -12.566 1.00 29.01 ? 99  SER A OG  1 
ATOM   795  N  N   . GLY A 1 100 ? 15.902  4.739   -12.843 1.00 29.07 ? 100 GLY A N   1 
ATOM   796  C  CA  . GLY A 1 100 ? 15.542  5.722   -13.873 1.00 28.74 ? 100 GLY A CA  1 
ATOM   797  C  C   . GLY A 1 100 ? 15.977  7.112   -13.452 1.00 28.63 ? 100 GLY A C   1 
ATOM   798  O  O   . GLY A 1 100 ? 16.846  7.268   -12.614 1.00 27.68 ? 100 GLY A O   1 
ATOM   799  N  N   . ASP A 1 101 ? 15.361  8.127   -14.039 1.00 29.08 ? 101 ASP A N   1 
ATOM   800  C  CA  . ASP A 1 101 ? 15.726  9.515   -13.770 1.00 30.06 ? 101 ASP A CA  1 
ATOM   801  C  C   . ASP A 1 101 ? 15.525  9.956   -12.319 1.00 29.94 ? 101 ASP A C   1 
ATOM   802  O  O   . ASP A 1 101 ? 16.223  10.830  -11.827 1.00 29.65 ? 101 ASP A O   1 
ATOM   803  C  CB  . ASP A 1 101 ? 14.919  10.436  -14.682 1.00 30.57 ? 101 ASP A CB  1 
ATOM   804  C  CG  . ASP A 1 101 ? 15.513  10.559  -16.065 1.00 33.65 ? 101 ASP A CG  1 
ATOM   805  O  OD1 . ASP A 1 101 ? 16.464  9.804   -16.429 1.00 35.35 ? 101 ASP A OD1 1 
ATOM   806  O  OD2 . ASP A 1 101 ? 15.038  11.463  -16.787 1.00 39.81 ? 101 ASP A OD2 1 
ATOM   807  N  N   . VAL A 1 102 ? 14.555  9.346   -11.644 1.00 30.43 ? 102 VAL A N   1 
ATOM   808  C  CA  . VAL A 1 102 ? 14.181  9.745   -10.305 1.00 30.16 ? 102 VAL A CA  1 
ATOM   809  C  C   . VAL A 1 102 ? 14.670  8.688   -9.307  1.00 29.75 ? 102 VAL A C   1 
ATOM   810  O  O   . VAL A 1 102 ? 14.649  7.510   -9.599  1.00 30.37 ? 102 VAL A O   1 
ATOM   811  C  CB  . VAL A 1 102 ? 12.657  9.987   -10.257 1.00 30.09 ? 102 VAL A CB  1 
ATOM   812  C  CG1 . VAL A 1 102 ? 12.103  9.786   -8.888  1.00 28.92 ? 102 VAL A CG1 1 
ATOM   813  C  CG2 . VAL A 1 102 ? 12.348  11.390  -10.803 1.00 31.44 ? 102 VAL A CG2 1 
ATOM   814  N  N   . ASP A 1 103 ? 15.113  9.142   -8.138  1.00 29.03 ? 103 ASP A N   1 
ATOM   815  C  CA  . ASP A 1 103 ? 15.661  8.286   -7.090  1.00 28.08 ? 103 ASP A CA  1 
ATOM   816  C  C   . ASP A 1 103 ? 14.548  7.669   -6.230  1.00 27.29 ? 103 ASP A C   1 
ATOM   817  O  O   . ASP A 1 103 ? 14.644  6.495   -5.851  1.00 26.37 ? 103 ASP A O   1 
ATOM   818  C  CB  . ASP A 1 103 ? 16.573  9.108   -6.138  1.00 28.12 ? 103 ASP A CB  1 
ATOM   819  C  CG  . ASP A 1 103 ? 17.945  9.415   -6.721  1.00 29.34 ? 103 ASP A CG  1 
ATOM   820  O  OD1 . ASP A 1 103 ? 18.548  8.507   -7.340  1.00 31.50 ? 103 ASP A OD1 1 
ATOM   821  O  OD2 . ASP A 1 103 ? 18.453  10.540  -6.504  1.00 27.87 ? 103 ASP A OD2 1 
ATOM   822  N  N   . TYR A 1 104 ? 13.560  8.495   -5.850  1.00 25.69 ? 104 TYR A N   1 
ATOM   823  C  CA  . TYR A 1 104 ? 12.442  8.028   -5.059  1.00 25.95 ? 104 TYR A CA  1 
ATOM   824  C  C   . TYR A 1 104 ? 11.117  8.564   -5.595  1.00 24.88 ? 104 TYR A C   1 
ATOM   825  O  O   . TYR A 1 104 ? 11.048  9.662   -6.151  1.00 23.85 ? 104 TYR A O   1 
ATOM   826  C  CB  . TYR A 1 104 ? 12.612  8.407   -3.588  1.00 26.04 ? 104 TYR A CB  1 
ATOM   827  C  CG  . TYR A 1 104 ? 13.856  7.802   -2.904  1.00 27.88 ? 104 TYR A CG  1 
ATOM   828  C  CD1 . TYR A 1 104 ? 13.752  6.660   -2.103  1.00 29.67 ? 104 TYR A CD1 1 
ATOM   829  C  CD2 . TYR A 1 104 ? 15.112  8.374   -3.047  1.00 27.86 ? 104 TYR A CD2 1 
ATOM   830  C  CE1 . TYR A 1 104 ? 14.853  6.113   -1.467  1.00 29.41 ? 104 TYR A CE1 1 
ATOM   831  C  CE2 . TYR A 1 104 ? 16.226  7.834   -2.414  1.00 30.42 ? 104 TYR A CE2 1 
ATOM   832  C  CZ  . TYR A 1 104 ? 16.090  6.704   -1.614  1.00 31.38 ? 104 TYR A CZ  1 
ATOM   833  O  OH  . TYR A 1 104 ? 17.193  6.153   -0.974  1.00 33.56 ? 104 TYR A OH  1 
ATOM   834  N  N   . LEU A 1 105 ? 10.082  7.753   -5.454  1.00 24.35 ? 105 LEU A N   1 
ATOM   835  C  CA  . LEU A 1 105 ? 8.726   8.162   -5.779  1.00 24.48 ? 105 LEU A CA  1 
ATOM   836  C  C   . LEU A 1 105 ? 7.830   7.948   -4.548  1.00 25.14 ? 105 LEU A C   1 
ATOM   837  O  O   . LEU A 1 105 ? 7.758   6.835   -4.000  1.00 25.09 ? 105 LEU A O   1 
ATOM   838  C  CB  . LEU A 1 105 ? 8.182   7.431   -7.013  1.00 23.36 ? 105 LEU A CB  1 
ATOM   839  C  CG  . LEU A 1 105 ? 6.798   7.867   -7.545  1.00 22.62 ? 105 LEU A CG  1 
ATOM   840  C  CD1 . LEU A 1 105 ? 6.767   9.353   -7.974  1.00 20.03 ? 105 LEU A CD1 1 
ATOM   841  C  CD2 . LEU A 1 105 ? 6.316   6.954   -8.701  1.00 18.88 ? 105 LEU A CD2 1 
ATOM   842  N  N   . LEU A 1 106 ? 7.167   9.029   -4.128  1.00 25.11 ? 106 LEU A N   1 
ATOM   843  C  CA  . LEU A 1 106 ? 6.178   8.970   -3.040  1.00 26.20 ? 106 LEU A CA  1 
ATOM   844  C  C   . LEU A 1 106 ? 4.784   9.224   -3.593  1.00 25.54 ? 106 LEU A C   1 
ATOM   845  O  O   . LEU A 1 106 ? 4.619   10.021  -4.514  1.00 25.56 ? 106 LEU A O   1 
ATOM   846  C  CB  . LEU A 1 106 ? 6.438   10.008  -1.942  1.00 25.24 ? 106 LEU A CB  1 
ATOM   847  C  CG  . LEU A 1 106 ? 7.706   10.110  -1.095  1.00 27.71 ? 106 LEU A CG  1 
ATOM   848  C  CD1 . LEU A 1 106 ? 8.996   10.044  -1.893  1.00 25.09 ? 106 LEU A CD1 1 
ATOM   849  C  CD2 . LEU A 1 106 ? 7.629   11.469  -0.288  1.00 26.25 ? 106 LEU A CD2 1 
ATOM   850  N  N   . ARG A 1 107 ? 3.806   8.534   -3.019  1.00 25.60 ? 107 ARG A N   1 
ATOM   851  C  CA  . ARG A 1 107 ? 2.395   8.913   -3.135  1.00 26.54 ? 107 ARG A CA  1 
ATOM   852  C  C   . ARG A 1 107 ? 1.910   9.481   -1.818  1.00 26.25 ? 107 ARG A C   1 
ATOM   853  O  O   . ARG A 1 107 ? 2.032   8.829   -0.767  1.00 26.55 ? 107 ARG A O   1 
ATOM   854  C  CB  . ARG A 1 107 ? 1.504   7.735   -3.485  1.00 26.62 ? 107 ARG A CB  1 
ATOM   855  C  CG  . ARG A 1 107 ? 0.113   8.178   -3.820  1.00 27.69 ? 107 ARG A CG  1 
ATOM   856  C  CD  . ARG A 1 107 ? -0.732  7.111   -4.527  1.00 28.24 ? 107 ARG A CD  1 
ATOM   857  N  NE  . ARG A 1 107 ? -1.321  6.167   -3.587  1.00 28.56 ? 107 ARG A NE  1 
ATOM   858  C  CZ  . ARG A 1 107 ? -2.460  6.313   -2.896  1.00 29.85 ? 107 ARG A CZ  1 
ATOM   859  N  NH1 . ARG A 1 107 ? -2.843  5.339   -2.083  1.00 31.57 ? 107 ARG A NH1 1 
ATOM   860  N  NH2 . ARG A 1 107 ? -3.212  7.389   -2.974  1.00 29.68 ? 107 ARG A NH2 1 
ATOM   861  N  N   . VAL A 1 108 ? 1.371   10.691  -1.897  1.00 26.40 ? 108 VAL A N   1 
ATOM   862  C  CA  . VAL A 1 108 ? 0.978   11.487  -0.728  1.00 27.01 ? 108 VAL A CA  1 
ATOM   863  C  C   . VAL A 1 108 ? -0.499  11.793  -0.875  1.00 26.22 ? 108 VAL A C   1 
ATOM   864  O  O   . VAL A 1 108 ? -0.964  12.083  -1.977  1.00 25.47 ? 108 VAL A O   1 
ATOM   865  C  CB  . VAL A 1 108 ? 1.827   12.829  -0.634  1.00 27.85 ? 108 VAL A CB  1 
ATOM   866  C  CG1 . VAL A 1 108 ? 1.249   13.830  0.410   1.00 24.68 ? 108 VAL A CG1 1 
ATOM   867  C  CG2 . VAL A 1 108 ? 3.323   12.502  -0.370  1.00 28.17 ? 108 VAL A CG2 1 
ATOM   868  N  N   . VAL A 1 109 ? -1.238  11.698  0.225   1.00 25.95 ? 109 VAL A N   1 
ATOM   869  C  CA  . VAL A 1 109 ? -2.667  12.077  0.240   1.00 25.46 ? 109 VAL A CA  1 
ATOM   870  C  C   . VAL A 1 109 ? -2.923  13.209  1.289   1.00 26.16 ? 109 VAL A C   1 
ATOM   871  O  O   . VAL A 1 109 ? -2.389  13.201  2.415   1.00 25.01 ? 109 VAL A O   1 
ATOM   872  C  CB  . VAL A 1 109 ? -3.601  10.832  0.436   1.00 25.75 ? 109 VAL A CB  1 
ATOM   873  C  CG1 . VAL A 1 109 ? -3.406  9.795   -0.744  1.00 24.15 ? 109 VAL A CG1 1 
ATOM   874  C  CG2 . VAL A 1 109 ? -3.335  10.173  1.755   1.00 24.45 ? 109 VAL A CG2 1 
ATOM   875  N  N   . VAL A 1 110 ? -3.743  14.176  0.868   1.00 26.08 ? 110 VAL A N   1 
ATOM   876  C  CA  . VAL A 1 110 ? -4.050  15.395  1.610   1.00 25.53 ? 110 VAL A CA  1 
ATOM   877  C  C   . VAL A 1 110 ? -5.430  15.876  1.104   1.00 25.64 ? 110 VAL A C   1 
ATOM   878  O  O   . VAL A 1 110 ? -5.901  15.410  0.052   1.00 24.33 ? 110 VAL A O   1 
ATOM   879  C  CB  . VAL A 1 110 ? -2.949  16.507  1.409   1.00 25.16 ? 110 VAL A CB  1 
ATOM   880  C  CG1 . VAL A 1 110 ? -1.652  16.153  2.151   1.00 25.37 ? 110 VAL A CG1 1 
ATOM   881  C  CG2 . VAL A 1 110 ? -2.679  16.783  -0.070  1.00 23.92 ? 110 VAL A CG2 1 
ATOM   882  N  N   . PRO A 1 111 ? -6.084  16.811  1.841   1.00 25.95 ? 111 PRO A N   1 
ATOM   883  C  CA  . PRO A 1 111 ? -7.376  17.369  1.358   1.00 25.92 ? 111 PRO A CA  1 
ATOM   884  C  C   . PRO A 1 111 ? -7.256  18.363  0.196   1.00 25.46 ? 111 PRO A C   1 
ATOM   885  O  O   . PRO A 1 111 ? -8.175  18.462  -0.629  1.00 25.57 ? 111 PRO A O   1 
ATOM   886  C  CB  . PRO A 1 111 ? -7.944  18.079  2.592   1.00 25.66 ? 111 PRO A CB  1 
ATOM   887  C  CG  . PRO A 1 111 ? -6.729  18.364  3.454   1.00 26.24 ? 111 PRO A CG  1 
ATOM   888  C  CD  . PRO A 1 111 ? -5.810  17.195  3.236   1.00 26.10 ? 111 PRO A CD  1 
ATOM   889  N  N   . ASP A 1 112 ? -6.147  19.093  0.138   1.00 25.33 ? 112 ASP A N   1 
ATOM   890  C  CA  . ASP A 1 112 ? -6.020  20.222  -0.805  1.00 25.55 ? 112 ASP A CA  1 
ATOM   891  C  C   . ASP A 1 112 ? -4.563  20.659  -1.001  1.00 25.38 ? 112 ASP A C   1 
ATOM   892  O  O   . ASP A 1 112 ? -3.670  20.158  -0.313  1.00 25.33 ? 112 ASP A O   1 
ATOM   893  C  CB  . ASP A 1 112 ? -6.905  21.412  -0.375  1.00 26.03 ? 112 ASP A CB  1 
ATOM   894  C  CG  . ASP A 1 112 ? -6.683  21.852  1.082   1.00 28.00 ? 112 ASP A CG  1 
ATOM   895  O  OD1 . ASP A 1 112 ? -5.558  21.742  1.622   1.00 27.46 ? 112 ASP A OD1 1 
ATOM   896  O  OD2 . ASP A 1 112 ? -7.671  22.342  1.690   1.00 33.50 ? 112 ASP A OD2 1 
ATOM   897  N  N   . ILE A 1 113 ? -4.345  21.583  -1.944  1.00 24.84 ? 113 ILE A N   1 
ATOM   898  C  CA  . ILE A 1 113 ? -3.030  22.143  -2.235  1.00 24.27 ? 113 ILE A CA  1 
ATOM   899  C  C   . ILE A 1 113 ? -2.381  22.756  -0.980  1.00 23.97 ? 113 ILE A C   1 
ATOM   900  O  O   . ILE A 1 113 ? -1.218  22.497  -0.708  1.00 24.27 ? 113 ILE A O   1 
ATOM   901  C  CB  . ILE A 1 113 ? -3.101  23.179  -3.430  1.00 24.24 ? 113 ILE A CB  1 
ATOM   902  C  CG1 . ILE A 1 113 ? -3.195  22.447  -4.759  1.00 25.20 ? 113 ILE A CG1 1 
ATOM   903  C  CG2 . ILE A 1 113 ? -1.916  24.140  -3.472  1.00 22.09 ? 113 ILE A CG2 1 
ATOM   904  C  CD1 . ILE A 1 113 ? -3.668  23.382  -5.929  1.00 25.80 ? 113 ILE A CD1 1 
ATOM   905  N  N   . ALA A 1 114 ? -3.125  23.539  -0.208  1.00 24.03 ? 114 ALA A N   1 
ATOM   906  C  CA  . ALA A 1 114 ? -2.570  24.158  1.007   1.00 24.02 ? 114 ALA A CA  1 
ATOM   907  C  C   . ALA A 1 114 ? -2.079  23.102  2.013   1.00 23.82 ? 114 ALA A C   1 
ATOM   908  O  O   . ALA A 1 114 ? -0.996  23.261  2.562   1.00 23.37 ? 114 ALA A O   1 
ATOM   909  C  CB  . ALA A 1 114 ? -3.568  25.136  1.657   1.00 22.88 ? 114 ALA A CB  1 
ATOM   910  N  N   . ALA A 1 115 ? -2.863  22.033  2.227   1.00 24.33 ? 115 ALA A N   1 
ATOM   911  C  CA  . ALA A 1 115 ? -2.449  20.908  3.085   1.00 24.78 ? 115 ALA A CA  1 
ATOM   912  C  C   . ALA A 1 115 ? -1.171  20.254  2.523   1.00 25.12 ? 115 ALA A C   1 
ATOM   913  O  O   . ALA A 1 115 ? -0.330  19.805  3.265   1.00 25.06 ? 115 ALA A O   1 
ATOM   914  C  CB  . ALA A 1 115 ? -3.570  19.845  3.216   1.00 24.51 ? 115 ALA A CB  1 
ATOM   915  N  N   . TYR A 1 116 ? -1.039  20.203  1.204   1.00 26.01 ? 116 TYR A N   1 
ATOM   916  C  CA  . TYR A 1 116 ? 0.165   19.657  0.585   1.00 26.53 ? 116 TYR A CA  1 
ATOM   917  C  C   . TYR A 1 116 ? 1.334   20.541  0.827   1.00 25.80 ? 116 TYR A C   1 
ATOM   918  O  O   . TYR A 1 116 ? 2.401   20.049  1.178   1.00 26.09 ? 116 TYR A O   1 
ATOM   919  C  CB  . TYR A 1 116 ? 0.066   19.427  -0.934  1.00 26.81 ? 116 TYR A CB  1 
ATOM   920  C  CG  . TYR A 1 116 ? 1.380   18.887  -1.462  1.00 27.39 ? 116 TYR A CG  1 
ATOM   921  C  CD1 . TYR A 1 116 ? 1.771   17.582  -1.164  1.00 31.50 ? 116 TYR A CD1 1 
ATOM   922  C  CD2 . TYR A 1 116 ? 2.251   19.678  -2.209  1.00 29.38 ? 116 TYR A CD2 1 
ATOM   923  C  CE1 . TYR A 1 116 ? 2.985   17.068  -1.612  1.00 31.60 ? 116 TYR A CE1 1 
ATOM   924  C  CE2 . TYR A 1 116 ? 3.473   19.156  -2.675  1.00 30.01 ? 116 TYR A CE2 1 
ATOM   925  C  CZ  . TYR A 1 116 ? 3.811   17.859  -2.355  1.00 29.95 ? 116 TYR A CZ  1 
ATOM   926  O  OH  . TYR A 1 116 ? 4.974   17.314  -2.754  1.00 33.95 ? 116 TYR A OH  1 
ATOM   927  N  N   . ASP A 1 117 ? 1.155   21.830  0.562   1.00 25.81 ? 117 ASP A N   1 
ATOM   928  C  CA  . ASP A 1 117 ? 2.188   22.824  0.885   1.00 25.62 ? 117 ASP A CA  1 
ATOM   929  C  C   . ASP A 1 117 ? 2.715   22.671  2.331   1.00 25.33 ? 117 ASP A C   1 
ATOM   930  O  O   . ASP A 1 117 ? 3.913   22.581  2.527   1.00 25.03 ? 117 ASP A O   1 
ATOM   931  C  CB  . ASP A 1 117 ? 1.693   24.240  0.617   1.00 25.67 ? 117 ASP A CB  1 
ATOM   932  C  CG  . ASP A 1 117 ? 2.817   25.277  0.677   1.00 26.56 ? 117 ASP A CG  1 
ATOM   933  O  OD1 . ASP A 1 117 ? 3.955   24.993  0.252   1.00 28.72 ? 117 ASP A OD1 1 
ATOM   934  O  OD2 . ASP A 1 117 ? 2.568   26.394  1.156   1.00 31.88 ? 117 ASP A OD2 1 
ATOM   935  N  N   . ALA A 1 118 ? 1.829   22.578  3.321   1.00 26.12 ? 118 ALA A N   1 
ATOM   936  C  CA  . ALA A 1 118 ? 2.261   22.441  4.740   1.00 27.06 ? 118 ALA A CA  1 
ATOM   937  C  C   . ALA A 1 118 ? 2.913   21.075  5.037   1.00 27.58 ? 118 ALA A C   1 
ATOM   938  O  O   . ALA A 1 118 ? 3.745   20.963  5.944   1.00 28.26 ? 118 ALA A O   1 
ATOM   939  C  CB  . ALA A 1 118 ? 1.087   22.713  5.709   1.00 26.36 ? 118 ALA A CB  1 
ATOM   940  N  N   . PHE A 1 119 ? 2.534   20.038  4.296   1.00 27.92 ? 119 PHE A N   1 
ATOM   941  C  CA  . PHE A 1 119 ? 3.152   18.714  4.471   1.00 28.21 ? 119 PHE A CA  1 
ATOM   942  C  C   . PHE A 1 119 ? 4.606   18.784  3.981   1.00 28.45 ? 119 PHE A C   1 
ATOM   943  O  O   . PHE A 1 119 ? 5.541   18.386  4.680   1.00 28.12 ? 119 PHE A O   1 
ATOM   944  C  CB  . PHE A 1 119 ? 2.392   17.602  3.708   1.00 28.23 ? 119 PHE A CB  1 
ATOM   945  C  CG  . PHE A 1 119 ? 3.286   16.423  3.333   1.00 28.94 ? 119 PHE A CG  1 
ATOM   946  C  CD1 . PHE A 1 119 ? 3.631   15.467  4.280   1.00 29.19 ? 119 PHE A CD1 1 
ATOM   947  C  CD2 . PHE A 1 119 ? 3.840   16.325  2.051   1.00 30.06 ? 119 PHE A CD2 1 
ATOM   948  C  CE1 . PHE A 1 119 ? 4.509   14.419  3.961   1.00 29.86 ? 119 PHE A CE1 1 
ATOM   949  C  CE2 . PHE A 1 119 ? 4.711   15.276  1.714   1.00 30.05 ? 119 PHE A CE2 1 
ATOM   950  C  CZ  . PHE A 1 119 ? 5.042   14.315  2.664   1.00 29.36 ? 119 PHE A CZ  1 
ATOM   951  N  N   . TYR A 1 120 ? 4.751   19.279  2.746   1.00 28.87 ? 120 TYR A N   1 
ATOM   952  C  CA  . TYR A 1 120 ? 6.024   19.551  2.110   1.00 28.45 ? 120 TYR A CA  1 
ATOM   953  C  C   . TYR A 1 120 ? 6.976   20.355  2.994   1.00 28.25 ? 120 TYR A C   1 
ATOM   954  O  O   . TYR A 1 120 ? 8.139   20.021  3.034   1.00 28.28 ? 120 TYR A O   1 
ATOM   955  C  CB  . TYR A 1 120 ? 5.806   20.308  0.793   1.00 28.46 ? 120 TYR A CB  1 
ATOM   956  C  CG  . TYR A 1 120 ? 7.080   20.550  0.044   1.00 28.26 ? 120 TYR A CG  1 
ATOM   957  C  CD1 . TYR A 1 120 ? 7.547   19.608  -0.857  1.00 29.35 ? 120 TYR A CD1 1 
ATOM   958  C  CD2 . TYR A 1 120 ? 7.833   21.725  0.239   1.00 31.52 ? 120 TYR A CD2 1 
ATOM   959  C  CE1 . TYR A 1 120 ? 8.734   19.798  -1.546  1.00 31.13 ? 120 TYR A CE1 1 
ATOM   960  C  CE2 . TYR A 1 120 ? 9.030   21.941  -0.466  1.00 32.05 ? 120 TYR A CE2 1 
ATOM   961  C  CZ  . TYR A 1 120 ? 9.475   20.948  -1.348  1.00 32.33 ? 120 TYR A CZ  1 
ATOM   962  O  OH  . TYR A 1 120 ? 10.636  21.080  -2.071  1.00 34.31 ? 120 TYR A OH  1 
ATOM   963  N  N   . LYS A 1 121 ? 6.494   21.411  3.661   1.00 27.55 ? 121 LYS A N   1 
ATOM   964  C  CA  . LYS A 1 121 ? 7.353   22.176  4.587   1.00 28.07 ? 121 LYS A CA  1 
ATOM   965  C  C   . LYS A 1 121 ? 7.833   21.331  5.757   1.00 26.55 ? 121 LYS A C   1 
ATOM   966  O  O   . LYS A 1 121 ? 8.968   21.517  6.200   1.00 26.11 ? 121 LYS A O   1 
ATOM   967  C  CB  . LYS A 1 121 ? 6.684   23.414  5.204   1.00 28.48 ? 121 LYS A CB  1 
ATOM   968  C  CG  . LYS A 1 121 ? 6.042   24.451  4.275   1.00 31.39 ? 121 LYS A CG  1 
ATOM   969  C  CD  . LYS A 1 121 ? 7.021   25.200  3.405   1.00 33.94 ? 121 LYS A CD  1 
ATOM   970  C  CE  . LYS A 1 121 ? 6.619   26.704  3.298   1.00 34.64 ? 121 LYS A CE  1 
ATOM   971  N  NZ  . LYS A 1 121 ? 5.160   26.951  3.484   1.00 33.31 ? 121 LYS A NZ  1 
ATOM   972  N  N   . ARG A 1 122 ? 6.973   20.463  6.290   1.00 25.18 ? 122 ARG A N   1 
ATOM   973  C  CA  . ARG A 1 122 ? 7.384   19.596  7.392   1.00 25.57 ? 122 ARG A CA  1 
ATOM   974  C  C   . ARG A 1 122 ? 8.402   18.566  6.923   1.00 25.67 ? 122 ARG A C   1 
ATOM   975  O  O   . ARG A 1 122 ? 9.390   18.336  7.600   1.00 25.97 ? 122 ARG A O   1 
ATOM   976  C  CB  . ARG A 1 122 ? 6.199   18.896  8.073   1.00 25.88 ? 122 ARG A CB  1 
ATOM   977  C  CG  . ARG A 1 122 ? 5.270   19.823  8.839   1.00 26.76 ? 122 ARG A CG  1 
ATOM   978  C  CD  . ARG A 1 122 ? 4.166   19.093  9.638   1.00 29.72 ? 122 ARG A CD  1 
ATOM   979  N  NE  . ARG A 1 122 ? 3.470   18.042  8.872   1.00 31.38 ? 122 ARG A NE  1 
ATOM   980  C  CZ  . ARG A 1 122 ? 2.337   18.210  8.169   1.00 35.62 ? 122 ARG A CZ  1 
ATOM   981  N  NH1 . ARG A 1 122 ? 1.710   19.401  8.092   1.00 34.95 ? 122 ARG A NH1 1 
ATOM   982  N  NH2 . ARG A 1 122 ? 1.830   17.170  7.504   1.00 36.76 ? 122 ARG A NH2 1 
HETATM 983  N  N   . MSE A 1 123 ? 8.181   17.988  5.751   1.00 26.27 ? 123 MSE A N   1 
HETATM 984  C  CA  . MSE A 1 123 ? 9.091   16.989  5.163   1.00 27.15 ? 123 MSE A CA  1 
HETATM 985  C  C   . MSE A 1 123 ? 10.476  17.564  4.945   1.00 27.38 ? 123 MSE A C   1 
HETATM 986  O  O   . MSE A 1 123 ? 11.486  16.955  5.332   1.00 26.60 ? 123 MSE A O   1 
HETATM 987  C  CB  . MSE A 1 123 ? 8.571   16.447  3.812   1.00 27.55 ? 123 MSE A CB  1 
HETATM 988  C  CG  . MSE A 1 123 ? 9.402   15.242  3.268   1.00 29.89 ? 123 MSE A CG  1 
HETATM 989  SE SE  . MSE A 1 123 ? 8.834   14.512  1.557   0.50 30.87 ? 123 MSE A SE  1 
HETATM 990  C  CE  . MSE A 1 123 ? 9.370   15.968  0.435   1.00 28.93 ? 123 MSE A CE  1 
ATOM   991  N  N   . ILE A 1 124 ? 10.512  18.746  4.338   1.00 27.41 ? 124 ILE A N   1 
ATOM   992  C  CA  . ILE A 1 124 ? 11.754  19.341  3.910   1.00 27.56 ? 124 ILE A CA  1 
ATOM   993  C  C   . ILE A 1 124 ? 12.549  19.894  5.124   1.00 28.23 ? 124 ILE A C   1 
ATOM   994  O  O   . ILE A 1 124 ? 13.767  20.038  5.043   1.00 28.16 ? 124 ILE A O   1 
ATOM   995  C  CB  . ILE A 1 124 ? 11.467  20.397  2.762   1.00 27.79 ? 124 ILE A CB  1 
ATOM   996  C  CG1 . ILE A 1 124 ? 12.394  20.188  1.573   1.00 27.15 ? 124 ILE A CG1 1 
ATOM   997  C  CG2 . ILE A 1 124 ? 11.484  21.820  3.276   1.00 26.57 ? 124 ILE A CG2 1 
ATOM   998  C  CD1 . ILE A 1 124 ? 12.172  18.891  0.853   1.00 24.09 ? 124 ILE A CD1 1 
ATOM   999  N  N   . ALA A 1 125 ? 11.878  20.176  6.245   1.00 28.58 ? 125 ALA A N   1 
ATOM   1000 C  CA  . ALA A 1 125 ? 12.588  20.543  7.488   1.00 29.64 ? 125 ALA A CA  1 
ATOM   1001 C  C   . ALA A 1 125 ? 13.419  19.363  7.996   1.00 30.88 ? 125 ALA A C   1 
ATOM   1002 O  O   . ALA A 1 125 ? 14.478  19.548  8.562   1.00 30.55 ? 125 ALA A O   1 
ATOM   1003 C  CB  . ALA A 1 125 ? 11.614  21.026  8.591   1.00 28.37 ? 125 ALA A CB  1 
ATOM   1004 N  N   . LYS A 1 126 ? 12.937  18.152  7.743   1.00 32.91 ? 126 LYS A N   1 
ATOM   1005 C  CA  . LYS A 1 126 ? 13.501  16.927  8.298   1.00 34.88 ? 126 LYS A CA  1 
ATOM   1006 C  C   . LYS A 1 126 ? 14.481  16.192  7.383   1.00 36.30 ? 126 LYS A C   1 
ATOM   1007 O  O   . LYS A 1 126 ? 15.165  15.286  7.847   1.00 37.32 ? 126 LYS A O   1 
ATOM   1008 C  CB  . LYS A 1 126 ? 12.359  15.952  8.641   1.00 35.03 ? 126 LYS A CB  1 
ATOM   1009 C  CG  . LYS A 1 126 ? 11.771  16.127  10.034  1.00 36.14 ? 126 LYS A CG  1 
ATOM   1010 C  CD  . LYS A 1 126 ? 10.416  15.408  10.128  1.00 38.14 ? 126 LYS A CD  1 
ATOM   1011 C  CE  . LYS A 1 126 ? 10.198  14.746  11.484  1.00 38.51 ? 126 LYS A CE  1 
ATOM   1012 N  NZ  . LYS A 1 126 ? 10.626  15.618  12.604  1.00 38.13 ? 126 LYS A NZ  1 
ATOM   1013 N  N   . ILE A 1 127 ? 14.524  16.526  6.097   1.00 37.50 ? 127 ILE A N   1 
ATOM   1014 C  CA  . ILE A 1 127 ? 15.393  15.827  5.136   1.00 38.65 ? 127 ILE A CA  1 
ATOM   1015 C  C   . ILE A 1 127 ? 16.105  16.856  4.277   1.00 39.73 ? 127 ILE A C   1 
ATOM   1016 O  O   . ILE A 1 127 ? 15.681  18.005  4.230   1.00 40.23 ? 127 ILE A O   1 
ATOM   1017 C  CB  . ILE A 1 127 ? 14.586  14.872  4.196   1.00 38.99 ? 127 ILE A CB  1 
ATOM   1018 C  CG1 . ILE A 1 127 ? 13.599  15.669  3.307   1.00 39.55 ? 127 ILE A CG1 1 
ATOM   1019 C  CG2 . ILE A 1 127 ? 13.841  13.803  5.018   1.00 38.18 ? 127 ILE A CG2 1 
ATOM   1020 C  CD1 . ILE A 1 127 ? 13.128  14.960  2.016   1.00 41.27 ? 127 ILE A CD1 1 
ATOM   1021 N  N   . GLU A 1 128 ? 17.188  16.467  3.599   1.00 40.99 ? 128 GLU A N   1 
ATOM   1022 C  CA  . GLU A 1 128 ? 17.717  17.311  2.508   1.00 41.19 ? 128 GLU A CA  1 
ATOM   1023 C  C   . GLU A 1 128 ? 17.944  16.595  1.171   1.00 40.40 ? 128 GLU A C   1 
ATOM   1024 O  O   . GLU A 1 128 ? 18.526  15.500  1.078   1.00 40.72 ? 128 GLU A O   1 
ATOM   1025 C  CB  . GLU A 1 128 ? 18.911  18.184  2.928   1.00 41.83 ? 128 GLU A CB  1 
ATOM   1026 C  CG  . GLU A 1 128 ? 18.519  19.638  3.443   1.00 43.71 ? 128 GLU A CG  1 
ATOM   1027 C  CD  . GLU A 1 128 ? 17.069  20.122  3.058   1.00 45.78 ? 128 GLU A CD  1 
ATOM   1028 O  OE1 . GLU A 1 128 ? 16.497  19.716  1.988   1.00 42.05 ? 128 GLU A OE1 1 
ATOM   1029 O  OE2 . GLU A 1 128 ? 16.509  20.928  3.859   1.00 47.19 ? 128 GLU A OE2 1 
ATOM   1030 N  N   . ILE A 1 129 ? 17.429  17.267  0.145   1.00 39.45 ? 129 ILE A N   1 
ATOM   1031 C  CA  . ILE A 1 129 ? 17.066  16.671  -1.129  1.00 38.05 ? 129 ILE A CA  1 
ATOM   1032 C  C   . ILE A 1 129 ? 17.396  17.696  -2.221  1.00 37.45 ? 129 ILE A C   1 
ATOM   1033 O  O   . ILE A 1 129 ? 16.916  18.845  -2.161  1.00 36.73 ? 129 ILE A O   1 
ATOM   1034 C  CB  . ILE A 1 129 ? 15.555  16.355  -1.169  1.00 37.93 ? 129 ILE A CB  1 
ATOM   1035 C  CG1 . ILE A 1 129 ? 14.750  17.636  -1.001  1.00 36.98 ? 129 ILE A CG1 1 
ATOM   1036 C  CG2 . ILE A 1 129 ? 15.170  15.359  -0.085  1.00 36.50 ? 129 ILE A CG2 1 
ATOM   1037 N  N   . ARG A 1 130 ? 18.220  17.272  -3.190  1.00 36.15 ? 130 ARG A N   1 
ATOM   1038 C  CA  . ARG A 1 130 ? 18.568  18.082  -4.364  1.00 35.28 ? 130 ARG A CA  1 
ATOM   1039 C  C   . ARG A 1 130 ? 17.320  18.642  -5.081  1.00 33.62 ? 130 ARG A C   1 
ATOM   1040 O  O   . ARG A 1 130 ? 17.179  19.853  -5.270  1.00 33.95 ? 130 ARG A O   1 
ATOM   1041 C  CB  . ARG A 1 130 ? 19.395  17.239  -5.349  1.00 35.51 ? 130 ARG A CB  1 
ATOM   1042 C  CG  . ARG A 1 130 ? 20.636  17.924  -5.896  1.00 38.28 ? 130 ARG A CG  1 
ATOM   1043 C  CD  . ARG A 1 130 ? 21.060  17.452  -7.309  1.00 42.66 ? 130 ARG A CD  1 
ATOM   1044 N  NE  . ARG A 1 130 ? 20.667  16.075  -7.666  1.00 46.18 ? 130 ARG A NE  1 
ATOM   1045 C  CZ  . ARG A 1 130 ? 20.837  15.527  -8.873  1.00 48.30 ? 130 ARG A CZ  1 
ATOM   1046 N  NH1 . ARG A 1 130 ? 21.413  16.218  -9.866  1.00 48.08 ? 130 ARG A NH1 1 
ATOM   1047 N  NH2 . ARG A 1 130 ? 20.435  14.270  -9.088  1.00 50.11 ? 130 ARG A NH2 1 
ATOM   1048 N  N   . ASP A 1 131 ? 16.407  17.751  -5.432  1.00 31.79 ? 131 ASP A N   1 
ATOM   1049 C  CA  . ASP A 1 131 ? 15.261  18.062  -6.289  1.00 30.88 ? 131 ASP A CA  1 
ATOM   1050 C  C   . ASP A 1 131 ? 14.030  17.276  -5.837  1.00 29.02 ? 131 ASP A C   1 
ATOM   1051 O  O   . ASP A 1 131 ? 14.076  16.039  -5.699  1.00 28.08 ? 131 ASP A O   1 
ATOM   1052 C  CB  . ASP A 1 131 ? 15.550  17.681  -7.754  1.00 30.53 ? 131 ASP A CB  1 
ATOM   1053 C  CG  . ASP A 1 131 ? 16.558  18.589  -8.406  1.00 33.73 ? 131 ASP A CG  1 
ATOM   1054 O  OD2 . ASP A 1 131 ? 17.607  18.072  -8.875  1.00 38.36 ? 131 ASP A OD2 1 
ATOM   1055 N  N   . VAL A 1 132 ? 12.939  18.000  -5.641  1.00 27.58 ? 132 VAL A N   1 
ATOM   1056 C  CA  . VAL A 1 132 ? 11.622  17.426  -5.442  1.00 26.69 ? 132 VAL A CA  1 
ATOM   1057 C  C   . VAL A 1 132 ? 10.753  17.957  -6.586  1.00 26.52 ? 132 VAL A C   1 
ATOM   1058 O  O   . VAL A 1 132 ? 10.783  19.132  -6.871  1.00 27.06 ? 132 VAL A O   1 
ATOM   1059 C  CB  . VAL A 1 132 ? 11.011  17.835  -4.077  1.00 26.83 ? 132 VAL A CB  1 
ATOM   1060 C  CG1 . VAL A 1 132 ? 9.718   17.055  -3.809  1.00 24.92 ? 132 VAL A CG1 1 
ATOM   1061 C  CG2 . VAL A 1 132 ? 12.024  17.653  -2.933  1.00 25.43 ? 132 VAL A CG2 1 
ATOM   1062 N  N   . SER A 1 133 ? 10.023  17.090  -7.285  1.00 26.58 ? 133 SER A N   1 
ATOM   1063 C  CA  . SER A 1 133 ? 9.048   17.530  -8.279  1.00 26.21 ? 133 SER A CA  1 
ATOM   1064 C  C   . SER A 1 133 ? 7.760   16.854  -7.902  1.00 26.38 ? 133 SER A C   1 
ATOM   1065 O  O   . SER A 1 133 ? 7.690   15.615  -7.897  1.00 26.71 ? 133 SER A O   1 
ATOM   1066 C  CB  . SER A 1 133 ? 9.473   17.186  -9.709  1.00 26.45 ? 133 SER A CB  1 
ATOM   1067 O  OG  . SER A 1 133 ? 8.427   17.454  -10.667 1.00 26.72 ? 133 SER A OG  1 
ATOM   1068 N  N   . SER A 1 134 ? 6.764   17.655  -7.523  1.00 26.22 ? 134 SER A N   1 
ATOM   1069 C  CA  . SER A 1 134 ? 5.445   17.151  -7.182  1.00 27.05 ? 134 SER A CA  1 
ATOM   1070 C  C   . SER A 1 134 ? 4.490   17.215  -8.386  1.00 26.96 ? 134 SER A C   1 
ATOM   1071 O  O   . SER A 1 134 ? 4.484   18.186  -9.133  1.00 28.22 ? 134 SER A O   1 
ATOM   1072 C  CB  . SER A 1 134 ? 4.869   17.926  -5.996  1.00 27.34 ? 134 SER A CB  1 
ATOM   1073 O  OG  . SER A 1 134 ? 5.801   18.002  -4.905  1.00 28.17 ? 134 SER A OG  1 
ATOM   1074 N  N   . ALA A 1 135 ? 3.683   16.176  -8.558  1.00 26.94 ? 135 ALA A N   1 
ATOM   1075 C  CA  . ALA A 1 135 ? 2.632   16.110  -9.595  1.00 26.26 ? 135 ALA A CA  1 
ATOM   1076 C  C   . ALA A 1 135 ? 1.299   15.677  -8.928  1.00 26.82 ? 135 ALA A C   1 
ATOM   1077 O  O   . ALA A 1 135 ? 1.212   14.599  -8.320  1.00 26.20 ? 135 ALA A O   1 
ATOM   1078 C  CB  . ALA A 1 135 ? 3.010   15.112  -10.688 1.00 26.18 ? 135 ALA A CB  1 
ATOM   1079 N  N   . PHE A 1 136 ? 0.273   16.502  -9.093  1.00 26.32 ? 136 PHE A N   1 
ATOM   1080 C  CA  . PHE A 1 136 ? -1.058  16.270  -8.537  1.00 26.46 ? 136 PHE A CA  1 
ATOM   1081 C  C   . PHE A 1 136 ? -1.923  15.465  -9.480  1.00 26.56 ? 136 PHE A C   1 
ATOM   1082 O  O   . PHE A 1 136 ? -2.053  15.805  -10.664 1.00 27.09 ? 136 PHE A O   1 
ATOM   1083 C  CB  . PHE A 1 136 ? -1.773  17.619  -8.268  1.00 26.62 ? 136 PHE A CB  1 
ATOM   1084 C  CG  . PHE A 1 136 ? -1.109  18.445  -7.181  1.00 26.14 ? 136 PHE A CG  1 
ATOM   1085 C  CD1 . PHE A 1 136 ? -1.575  18.415  -5.884  1.00 24.29 ? 136 PHE A CD1 1 
ATOM   1086 C  CD2 . PHE A 1 136 ? -0.007  19.253  -7.478  1.00 26.32 ? 136 PHE A CD2 1 
ATOM   1087 C  CE1 . PHE A 1 136 ? -0.948  19.182  -4.883  1.00 24.95 ? 136 PHE A CE1 1 
ATOM   1088 C  CE2 . PHE A 1 136 ? 0.624   20.003  -6.500  1.00 26.03 ? 136 PHE A CE2 1 
ATOM   1089 C  CZ  . PHE A 1 136 ? 0.159   19.956  -5.189  1.00 25.64 ? 136 PHE A CZ  1 
ATOM   1090 N  N   . ALA A 1 137 ? -2.517  14.404  -8.937  1.00 26.05 ? 137 ALA A N   1 
ATOM   1091 C  CA  . ALA A 1 137 ? -3.543  13.630  -9.612  1.00 25.71 ? 137 ALA A CA  1 
ATOM   1092 C  C   . ALA A 1 137 ? -4.822  14.480  -9.780  1.00 25.67 ? 137 ALA A C   1 
ATOM   1093 O  O   . ALA A 1 137 ? -5.238  15.162  -8.846  1.00 25.17 ? 137 ALA A O   1 
ATOM   1094 C  CB  . ALA A 1 137 ? -3.842  12.353  -8.810  1.00 24.13 ? 137 ALA A CB  1 
HETATM 1095 N  N   . MSE A 1 138 ? -5.437  14.416  -10.969 1.00 26.31 ? 138 MSE A N   1 
HETATM 1096 C  CA  . MSE A 1 138 ? -6.767  14.980  -11.236 1.00 26.61 ? 138 MSE A CA  1 
HETATM 1097 C  C   . MSE A 1 138 ? -7.884  14.029  -10.855 1.00 27.33 ? 138 MSE A C   1 
HETATM 1098 O  O   . MSE A 1 138 ? -8.962  14.484  -10.513 1.00 28.01 ? 138 MSE A O   1 
HETATM 1099 C  CB  . MSE A 1 138 ? -6.934  15.306  -12.715 1.00 26.73 ? 138 MSE A CB  1 
HETATM 1100 C  CG  . MSE A 1 138 ? -6.004  16.410  -13.217 1.00 26.74 ? 138 MSE A CG  1 
HETATM 1101 SE SE  . MSE A 1 138 ? -6.370  18.061  -12.280 0.50 23.19 ? 138 MSE A SE  1 
HETATM 1102 C  CE  . MSE A 1 138 ? -5.033  17.843  -10.906 1.00 22.79 ? 138 MSE A CE  1 
ATOM   1103 N  N   . GLU A 1 139 ? -7.642  12.721  -10.948 1.00 27.56 ? 139 GLU A N   1 
ATOM   1104 C  CA  . GLU A 1 139 ? -8.649  11.732  -10.626 1.00 28.22 ? 139 GLU A CA  1 
ATOM   1105 C  C   . GLU A 1 139 ? -7.973  10.421  -10.270 1.00 28.80 ? 139 GLU A C   1 
ATOM   1106 O  O   . GLU A 1 139 ? -6.996  10.051  -10.890 1.00 28.51 ? 139 GLU A O   1 
ATOM   1107 C  CB  . GLU A 1 139 ? -9.623  11.522  -11.811 1.00 28.70 ? 139 GLU A CB  1 
ATOM   1108 C  CG  . GLU A 1 139 ? -10.733 10.492  -11.518 1.00 30.92 ? 139 GLU A CG  1 
ATOM   1109 C  CD  . GLU A 1 139 ? -11.697 10.262  -12.695 1.00 35.63 ? 139 GLU A CD  1 
ATOM   1110 O  OE1 . GLU A 1 139 ? -11.503 10.859  -13.790 1.00 35.99 ? 139 GLU A OE1 1 
ATOM   1111 O  OE2 . GLU A 1 139 ? -12.644 9.452   -12.523 1.00 37.53 ? 139 GLU A OE2 1 
ATOM   1112 N  N   . GLN A 1 140 ? -8.503  9.732   -9.264  1.00 29.71 ? 140 GLN A N   1 
ATOM   1113 C  CA  . GLN A 1 140 ? -8.187  8.330   -9.018  1.00 30.35 ? 140 GLN A CA  1 
ATOM   1114 C  C   . GLN A 1 140 ? -9.198  7.435   -9.745  1.00 29.89 ? 140 GLN A C   1 
ATOM   1115 O  O   . GLN A 1 140 ? -10.324 7.242   -9.274  1.00 30.92 ? 140 GLN A O   1 
ATOM   1116 C  CB  . GLN A 1 140 ? -8.200  8.056   -7.531  1.00 30.36 ? 140 GLN A CB  1 
ATOM   1117 C  CG  . GLN A 1 140 ? -7.670  6.716   -7.092  1.00 31.97 ? 140 GLN A CG  1 
ATOM   1118 C  CD  . GLN A 1 140 ? -7.771  6.592   -5.557  1.00 35.84 ? 140 GLN A CD  1 
ATOM   1119 O  OE1 . GLN A 1 140 ? -8.881  6.475   -5.011  1.00 33.61 ? 140 GLN A OE1 1 
ATOM   1120 N  NE2 . GLN A 1 140 ? -6.610  6.630   -4.863  1.00 33.12 ? 140 GLN A NE2 1 
ATOM   1121 N  N   . ILE A 1 141 ? -8.799  6.914   -10.912 1.00 29.27 ? 141 ILE A N   1 
ATOM   1122 C  CA  . ILE A 1 141 ? -9.678  6.071   -11.740 1.00 27.85 ? 141 ILE A CA  1 
ATOM   1123 C  C   . ILE A 1 141 ? -9.807  4.680   -11.152 1.00 27.50 ? 141 ILE A C   1 
ATOM   1124 O  O   . ILE A 1 141 ? -10.901 4.165   -11.051 1.00 27.14 ? 141 ILE A O   1 
ATOM   1125 C  CB  . ILE A 1 141 ? -9.190  5.939   -13.198 1.00 28.39 ? 141 ILE A CB  1 
ATOM   1126 C  CG1 . ILE A 1 141 ? -9.170  7.316   -13.877 1.00 25.64 ? 141 ILE A CG1 1 
ATOM   1127 C  CG2 . ILE A 1 141 ? -10.125 4.956   -13.966 1.00 27.54 ? 141 ILE A CG2 1 
ATOM   1128 C  CD1 . ILE A 1 141 ? -8.236  7.415   -15.042 1.00 25.88 ? 141 ILE A CD1 1 
ATOM   1129 N  N   . LYS A 1 142 ? -8.688  4.091   -10.729 1.00 27.49 ? 142 LYS A N   1 
ATOM   1130 C  CA  . LYS A 1 142 ? -8.705  2.791   -10.034 1.00 27.08 ? 142 LYS A CA  1 
ATOM   1131 C  C   . LYS A 1 142 ? -7.752  2.834   -8.855  1.00 26.37 ? 142 LYS A C   1 
ATOM   1132 O  O   . LYS A 1 142 ? -6.642  3.303   -8.977  1.00 26.89 ? 142 LYS A O   1 
ATOM   1133 C  CB  . LYS A 1 142 ? -8.299  1.641   -10.989 1.00 26.65 ? 142 LYS A CB  1 
ATOM   1134 C  CG  . LYS A 1 142 ? -8.347  0.249   -10.387 1.00 26.68 ? 142 LYS A CG  1 
ATOM   1135 C  CD  . LYS A 1 142 ? -7.763  -0.751  -11.369 1.00 28.19 ? 142 LYS A CD  1 
ATOM   1136 C  CE  . LYS A 1 142 ? -8.024  -2.203  -11.013 1.00 27.38 ? 142 LYS A CE  1 
ATOM   1137 N  NZ  . LYS A 1 142 ? -7.361  -3.113  -12.006 1.00 25.37 ? 142 LYS A NZ  1 
ATOM   1138 N  N   . TYR A 1 143 ? -8.187  2.301   -7.727  1.00 26.84 ? 143 TYR A N   1 
ATOM   1139 C  CA  . TYR A 1 143 ? -7.290  1.977   -6.630  1.00 27.03 ? 143 TYR A CA  1 
ATOM   1140 C  C   . TYR A 1 143 ? -7.768  0.703   -5.958  1.00 26.31 ? 143 TYR A C   1 
ATOM   1141 O  O   . TYR A 1 143 ? -8.801  0.662   -5.309  1.00 26.15 ? 143 TYR A O   1 
ATOM   1142 C  CB  . TYR A 1 143 ? -7.126  3.139   -5.625  1.00 27.13 ? 143 TYR A CB  1 
ATOM   1143 C  CG  . TYR A 1 143 ? -6.397  2.742   -4.351  1.00 29.93 ? 143 TYR A CG  1 
ATOM   1144 C  CD1 . TYR A 1 143 ? -5.023  2.872   -4.232  1.00 33.09 ? 143 TYR A CD1 1 
ATOM   1145 C  CD2 . TYR A 1 143 ? -7.086  2.237   -3.270  1.00 31.19 ? 143 TYR A CD2 1 
ATOM   1146 C  CE1 . TYR A 1 143 ? -4.355  2.497   -3.054  1.00 34.00 ? 143 TYR A CE1 1 
ATOM   1147 C  CE2 . TYR A 1 143 ? -6.447  1.870   -2.105  1.00 33.71 ? 143 TYR A CE2 1 
ATOM   1148 C  CZ  . TYR A 1 143 ? -5.077  1.994   -1.998  1.00 35.38 ? 143 TYR A CZ  1 
ATOM   1149 O  OH  . TYR A 1 143 ? -4.466  1.620   -0.829  1.00 36.69 ? 143 TYR A OH  1 
ATOM   1150 N  N   . THR A 1 144 ? -6.951  -0.332  -6.084  1.00 26.64 ? 144 THR A N   1 
ATOM   1151 C  CA  . THR A 1 144 ? -7.233  -1.595  -5.475  1.00 26.37 ? 144 THR A CA  1 
ATOM   1152 C  C   . THR A 1 144 ? -6.023  -2.083  -4.695  1.00 26.96 ? 144 THR A C   1 
ATOM   1153 O  O   . THR A 1 144 ? -4.866  -1.784  -5.049  1.00 26.96 ? 144 THR A O   1 
ATOM   1154 C  CB  . THR A 1 144 ? -7.630  -2.666  -6.551  1.00 25.87 ? 144 THR A CB  1 
ATOM   1155 O  OG1 . THR A 1 144 ? -8.147  -3.812  -5.877  1.00 25.89 ? 144 THR A OG1 1 
ATOM   1156 C  CG2 . THR A 1 144 ? -6.437  -3.068  -7.402  1.00 23.89 ? 144 THR A CG2 1 
ATOM   1157 N  N   . THR A 1 145 ? -6.326  -2.862  -3.655  1.00 27.47 ? 145 THR A N   1 
ATOM   1158 C  CA  . THR A 1 145 ? -5.333  -3.554  -2.819  1.00 27.29 ? 145 THR A CA  1 
ATOM   1159 C  C   . THR A 1 145 ? -5.230  -5.042  -3.197  1.00 26.85 ? 145 THR A C   1 
ATOM   1160 O  O   . THR A 1 145 ? -4.412  -5.782  -2.657  1.00 26.46 ? 145 THR A O   1 
ATOM   1161 C  CB  . THR A 1 145 ? -5.760  -3.395  -1.315  1.00 27.68 ? 145 THR A CB  1 
ATOM   1162 O  OG1 . THR A 1 145 ? -7.008  -4.077  -1.090  1.00 26.62 ? 145 THR A OG1 1 
ATOM   1163 C  CG2 . THR A 1 145 ? -5.916  -1.906  -0.973  1.00 26.49 ? 145 THR A CG2 1 
ATOM   1164 N  N   . GLU A 1 146 ? -6.089  -5.461  -4.130  1.00 27.66 ? 146 GLU A N   1 
ATOM   1165 C  CA  . GLU A 1 146 ? -6.040  -6.797  -4.771  1.00 27.79 ? 146 GLU A CA  1 
ATOM   1166 C  C   . GLU A 1 146 ? -4.838  -6.924  -5.697  1.00 27.21 ? 146 GLU A C   1 
ATOM   1167 O  O   . GLU A 1 146 ? -4.673  -6.162  -6.657  1.00 28.33 ? 146 GLU A O   1 
ATOM   1168 C  CB  . GLU A 1 146 ? -7.313  -7.066  -5.579  1.00 26.93 ? 146 GLU A CB  1 
ATOM   1169 C  CG  . GLU A 1 146 ? -8.561  -7.101  -4.707  1.00 28.89 ? 146 GLU A CG  1 
ATOM   1170 C  CD  . GLU A 1 146 ? -9.863  -6.989  -5.476  1.00 32.33 ? 146 GLU A CD  1 
ATOM   1171 O  OE1 . GLU A 1 146 ? -9.884  -7.356  -6.674  1.00 40.10 ? 146 GLU A OE1 1 
ATOM   1172 O  OE2 . GLU A 1 146 ? -10.882 -6.557  -4.895  1.00 33.52 ? 146 GLU A OE2 1 
ATOM   1173 N  N   . LEU A 1 147 ? -3.998  -7.896  -5.398  1.00 27.14 ? 147 LEU A N   1 
ATOM   1174 C  CA  . LEU A 1 147 ? -2.925  -8.294  -6.283  1.00 26.70 ? 147 LEU A CA  1 
ATOM   1175 C  C   . LEU A 1 147 ? -3.454  -9.229  -7.393  1.00 26.78 ? 147 LEU A C   1 
ATOM   1176 O  O   . LEU A 1 147 ? -4.421  -9.948  -7.201  1.00 26.06 ? 147 LEU A O   1 
ATOM   1177 C  CB  . LEU A 1 147 ? -1.799  -8.969  -5.476  1.00 26.26 ? 147 LEU A CB  1 
ATOM   1178 C  CG  . LEU A 1 147 ? -1.155  -8.082  -4.373  1.00 27.64 ? 147 LEU A CG  1 
ATOM   1179 C  CD1 . LEU A 1 147 ? -0.133  -8.874  -3.566  1.00 24.85 ? 147 LEU A CD1 1 
ATOM   1180 C  CD2 . LEU A 1 147 ? -0.534  -6.768  -4.969  1.00 23.54 ? 147 LEU A CD2 1 
ATOM   1181 N  N   . PRO A 1 148 ? -2.795  -9.221  -8.571  1.00 27.46 ? 148 PRO A N   1 
ATOM   1182 C  CA  . PRO A 1 148 ? -3.105  -10.246 -9.593  1.00 27.58 ? 148 PRO A CA  1 
ATOM   1183 C  C   . PRO A 1 148 ? -2.664  -11.610 -9.091  1.00 28.25 ? 148 PRO A C   1 
ATOM   1184 O  O   . PRO A 1 148 ? -1.563  -11.736 -8.517  1.00 29.13 ? 148 PRO A O   1 
ATOM   1185 C  CB  . PRO A 1 148 ? -2.275  -9.792  -10.814 1.00 28.16 ? 148 PRO A CB  1 
ATOM   1186 C  CG  . PRO A 1 148 ? -1.143  -8.942  -10.248 1.00 27.07 ? 148 PRO A CG  1 
ATOM   1187 C  CD  . PRO A 1 148 ? -1.722  -8.282  -9.002  1.00 26.85 ? 148 PRO A CD  1 
ATOM   1188 N  N   . LEU A 1 149 ? -3.520  -12.622 -9.247  1.00 28.45 ? 149 LEU A N   1 
ATOM   1189 C  CA  . LEU A 1 149 ? -3.260  -13.920 -8.659  1.00 28.27 ? 149 LEU A CA  1 
ATOM   1190 C  C   . LEU A 1 149 ? -2.903  -14.957 -9.739  1.00 28.72 ? 149 LEU A C   1 
ATOM   1191 O  O   . LEU A 1 149 ? -2.620  -16.123 -9.418  1.00 27.82 ? 149 LEU A O   1 
ATOM   1192 C  CB  . LEU A 1 149 ? -4.437  -14.360 -7.766  1.00 28.38 ? 149 LEU A CB  1 
ATOM   1193 C  CG  . LEU A 1 149 ? -4.759  -13.428 -6.582  1.00 28.28 ? 149 LEU A CG  1 
ATOM   1194 C  CD1 . LEU A 1 149 ? -6.002  -13.890 -5.841  1.00 27.20 ? 149 LEU A CD1 1 
ATOM   1195 C  CD2 . LEU A 1 149 ? -3.588  -13.340 -5.636  1.00 27.43 ? 149 LEU A CD2 1 
ATOM   1196 N  N   . ASP A 1 150 ? -2.871  -14.500 -10.994 1.00 28.47 ? 150 ASP A N   1 
ATOM   1197 C  CA  . ASP A 1 150 ? -2.501  -15.329 -12.130 1.00 29.02 ? 150 ASP A CA  1 
ATOM   1198 C  C   . ASP A 1 150 ? -1.033  -15.810 -12.088 1.00 29.07 ? 150 ASP A C   1 
ATOM   1199 O  O   . ASP A 1 150 ? -0.699  -16.747 -12.761 1.00 30.00 ? 150 ASP A O   1 
ATOM   1200 C  CB  . ASP A 1 150 ? -2.803  -14.588 -13.449 1.00 28.64 ? 150 ASP A CB  1 
ATOM   1201 N  N   . TYR A 1 151 ? -0.171  -15.212 -11.275 1.00 29.49 ? 151 TYR A N   1 
ATOM   1202 C  CA  . TYR A 1 151 ? 1.260   -15.552 -11.277 1.00 29.15 ? 151 TYR A CA  1 
ATOM   1203 C  C   . TYR A 1 151 ? 1.689   -16.467 -10.130 1.00 29.62 ? 151 TYR A C   1 
ATOM   1204 O  O   . TYR A 1 151 ? 2.857   -16.885 -10.061 1.00 27.77 ? 151 TYR A O   1 
ATOM   1205 C  CB  . TYR A 1 151 ? 2.073   -14.253 -11.185 1.00 29.44 ? 151 TYR A CB  1 
ATOM   1206 C  CG  . TYR A 1 151 ? 1.775   -13.277 -12.308 1.00 29.29 ? 151 TYR A CG  1 
ATOM   1207 C  CD1 . TYR A 1 151 ? 2.292   -13.492 -13.598 1.00 31.30 ? 151 TYR A CD1 1 
ATOM   1208 C  CD2 . TYR A 1 151 ? 0.971   -12.173 -12.107 1.00 29.18 ? 151 TYR A CD2 1 
ATOM   1209 C  CE1 . TYR A 1 151 ? 2.035   -12.610 -14.642 1.00 28.37 ? 151 TYR A CE1 1 
ATOM   1210 C  CE2 . TYR A 1 151 ? 0.699   -11.283 -13.154 1.00 30.86 ? 151 TYR A CE2 1 
ATOM   1211 C  CZ  . TYR A 1 151 ? 1.250   -11.512 -14.418 1.00 30.26 ? 151 TYR A CZ  1 
ATOM   1212 O  OH  . TYR A 1 151 ? 1.006   -10.643 -15.453 1.00 30.01 ? 151 TYR A OH  1 
HETATM 1213 N  N   . MSE A 1 152 ? 0.757   -16.716 -9.206  1.00 30.54 ? 152 MSE A N   1 
HETATM 1214 C  CA  . MSE A 1 152 ? 1.004   -17.516 -8.000  1.00 31.75 ? 152 MSE A CA  1 
HETATM 1215 C  C   . MSE A 1 152 ? 1.617   -18.868 -8.338  1.00 33.59 ? 152 MSE A C   1 
HETATM 1216 O  O   . MSE A 1 152 ? 1.254   -19.512 -9.358  1.00 34.18 ? 152 MSE A O   1 
HETATM 1217 C  CB  . MSE A 1 152 ? -0.298  -17.798 -7.255  1.00 31.10 ? 152 MSE A CB  1 
HETATM 1218 C  CG  . MSE A 1 152 ? -0.760  -16.723 -6.409  1.00 27.65 ? 152 MSE A CG  1 
HETATM 1219 SE SE  . MSE A 1 152 ? -2.355  -17.258 -5.462  0.50 21.36 ? 152 MSE A SE  1 
HETATM 1220 C  CE  . MSE A 1 152 ? -1.559  -18.537 -4.229  1.00 22.38 ? 152 MSE A CE  1 
ATOM   1221 N  N   . LEU A 1 153 ? 2.535   -19.316 -7.480  1.00 35.19 ? 153 LEU A N   1 
ATOM   1222 C  CA  . LEU A 1 153 ? 3.336   -20.524 -7.809  1.00 36.34 ? 153 LEU A CA  1 
ATOM   1223 C  C   . LEU A 1 153 ? 3.913   -21.188 -6.562  1.00 36.25 ? 153 LEU A C   1 
ATOM   1224 O  O   . LEU A 1 153 ? 3.271   -22.056 -5.978  1.00 37.09 ? 153 LEU A O   1 
ATOM   1225 C  CB  . LEU A 1 153 ? 4.440   -20.159 -8.839  1.00 36.29 ? 153 LEU A CB  1 
ATOM   1226 C  CG  . LEU A 1 153 ? 4.323   -20.689 -10.289 1.00 37.25 ? 153 LEU A CG  1 
ATOM   1227 C  CD1 . LEU A 1 153 ? 3.045   -21.587 -10.520 1.00 38.20 ? 153 LEU A CD1 1 
ATOM   1228 C  CD2 . LEU A 1 153 ? 4.452   -19.567 -11.342 1.00 32.71 ? 153 LEU A CD2 1 
HETATM 1229 CL CL  . CL  B 2 .   ? 2.092   -6.626  7.061   1.00 57.89 ? 163 CL  A CL  1 
HETATM 1230 CL CL  . CL  C 2 .   ? -6.973  22.045  -3.853  0.50 47.68 ? 164 CL  A CL  1 
HETATM 1231 CL CL  . CL  D 2 .   ? -17.339 -3.650  5.480   1.00 68.51 ? 165 CL  A CL  1 
HETATM 1232 CL CL  . CL  E 2 .   ? -12.050 -8.615  8.637   0.50 61.05 ? 166 CL  A CL  1 
HETATM 1233 CA CA  . CA  F 3 .   ? 18.578  6.878   -10.630 1.00 81.39 ? 167 CA  A CA  1 
HETATM 1234 CL CL  . CL  G 2 .   ? 18.969  4.115   -11.688 1.00 49.01 ? 168 CL  A CL  1 
HETATM 1235 C  C   . ACT H 4 .   ? 21.976  9.827   -7.417  1.00 86.29 ? 169 ACT A C   1 
HETATM 1236 O  O   . ACT H 4 .   ? 23.194  9.563   -7.229  1.00 85.95 ? 169 ACT A O   1 
HETATM 1237 O  OXT . ACT H 4 .   ? 21.339  10.142  -6.387  1.00 86.22 ? 169 ACT A OXT 1 
HETATM 1238 C  CH3 . ACT H 4 .   ? 21.309  9.771   -8.770  1.00 85.45 ? 169 ACT A CH3 1 
HETATM 1239 O  O   . HOH I 5 .   ? -6.239  13.892  -6.524  1.00 21.24 ? 170 HOH A O   1 
HETATM 1240 O  O   . HOH I 5 .   ? -0.880  19.197  5.887   1.00 24.75 ? 171 HOH A O   1 
HETATM 1241 O  O   . HOH I 5 .   ? -6.592  10.343  -1.941  1.00 34.94 ? 172 HOH A O   1 
HETATM 1242 O  O   . HOH I 5 .   ? 2.095   26.009  4.504   1.00 30.63 ? 173 HOH A O   1 
HETATM 1243 O  O   . HOH I 5 .   ? -10.669 11.016  -7.690  1.00 30.23 ? 174 HOH A O   1 
HETATM 1244 O  O   . HOH I 5 .   ? -2.446  -0.734  -4.288  1.00 32.20 ? 175 HOH A O   1 
HETATM 1245 O  O   . HOH I 5 .   ? -8.443  -29.246 1.264   1.00 3.86  ? 176 HOH A O   1 
HETATM 1246 O  O   . HOH I 5 .   ? 0.028   -13.644 -8.616  1.00 17.58 ? 177 HOH A O   1 
HETATM 1247 O  O   . HOH I 5 .   ? 12.810  15.425  -8.627  0.50 14.86 ? 178 HOH A O   1 
HETATM 1248 O  O   . HOH I 5 .   ? -9.033  -3.246  -2.392  1.00 18.20 ? 179 HOH A O   1 
HETATM 1249 O  O   . HOH I 5 .   ? -6.311  0.268   5.832   1.00 22.43 ? 180 HOH A O   1 
HETATM 1250 O  O   . HOH I 5 .   ? -7.877  3.053   4.560   1.00 25.05 ? 181 HOH A O   1 
HETATM 1251 O  O   . HOH I 5 .   ? -14.573 -13.168 3.854   1.00 30.36 ? 182 HOH A O   1 
HETATM 1252 O  O   . HOH I 5 .   ? -10.982 1.414   -7.992  1.00 27.90 ? 183 HOH A O   1 
HETATM 1253 O  O   . HOH I 5 .   ? -9.198  20.755  4.906   1.00 25.50 ? 184 HOH A O   1 
HETATM 1254 O  O   . HOH I 5 .   ? -6.112  7.279   -1.810  1.00 24.83 ? 185 HOH A O   1 
HETATM 1255 O  O   . HOH I 5 .   ? 12.751  19.629  -8.945  1.00 44.48 ? 186 HOH A O   1 
HETATM 1256 O  O   . HOH I 5 .   ? -9.621  -0.505  -2.714  1.00 29.73 ? 187 HOH A O   1 
HETATM 1257 O  O   . HOH I 5 .   ? -8.985  9.818   -3.757  1.00 39.69 ? 188 HOH A O   1 
HETATM 1258 O  O   . HOH I 5 .   ? 7.084   15.352  -11.080 1.00 26.17 ? 189 HOH A O   1 
HETATM 1259 O  O   . HOH I 5 .   ? -12.536 -17.219 -5.884  1.00 33.95 ? 190 HOH A O   1 
HETATM 1260 O  O   . HOH I 5 .   ? -9.267  -10.931 -5.739  1.00 33.40 ? 191 HOH A O   1 
HETATM 1261 O  O   . HOH I 5 .   ? -5.541  22.632  4.027   1.00 29.56 ? 192 HOH A O   1 
HETATM 1262 O  O   . HOH I 5 .   ? -5.538  24.956  -0.733  1.00 32.29 ? 193 HOH A O   1 
HETATM 1263 O  O   . HOH I 5 .   ? -10.711 16.056  0.878   1.00 27.35 ? 194 HOH A O   1 
HETATM 1264 O  O   . HOH I 5 .   ? -10.915 2.509   -4.693  1.00 36.50 ? 195 HOH A O   1 
HETATM 1265 O  O   . HOH I 5 .   ? -12.531 5.477   -9.066  1.00 44.22 ? 196 HOH A O   1 
HETATM 1266 O  O   . HOH I 5 .   ? -3.115  -11.898 -15.085 1.00 32.86 ? 197 HOH A O   1 
HETATM 1267 O  O   . HOH I 5 .   ? -11.426 9.963   -4.696  1.00 36.13 ? 198 HOH A O   1 
HETATM 1268 O  O   . HOH I 5 .   ? 8.660   10.143  -11.309 1.00 26.73 ? 199 HOH A O   1 
HETATM 1269 O  O   . HOH I 5 .   ? -3.175  23.343  5.391   1.00 28.34 ? 200 HOH A O   1 
HETATM 1270 O  O   . HOH I 5 .   ? -3.927  27.024  -1.618  1.00 25.51 ? 201 HOH A O   1 
HETATM 1271 O  O   . HOH I 5 .   ? 5.897   9.395   -11.944 0.50 28.19 ? 202 HOH A O   1 
HETATM 1272 O  O   . HOH I 5 .   ? 4.481   11.513  -10.993 1.00 21.33 ? 203 HOH A O   1 
HETATM 1273 O  O   . HOH I 5 .   ? -2.652  21.019  7.025   1.00 26.37 ? 204 HOH A O   1 
HETATM 1274 O  O   . HOH I 5 .   ? -13.429 -15.261 5.751   1.00 32.61 ? 205 HOH A O   1 
HETATM 1275 O  O   . HOH I 5 .   ? -11.519 -16.067 6.988   1.00 2.00  ? 206 HOH A O   1 
HETATM 1276 O  O   . HOH I 5 .   ? -10.857 -5.200  -2.671  1.00 28.05 ? 207 HOH A O   1 
HETATM 1277 O  O   . HOH I 5 .   ? -11.006 -2.241  -8.712  1.00 27.47 ? 208 HOH A O   1 
HETATM 1278 O  O   . HOH I 5 .   ? -11.190 -2.701  -6.150  1.00 35.18 ? 209 HOH A O   1 
HETATM 1279 O  O   . HOH I 5 .   ? -10.400 4.926   -3.035  1.00 32.05 ? 210 HOH A O   1 
HETATM 1280 O  O   . HOH I 5 .   ? -8.517  5.117   -1.430  1.00 41.48 ? 211 HOH A O   1 
HETATM 1281 O  O   . HOH I 5 .   ? -8.767  3.486   0.948   1.00 25.80 ? 212 HOH A O   1 
HETATM 1282 O  O   . HOH I 5 .   ? -6.281  2.982   1.340   1.00 32.37 ? 213 HOH A O   1 
HETATM 1283 O  O   . HOH I 5 .   ? 6.127   13.366  -9.527  1.00 22.85 ? 214 HOH A O   1 
HETATM 1284 O  O   . HOH I 5 .   ? 3.380   12.102  -13.291 1.00 19.50 ? 215 HOH A O   1 
HETATM 1285 O  O   . HOH I 5 .   ? 2.282   14.483  -14.681 1.00 25.05 ? 216 HOH A O   1 
HETATM 1286 O  O   . HOH I 5 .   ? 13.350  1.875   -14.864 1.00 16.78 ? 217 HOH A O   1 
HETATM 1287 O  O   . HOH I 5 .   ? -1.872  -21.786 -8.432  1.00 36.53 ? 218 HOH A O   1 
HETATM 1288 O  O   . HOH I 5 .   ? -1.474  -26.638 -7.492  0.50 13.04 ? 219 HOH A O   1 
HETATM 1289 O  O   . HOH I 5 .   ? -3.703  -27.350 -7.746  0.50 16.41 ? 220 HOH A O   1 
HETATM 1290 O  O   . HOH I 5 .   ? 8.113   -16.950 -1.399  1.00 55.19 ? 221 HOH A O   1 
HETATM 1291 O  O   . HOH I 5 .   ? -17.155 -6.984  9.531   1.00 25.65 ? 222 HOH A O   1 
HETATM 1292 O  O   . HOH I 5 .   ? -14.412 -12.646 8.718   1.00 56.13 ? 223 HOH A O   1 
HETATM 1293 O  O   . HOH I 5 .   ? -16.906 -17.501 10.809  1.00 45.30 ? 224 HOH A O   1 
HETATM 1294 O  O   . HOH I 5 .   ? -8.974  -19.020 9.669   1.00 25.54 ? 225 HOH A O   1 
HETATM 1295 O  O   . HOH I 5 .   ? -12.752 12.965  -5.185  1.00 37.52 ? 226 HOH A O   1 
HETATM 1296 O  O   . HOH I 5 .   ? 20.274  14.919  -1.136  1.00 22.26 ? 227 HOH A O   1 
HETATM 1297 O  O   . HOH I 5 .   ? 16.902  3.385   0.693   1.00 35.85 ? 228 HOH A O   1 
HETATM 1298 O  O   . HOH I 5 .   ? 9.556   12.038  10.023  1.00 35.22 ? 229 HOH A O   1 
HETATM 1299 O  O   . HOH I 5 .   ? 7.238   12.708  10.787  1.00 54.82 ? 230 HOH A O   1 
HETATM 1300 O  O   . HOH I 5 .   ? 4.785   13.004  11.064  1.00 38.91 ? 231 HOH A O   1 
HETATM 1301 O  O   . HOH I 5 .   ? 6.505   16.728  11.017  1.00 25.50 ? 232 HOH A O   1 
HETATM 1302 O  O   . HOH I 5 .   ? -0.925  6.655   6.626   1.00 20.11 ? 233 HOH A O   1 
HETATM 1303 O  O   . HOH I 5 .   ? 1.332   5.760   7.839   1.00 24.51 ? 234 HOH A O   1 
HETATM 1304 O  O   . HOH I 5 .   ? 17.489  5.728   -8.835  1.00 30.66 ? 235 HOH A O   1 
HETATM 1305 O  O   . HOH I 5 .   ? -4.143  -12.197 -12.182 1.00 27.98 ? 236 HOH A O   1 
HETATM 1306 O  O   . HOH I 5 .   ? -6.347  -11.988 -10.484 1.00 28.72 ? 237 HOH A O   1 
HETATM 1307 O  O   . HOH I 5 .   ? 3.845   -17.555 -5.417  1.00 22.76 ? 238 HOH A O   1 
HETATM 1308 O  O   . HOH I 5 .   ? 18.138  9.331   -9.784  1.00 24.61 ? 239 HOH A O   1 
HETATM 1309 O  O   . HOH I 5 .   ? -16.302 -29.326 7.651   1.00 11.23 ? 240 HOH A O   1 
HETATM 1310 O  O   . HOH I 5 .   ? -18.554 -28.205 6.442   1.00 11.41 ? 241 HOH A O   1 
HETATM 1311 O  O   . HOH I 5 .   ? -19.874 -25.094 9.299   1.00 27.43 ? 242 HOH A O   1 
HETATM 1312 O  O   . HOH I 5 .   ? 4.218   -12.001 4.844   1.00 8.87  ? 243 HOH A O   1 
HETATM 1313 O  O   . HOH I 5 .   ? 5.579   -14.236 7.925   1.00 7.24  ? 244 HOH A O   1 
HETATM 1314 O  O   . HOH I 5 .   ? -2.242  -26.001 0.100   1.00 35.73 ? 245 HOH A O   1 
HETATM 1315 O  O   . HOH I 5 .   ? -16.010 -5.984  2.963   1.00 30.17 ? 246 HOH A O   1 
HETATM 1316 O  O   . HOH I 5 .   ? -8.615  15.003  -6.325  1.00 37.54 ? 247 HOH A O   1 
HETATM 1317 O  O   . HOH I 5 .   ? 26.866  13.817  -5.435  1.00 20.90 ? 248 HOH A O   1 
HETATM 1318 O  O   . HOH I 5 .   ? 17.266  5.308   -5.992  1.00 20.73 ? 249 HOH A O   1 
HETATM 1319 O  O   . HOH I 5 .   ? 12.365  7.233   -15.182 1.00 23.74 ? 250 HOH A O   1 
HETATM 1320 O  O   . HOH I 5 .   ? 20.566  7.076   -9.151  1.00 31.81 ? 251 HOH A O   1 
HETATM 1321 O  O   . HOH I 5 .   ? -7.738  24.630  -2.541  1.00 27.37 ? 252 HOH A O   1 
HETATM 1322 O  O   . HOH I 5 .   ? 25.966  10.874  6.467   1.00 18.79 ? 253 HOH A O   1 
HETATM 1323 O  O   . HOH I 5 .   ? -12.676 -1.279  -5.286  1.00 50.00 ? 254 HOH A O   1 
HETATM 1324 O  O   . HOH I 5 .   ? -9.975  -4.927  -8.313  1.00 45.90 ? 255 HOH A O   1 
HETATM 1325 O  O   . HOH I 5 .   ? -12.815 5.270   -2.801  1.00 44.49 ? 256 HOH A O   1 
HETATM 1326 O  O   . HOH I 5 .   ? -6.880  11.316  -6.429  1.00 40.28 ? 257 HOH A O   1 
HETATM 1327 O  O   . HOH I 5 .   ? 12.244  14.872  -10.278 0.50 16.28 ? 258 HOH A O   1 
HETATM 1328 O  O   . HOH I 5 .   ? 18.430  5.911   -3.079  1.00 26.45 ? 259 HOH A O   1 
HETATM 1329 O  O   . HOH I 5 .   ? -10.388 21.296  1.288   1.00 35.71 ? 260 HOH A O   1 
HETATM 1330 O  O   . HOH I 5 .   ? -9.134  23.844  -0.471  1.00 30.43 ? 261 HOH A O   1 
HETATM 1331 O  O   . HOH I 5 .   ? -13.101 15.205  0.868   1.00 50.12 ? 262 HOH A O   1 
HETATM 1332 O  O   . HOH I 5 .   ? -5.300  20.751  7.839   1.00 32.21 ? 263 HOH A O   1 
HETATM 1333 O  O   . HOH I 5 .   ? -0.056  -19.535 -11.781 1.00 34.14 ? 264 HOH A O   1 
HETATM 1334 O  O   . HOH I 5 .   ? 5.875   -23.553 -9.602  1.00 29.43 ? 265 HOH A O   1 
HETATM 1335 O  O   . HOH I 5 .   ? -16.899 -11.230 9.977   1.00 36.98 ? 266 HOH A O   1 
HETATM 1336 O  O   . HOH I 5 .   ? 19.102  6.082   -7.338  1.00 23.01 ? 267 HOH A O   1 
HETATM 1337 O  O   . HOH I 5 .   ? -3.540  -23.120 2.405   1.00 36.23 ? 268 HOH A O   1 
HETATM 1338 O  O   . HOH I 5 .   ? -7.455  -20.882 -8.536  1.00 36.64 ? 269 HOH A O   1 
HETATM 1339 O  O   . HOH I 5 .   ? -0.386  26.964  1.961   1.00 42.70 ? 270 HOH A O   1 
HETATM 1340 O  O   . HOH I 5 .   ? -15.754 -6.063  0.157   1.00 39.67 ? 271 HOH A O   1 
HETATM 1341 O  O   . HOH I 5 .   ? -13.176 13.226  -12.095 1.00 41.42 ? 272 HOH A O   1 
HETATM 1342 O  O   . HOH I 5 .   ? -18.396 -19.791 9.926   1.00 36.22 ? 273 HOH A O   1 
HETATM 1343 O  O   . HOH I 5 .   ? 1.137   -13.118 8.805   1.00 72.63 ? 274 HOH A O   1 
HETATM 1344 O  O   . HOH I 5 .   ? 17.914  2.790   -6.088  1.00 32.46 ? 275 HOH A O   1 
HETATM 1345 O  O   . HOH I 5 .   ? 19.234  3.578   -8.340  1.00 22.86 ? 276 HOH A O   1 
HETATM 1346 O  O   . HOH I 5 .   ? 2.423   6.595   9.979   1.00 40.97 ? 277 HOH A O   1 
HETATM 1347 O  O   . HOH I 5 .   ? -14.994 16.577  -1.132  1.00 34.30 ? 278 HOH A O   1 
HETATM 1348 O  O   . HOH I 5 .   ? 26.166  10.429  3.824   1.00 21.00 ? 279 HOH A O   1 
HETATM 1349 O  O   . HOH I 5 .   ? 4.139   22.929  7.655   1.00 28.62 ? 280 HOH A O   1 
HETATM 1350 O  O   . HOH I 5 .   ? 10.330  23.876  5.911   1.00 29.67 ? 281 HOH A O   1 
HETATM 1351 O  O   . HOH I 5 .   ? -13.071 7.845   -10.481 1.00 35.95 ? 282 HOH A O   1 
HETATM 1352 O  O   . HOH I 5 .   ? -11.523 -1.053  -11.188 1.00 38.35 ? 283 HOH A O   1 
HETATM 1353 O  O   . HOH I 5 .   ? -12.154 -8.034  -8.133  1.00 40.84 ? 284 HOH A O   1 
HETATM 1354 O  O   . HOH I 5 .   ? 19.432  1.816   -0.372  1.00 36.82 ? 285 HOH A O   1 
HETATM 1355 O  O   . HOH I 5 .   ? -11.696 24.109  0.352   0.50 33.35 ? 286 HOH A O   1 
# 
